data_7E4R
#
_entry.id   7E4R
#
_cell.length_a   104.982
_cell.length_b   157.229
_cell.length_c   182.574
_cell.angle_alpha   90.000
_cell.angle_beta   90.000
_cell.angle_gamma   90.000
#
_symmetry.space_group_name_H-M   'P 21 21 21'
#
loop_
_entity.id
_entity.type
_entity.pdbx_description
1 polymer 'Tubulin alpha-1B chain'
2 polymer 'Tubulin beta-2B chain'
3 polymer Stathmin-4
4 polymer 'Tubulin tyrosine ligase'
5 non-polymer "GUANOSINE-5'-TRIPHOSPHATE"
6 non-polymer 'MAGNESIUM ION'
7 non-polymer 'CALCIUM ION'
8 non-polymer "GUANOSINE-5'-DIPHOSPHATE"
9 non-polymer '2-(N-MORPHOLINO)-ETHANESULFONIC ACID'
10 non-polymer '(10E,12E)-86-chloro-14-hydroxy-85,14-dimethoxy-33,2,7,10-tetramethyl-12,6-dioxo-7-aza-1(6,4)-oxazinana-3(2,3)-oxirana-8(1,3)-benzenacyclotetradecaphane-10,12-dien-4-yl N-methyl-N-(3-(methylsulfinothioyl)propanoyl)-D-alaninate'
11 non-polymer 'PHOSPHOMETHYLPHOSPHONIC ACID ADENYLATE ESTER'
12 water water
#
loop_
_entity_poly.entity_id
_entity_poly.type
_entity_poly.pdbx_seq_one_letter_code
_entity_poly.pdbx_strand_id
1 'polypeptide(L)'
;MRECISIHVGQAGVQIGNACWELYCLEHGIQPDGQMPSDKTIGGGDDSFNTFFSETGAGKHVPRAVFVDLEPTVIDEVRT
GTYRQLFHPEQLITGKEDAANNYARGHYTIGKEIIDLVLDRIRKLADQCTGLQGFLVFHSFGGGTGSGFTSLLMERLSVD
YGKKSKLEFSIYPAPQVSTAVVEPYNSILTTHTTLEHSDCAFMVDNEAIYDICRRNLDIERPTYTNLNRLISQIVSSITA
SLRFDGALNVDLTEFQTNLVPYPRIHFPLATYAPVISAEKAYHEQLSVAEITNACFEPANQMVKCDPRHGKYMACCLLYR
GDVVPKDVNAAIATIKTKRSIQFVDWCPTGFKVGINYQPPTVVPGGDLAKVQRAVCMLSNTTAIAEAWARLDHKFDLMYA
KRAFVHWYVGEGMEEGEFSEAREDMAALEKDYEEVGVDSV
;
A,C
2 'polypeptide(L)'
;MREIVHIQAGQCGNQIGAKFWEVISDEHGIDPTGSYHGDSDLQLERINVYYNEATGNKYVPRAILVDLEPGTMDSVRSGP
FGQIFRPDNFVFGQSGAGNNWAKGHYTEGAELVDSVLDVVRKESESCDCLQGFQLTHSLGGGTGSGMGTLLISKIREEYP
DRIMNTFSVMPSPKVSDTVVEPYNATLSVHQLVENTDETYCIDNEALYDICFRTLKLTTPTYGDLNHLVSATMSGVTTCL
RFPGQLNADLRKLAVNMVPFPRLHFFMPGFAPLTSRGSQQYRALTVPELTQQMFDSKNMMAACDPRHGRYLTVAAIFRGR
MSMKEVDEQMLNVQNKNSSYFVEWIPNNVKTAVCDIPPRGLKMSATFIGNSTAIQELFKRISEQFTAMFRRKAFLHWYTG
EGMDEMEFTEAESNMNDLVSEYQQYQDATAD
;
B,D
3 'polypeptide(L)'
;MEVIELNKCTSGQSFEVILKPPSFDGVPEFNASLPRRRDPSLEEIQKKLEAAEERRKYQEAELLKHLAEKREHEREVIQK
AIEENNNFIKMAKEKLAQKMESNKENREAHLAAMLERLQEKDKHAEEVRKNKELKEEA
;
E
4 'polypeptide(L)'
;MYTFVVRDENSSVYAEVSRLLLATGQWKRLRKDNPRFNLMLGERNRLPFGRLGHEPGLVQLVNYYRGADKLCRKASLVKL
IKTSPELSESCTWFPESYVIYPTNLKTPVAPAQNGIRHLINNTRTDEREVFLAAYNRRREGREGNVWIAKSSAGAKGEGI
LISSEASELLDFIDEQGQVHVIQKYLEKPLLLEPGHRKFDIRSWVLVDHLYNIYLYREGVLRTSSEPYNSANFQDKTCHL
TNHCIQKEYSKNYGRYEEGNEMFFEEFNQYLMDALNTTLENSILLQIKHIIRSCLMCIEPAISTKHLHYQSFQLFGFDFM
VDEELKVWLIEVNGAPACAQKLYAELCQGIVDVAISSVFPLADTGQKTSQPTSIFIKLHH
;
F
#
# COMPACT_ATOMS: atom_id res chain seq x y z
N MET A 1 -9.42 -40.98 -60.70
CA MET A 1 -9.34 -40.68 -59.25
C MET A 1 -8.57 -39.39 -59.01
N ARG A 2 -9.16 -38.51 -58.18
CA ARG A 2 -8.53 -37.27 -57.80
C ARG A 2 -8.43 -37.18 -56.28
N GLU A 3 -7.27 -36.78 -55.78
CA GLU A 3 -6.98 -36.83 -54.35
C GLU A 3 -7.52 -35.61 -53.58
N CYS A 4 -7.69 -35.79 -52.27
CA CYS A 4 -8.11 -34.72 -51.37
C CYS A 4 -7.24 -34.68 -50.13
N ILE A 5 -6.69 -33.50 -49.82
CA ILE A 5 -5.84 -33.33 -48.65
C ILE A 5 -6.62 -32.67 -47.51
N SER A 6 -6.51 -33.22 -46.31
CA SER A 6 -7.22 -32.70 -45.14
C SER A 6 -6.29 -31.99 -44.17
N ILE A 7 -6.54 -30.70 -43.96
CA ILE A 7 -5.72 -29.88 -43.06
C ILE A 7 -6.45 -29.65 -41.74
N HIS A 8 -5.79 -30.00 -40.64
CA HIS A 8 -6.36 -29.84 -39.30
C HIS A 8 -5.59 -28.79 -38.50
N VAL A 9 -6.25 -27.67 -38.24
CA VAL A 9 -5.62 -26.52 -37.59
C VAL A 9 -6.17 -26.29 -36.19
N GLY A 10 -5.27 -26.17 -35.22
CA GLY A 10 -5.66 -25.87 -33.85
C GLY A 10 -6.13 -27.10 -33.09
N GLN A 11 -6.41 -26.92 -31.80
CA GLN A 11 -6.86 -28.00 -30.95
C GLN A 11 -8.14 -28.64 -31.48
N ALA A 12 -9.14 -27.82 -31.74
CA ALA A 12 -10.43 -28.29 -32.23
C ALA A 12 -10.28 -29.04 -33.55
N GLY A 13 -9.50 -28.47 -34.46
CA GLY A 13 -9.29 -29.07 -35.76
C GLY A 13 -8.58 -30.41 -35.67
N VAL A 14 -7.56 -30.48 -34.82
CA VAL A 14 -6.78 -31.70 -34.63
C VAL A 14 -7.63 -32.81 -34.01
N GLN A 15 -8.30 -32.49 -32.91
CA GLN A 15 -9.05 -33.48 -32.15
C GLN A 15 -10.26 -33.98 -32.94
N ILE A 16 -10.85 -33.12 -33.76
CA ILE A 16 -11.94 -33.53 -34.64
C ILE A 16 -11.38 -34.38 -35.77
N GLY A 17 -10.19 -34.03 -36.23
CA GLY A 17 -9.51 -34.82 -37.24
C GLY A 17 -9.27 -36.23 -36.77
N ASN A 18 -8.85 -36.36 -35.51
CA ASN A 18 -8.65 -37.66 -34.89
C ASN A 18 -9.92 -38.49 -34.88
N ALA A 19 -11.05 -37.83 -34.68
CA ALA A 19 -12.34 -38.51 -34.63
C ALA A 19 -12.77 -38.97 -36.01
N CYS A 20 -12.52 -38.14 -37.02
CA CYS A 20 -12.92 -38.44 -38.39
C CYS A 20 -12.09 -39.56 -38.99
N TRP A 21 -10.77 -39.43 -38.92
CA TRP A 21 -9.88 -40.42 -39.50
C TRP A 21 -10.00 -41.76 -38.75
N GLU A 22 -10.31 -41.70 -37.47
CA GLU A 22 -10.62 -42.91 -36.71
C GLU A 22 -11.83 -43.59 -37.34
N LEU A 23 -12.84 -42.80 -37.66
CA LEU A 23 -14.08 -43.30 -38.21
C LEU A 23 -13.88 -43.79 -39.64
N TYR A 24 -13.07 -43.07 -40.41
CA TYR A 24 -12.76 -43.45 -41.78
C TYR A 24 -12.12 -44.84 -41.81
N CYS A 25 -11.16 -45.07 -40.92
CA CYS A 25 -10.44 -46.32 -40.86
C CYS A 25 -11.36 -47.51 -40.58
N LEU A 26 -12.40 -47.29 -39.78
CA LEU A 26 -13.35 -48.33 -39.44
C LEU A 26 -14.35 -48.56 -40.57
N GLU A 27 -14.63 -47.53 -41.34
CA GLU A 27 -15.56 -47.62 -42.45
C GLU A 27 -14.93 -48.35 -43.63
N HIS A 28 -13.63 -48.16 -43.82
CA HIS A 28 -12.91 -48.78 -44.93
C HIS A 28 -12.21 -50.07 -44.51
N GLY A 29 -12.26 -50.37 -43.21
CA GLY A 29 -11.65 -51.58 -42.70
C GLY A 29 -10.14 -51.46 -42.54
N ILE A 30 -9.65 -50.23 -42.49
CA ILE A 30 -8.22 -49.98 -42.30
C ILE A 30 -7.89 -50.11 -40.82
N GLN A 31 -6.84 -50.88 -40.53
CA GLN A 31 -6.44 -51.14 -39.15
C GLN A 31 -5.55 -50.01 -38.62
N PRO A 32 -5.39 -49.92 -37.29
CA PRO A 32 -4.58 -48.86 -36.67
C PRO A 32 -3.15 -48.79 -37.20
N ASP A 33 -2.60 -49.92 -37.62
CA ASP A 33 -1.24 -49.95 -38.17
C ASP A 33 -1.21 -49.52 -39.64
N GLY A 34 -2.38 -49.27 -40.20
CA GLY A 34 -2.49 -48.76 -41.56
C GLY A 34 -2.75 -49.84 -42.59
N GLN A 35 -2.71 -51.10 -42.16
CA GLN A 35 -2.92 -52.22 -43.07
C GLN A 35 -4.40 -52.39 -43.41
N MET A 36 -4.67 -52.56 -44.71
CA MET A 36 -6.03 -52.71 -45.21
C MET A 36 -6.14 -54.01 -46.02
N PRO A 37 -6.49 -55.12 -45.34
CA PRO A 37 -6.53 -56.45 -45.96
C PRO A 37 -7.37 -56.53 -47.23
N SER A 38 -8.42 -55.72 -47.32
CA SER A 38 -9.35 -55.79 -48.45
C SER A 38 -8.74 -55.20 -49.72
N ASP A 39 -7.81 -54.27 -49.57
CA ASP A 39 -7.13 -53.67 -50.71
C ASP A 39 -6.17 -54.67 -51.32
N LYS A 40 -6.46 -55.11 -52.54
CA LYS A 40 -5.68 -56.15 -53.20
C LYS A 40 -4.63 -55.57 -54.14
N THR A 41 -4.76 -54.29 -54.48
CA THR A 41 -3.73 -53.60 -55.22
C THR A 41 -2.68 -53.07 -54.24
N ILE A 42 -1.66 -53.89 -53.98
CA ILE A 42 -0.61 -53.54 -53.03
C ILE A 42 0.28 -52.44 -53.61
N GLY A 43 0.62 -51.47 -52.76
CA GLY A 43 1.59 -50.45 -53.13
C GLY A 43 1.02 -49.27 -53.90
N GLY A 44 -0.28 -49.30 -54.17
CA GLY A 44 -0.92 -48.21 -54.88
C GLY A 44 -2.28 -48.58 -55.46
N GLY A 45 -2.81 -47.68 -56.29
CA GLY A 45 -4.12 -47.88 -56.90
C GLY A 45 -4.82 -46.55 -57.12
N ASP A 46 -6.05 -46.62 -57.61
CA ASP A 46 -6.85 -45.42 -57.85
C ASP A 46 -8.32 -45.67 -57.53
N ASP A 47 -8.57 -46.38 -56.43
CA ASP A 47 -9.93 -46.62 -55.96
C ASP A 47 -10.52 -45.34 -55.37
N SER A 48 -11.74 -45.42 -54.87
CA SER A 48 -12.42 -44.26 -54.33
C SER A 48 -11.86 -43.85 -52.96
N PHE A 49 -11.40 -44.83 -52.18
CA PHE A 49 -10.86 -44.54 -50.86
C PHE A 49 -9.47 -43.91 -50.97
N ASN A 50 -8.83 -44.11 -52.11
CA ASN A 50 -7.50 -43.54 -52.34
C ASN A 50 -7.53 -42.01 -52.38
N THR A 51 -8.74 -41.45 -52.46
CA THR A 51 -8.92 -40.01 -52.41
C THR A 51 -8.41 -39.45 -51.08
N PHE A 52 -8.53 -40.26 -50.03
CA PHE A 52 -8.17 -39.85 -48.67
C PHE A 52 -6.94 -40.59 -48.15
N PHE A 53 -6.54 -41.65 -48.84
CA PHE A 53 -5.39 -42.45 -48.43
C PHE A 53 -4.42 -42.72 -49.58
N SER A 54 -3.14 -42.47 -49.33
CA SER A 54 -2.09 -42.90 -50.24
C SER A 54 -1.62 -44.28 -49.80
N GLU A 55 -0.64 -44.83 -50.50
CA GLU A 55 -0.17 -46.19 -50.20
C GLU A 55 1.34 -46.34 -50.36
N THR A 56 1.94 -47.08 -49.44
CA THR A 56 3.36 -47.41 -49.51
C THR A 56 3.54 -48.84 -49.99
N GLY A 57 4.72 -49.15 -50.51
CA GLY A 57 5.03 -50.47 -50.99
C GLY A 57 4.88 -51.52 -49.91
N ALA A 58 5.04 -51.10 -48.65
CA ALA A 58 4.92 -52.00 -47.51
C ALA A 58 3.46 -52.38 -47.27
N GLY A 59 2.54 -51.67 -47.91
CA GLY A 59 1.12 -51.96 -47.81
C GLY A 59 0.40 -51.07 -46.82
N LYS A 60 1.11 -50.10 -46.25
CA LYS A 60 0.49 -49.15 -45.33
C LYS A 60 -0.32 -48.11 -46.09
N HIS A 61 -1.51 -47.82 -45.59
CA HIS A 61 -2.38 -46.79 -46.16
C HIS A 61 -2.42 -45.58 -45.25
N VAL A 62 -1.73 -44.52 -45.64
CA VAL A 62 -1.60 -43.32 -44.80
C VAL A 62 -2.57 -42.23 -45.25
N PRO A 63 -3.22 -41.55 -44.28
CA PRO A 63 -4.08 -40.40 -44.60
C PRO A 63 -3.36 -39.28 -45.34
N ARG A 64 -4.03 -38.70 -46.33
CA ARG A 64 -3.53 -37.48 -46.98
C ARG A 64 -3.89 -36.30 -46.11
N ALA A 65 -3.24 -36.21 -44.94
CA ALA A 65 -3.60 -35.20 -43.95
C ALA A 65 -2.38 -34.58 -43.30
N VAL A 66 -2.52 -33.30 -42.94
CA VAL A 66 -1.50 -32.58 -42.19
C VAL A 66 -2.13 -31.98 -40.93
N PHE A 67 -1.44 -32.15 -39.81
CA PHE A 67 -1.88 -31.61 -38.53
C PHE A 67 -0.94 -30.48 -38.10
N VAL A 68 -1.53 -29.32 -37.82
CA VAL A 68 -0.76 -28.15 -37.38
C VAL A 68 -1.39 -27.52 -36.16
N ASP A 69 -0.54 -27.20 -35.19
CA ASP A 69 -0.96 -26.54 -33.97
C ASP A 69 0.24 -25.79 -33.38
N LEU A 70 0.02 -24.56 -32.93
CA LEU A 70 1.11 -23.73 -32.44
C LEU A 70 1.56 -24.15 -31.04
N GLU A 71 1.00 -25.25 -30.54
CA GLU A 71 1.32 -25.76 -29.21
C GLU A 71 1.29 -27.29 -29.24
N PRO A 72 2.33 -27.94 -28.69
CA PRO A 72 2.54 -29.38 -28.95
C PRO A 72 1.64 -30.36 -28.18
N THR A 73 1.04 -29.95 -27.06
CA THR A 73 0.35 -30.90 -26.18
C THR A 73 -0.72 -31.72 -26.90
N VAL A 74 -1.45 -31.09 -27.81
CA VAL A 74 -2.56 -31.74 -28.49
C VAL A 74 -2.06 -32.76 -29.51
N ILE A 75 -1.21 -32.32 -30.43
CA ILE A 75 -0.69 -33.18 -31.48
C ILE A 75 0.23 -34.26 -30.91
N ASP A 76 0.87 -33.97 -29.78
CA ASP A 76 1.72 -34.96 -29.12
C ASP A 76 0.92 -36.21 -28.76
N GLU A 77 -0.36 -36.02 -28.45
CA GLU A 77 -1.23 -37.13 -28.13
C GLU A 77 -1.59 -37.94 -29.37
N VAL A 78 -1.34 -37.35 -30.55
CA VAL A 78 -1.48 -38.07 -31.81
C VAL A 78 -0.22 -38.86 -32.08
N ARG A 79 0.92 -38.25 -31.79
CA ARG A 79 2.22 -38.89 -31.99
C ARG A 79 2.35 -40.15 -31.13
N THR A 80 1.64 -40.16 -30.00
CA THR A 80 1.67 -41.29 -29.07
C THR A 80 0.31 -41.97 -28.98
N GLY A 81 -0.61 -41.57 -29.85
CA GLY A 81 -1.95 -42.11 -29.84
C GLY A 81 -2.02 -43.52 -30.38
N THR A 82 -3.24 -44.07 -30.43
CA THR A 82 -3.45 -45.43 -30.92
C THR A 82 -3.22 -45.53 -32.42
N TYR A 83 -3.28 -44.39 -33.10
CA TYR A 83 -3.06 -44.33 -34.55
C TYR A 83 -1.73 -43.63 -34.86
N ARG A 84 -0.75 -43.83 -33.97
CA ARG A 84 0.56 -43.20 -34.13
C ARG A 84 1.29 -43.72 -35.37
N GLN A 85 1.03 -44.99 -35.71
CA GLN A 85 1.70 -45.62 -36.85
C GLN A 85 1.02 -45.23 -38.16
N LEU A 86 -0.19 -44.67 -38.07
CA LEU A 86 -0.97 -44.35 -39.26
C LEU A 86 -0.36 -43.18 -40.03
N PHE A 87 0.11 -42.18 -39.30
CA PHE A 87 0.74 -41.01 -39.91
C PHE A 87 2.26 -41.12 -39.83
N HIS A 88 2.96 -40.11 -40.36
CA HIS A 88 4.41 -40.02 -40.21
C HIS A 88 4.78 -38.59 -39.80
N PRO A 89 5.88 -38.44 -39.02
CA PRO A 89 6.32 -37.18 -38.42
C PRO A 89 6.12 -35.92 -39.26
N GLU A 90 6.37 -36.01 -40.57
CA GLU A 90 6.29 -34.83 -41.43
C GLU A 90 4.85 -34.34 -41.61
N GLN A 91 3.89 -35.14 -41.16
CA GLN A 91 2.47 -34.76 -41.24
C GLN A 91 2.03 -34.01 -39.98
N LEU A 92 2.81 -34.14 -38.91
CA LEU A 92 2.46 -33.55 -37.63
C LEU A 92 3.40 -32.40 -37.28
N ILE A 93 2.88 -31.18 -37.38
CA ILE A 93 3.66 -29.97 -37.14
C ILE A 93 3.23 -29.31 -35.83
N THR A 94 4.21 -28.95 -35.00
CA THR A 94 3.93 -28.31 -33.72
C THR A 94 4.89 -27.16 -33.43
N GLY A 95 4.34 -26.08 -32.87
CA GLY A 95 5.13 -24.93 -32.48
C GLY A 95 5.52 -25.00 -31.02
N LYS A 96 5.92 -23.85 -30.46
CA LYS A 96 6.33 -23.78 -29.06
C LYS A 96 5.22 -23.24 -28.17
N GLU A 97 4.81 -22.01 -28.44
CA GLU A 97 3.74 -21.36 -27.67
C GLU A 97 2.54 -21.06 -28.57
N ASP A 98 1.35 -21.21 -28.02
CA ASP A 98 0.12 -21.05 -28.79
C ASP A 98 -0.20 -19.58 -29.06
N ALA A 99 -1.34 -19.34 -29.71
CA ALA A 99 -1.75 -17.98 -30.06
C ALA A 99 -2.54 -17.33 -28.91
N ALA A 100 -2.65 -18.03 -27.79
CA ALA A 100 -3.28 -17.49 -26.59
C ALA A 100 -4.66 -16.89 -26.86
N ASN A 101 -5.48 -17.61 -27.62
CA ASN A 101 -6.83 -17.17 -27.95
C ASN A 101 -6.84 -15.81 -28.66
N ASN A 102 -5.73 -15.48 -29.30
CA ASN A 102 -5.57 -14.21 -30.00
C ASN A 102 -5.40 -14.43 -31.50
N TYR A 103 -6.34 -13.89 -32.28
CA TYR A 103 -6.28 -14.01 -33.74
C TYR A 103 -5.00 -13.39 -34.29
N ALA A 104 -4.70 -12.17 -33.85
CA ALA A 104 -3.54 -11.43 -34.34
C ALA A 104 -2.24 -12.16 -34.03
N ARG A 105 -2.22 -12.87 -32.90
CA ARG A 105 -1.03 -13.60 -32.49
C ARG A 105 -0.84 -14.85 -33.34
N GLY A 106 -1.95 -15.46 -33.75
CA GLY A 106 -1.91 -16.66 -34.56
C GLY A 106 -1.71 -16.35 -36.04
N HIS A 107 -2.19 -15.18 -36.46
CA HIS A 107 -2.10 -14.79 -37.86
C HIS A 107 -0.80 -14.08 -38.17
N TYR A 108 -0.55 -12.97 -37.48
CA TYR A 108 0.60 -12.11 -37.78
C TYR A 108 1.86 -12.55 -37.06
N THR A 109 1.83 -12.55 -35.73
CA THR A 109 3.02 -12.79 -34.92
C THR A 109 3.57 -14.20 -35.12
N ILE A 110 2.93 -15.19 -34.52
CA ILE A 110 3.42 -16.56 -34.55
C ILE A 110 3.11 -17.23 -35.89
N GLY A 111 2.10 -16.73 -36.58
CA GLY A 111 1.72 -17.27 -37.88
C GLY A 111 2.78 -17.08 -38.94
N LYS A 112 3.61 -16.05 -38.77
CA LYS A 112 4.61 -15.69 -39.77
C LYS A 112 5.82 -16.62 -39.76
N GLU A 113 6.11 -17.22 -38.61
CA GLU A 113 7.34 -17.99 -38.44
C GLU A 113 7.16 -19.49 -38.68
N ILE A 114 6.00 -19.87 -39.20
CA ILE A 114 5.72 -21.29 -39.46
C ILE A 114 4.93 -21.52 -40.75
N ILE A 115 4.43 -20.44 -41.35
CA ILE A 115 3.61 -20.56 -42.55
C ILE A 115 4.38 -21.20 -43.71
N ASP A 116 5.67 -20.89 -43.81
CA ASP A 116 6.50 -21.42 -44.88
C ASP A 116 6.74 -22.92 -44.69
N LEU A 117 6.88 -23.34 -43.44
CA LEU A 117 7.10 -24.74 -43.11
C LEU A 117 5.88 -25.58 -43.46
N VAL A 118 4.70 -25.11 -43.03
CA VAL A 118 3.46 -25.84 -43.25
C VAL A 118 3.19 -26.02 -44.74
N LEU A 119 3.37 -24.96 -45.52
CA LEU A 119 3.15 -25.01 -46.96
C LEU A 119 4.09 -26.01 -47.62
N ASP A 120 5.30 -26.12 -47.10
CA ASP A 120 6.29 -27.06 -47.63
C ASP A 120 5.86 -28.49 -47.32
N ARG A 121 5.33 -28.70 -46.11
CA ARG A 121 4.86 -30.02 -45.70
C ARG A 121 3.58 -30.39 -46.46
N ILE A 122 2.83 -29.38 -46.88
CA ILE A 122 1.63 -29.60 -47.69
C ILE A 122 2.04 -29.90 -49.12
N ARG A 123 3.06 -29.19 -49.60
CA ARG A 123 3.56 -29.37 -50.95
C ARG A 123 4.08 -30.80 -51.14
N LYS A 124 4.61 -31.38 -50.06
CA LYS A 124 5.13 -32.75 -50.13
C LYS A 124 4.00 -33.75 -50.34
N LEU A 125 2.81 -33.42 -49.86
CA LEU A 125 1.64 -34.26 -50.09
C LEU A 125 1.09 -34.04 -51.49
N ALA A 126 1.09 -32.78 -51.93
CA ALA A 126 0.59 -32.43 -53.24
C ALA A 126 1.43 -33.06 -54.36
N ASP A 127 2.72 -33.22 -54.10
CA ASP A 127 3.63 -33.82 -55.07
C ASP A 127 3.34 -35.32 -55.25
N GLN A 128 2.73 -35.92 -54.22
CA GLN A 128 2.40 -37.34 -54.26
C GLN A 128 1.04 -37.58 -54.91
N CYS A 129 0.41 -36.51 -55.40
CA CYS A 129 -0.90 -36.60 -56.02
C CYS A 129 -0.80 -36.55 -57.54
N THR A 130 -1.69 -37.28 -58.20
CA THR A 130 -1.75 -37.33 -59.65
C THR A 130 -2.75 -36.31 -60.17
N GLY A 131 -3.75 -36.00 -59.36
CA GLY A 131 -4.77 -35.02 -59.71
C GLY A 131 -5.41 -34.45 -58.45
N LEU A 132 -4.78 -33.43 -57.89
CA LEU A 132 -5.27 -32.81 -56.66
C LEU A 132 -6.56 -32.02 -56.91
N GLN A 133 -7.62 -32.38 -56.20
CA GLN A 133 -8.87 -31.61 -56.26
C GLN A 133 -8.72 -30.34 -55.45
N GLY A 134 -8.31 -30.50 -54.19
CA GLY A 134 -8.21 -29.39 -53.28
C GLY A 134 -8.10 -29.83 -51.82
N PHE A 135 -8.58 -28.98 -50.92
CA PHE A 135 -8.34 -29.17 -49.48
C PHE A 135 -9.61 -29.14 -48.63
N LEU A 136 -9.58 -29.88 -47.53
CA LEU A 136 -10.62 -29.84 -46.50
C LEU A 136 -10.01 -29.36 -45.19
N VAL A 137 -10.39 -28.14 -44.79
CA VAL A 137 -9.76 -27.49 -43.63
C VAL A 137 -10.65 -27.56 -42.39
N PHE A 138 -10.10 -28.14 -41.33
CA PHE A 138 -10.80 -28.26 -40.05
C PHE A 138 -10.20 -27.30 -39.03
N HIS A 139 -11.05 -26.49 -38.40
CA HIS A 139 -10.59 -25.49 -37.45
C HIS A 139 -11.73 -24.91 -36.62
N SER A 140 -11.37 -24.12 -35.61
CA SER A 140 -12.34 -23.43 -34.78
C SER A 140 -12.36 -21.94 -35.11
N PHE A 141 -13.47 -21.29 -34.78
CA PHE A 141 -13.58 -19.85 -34.92
C PHE A 141 -12.97 -19.12 -33.72
N GLY A 142 -13.06 -19.75 -32.55
CA GLY A 142 -12.69 -19.10 -31.31
C GLY A 142 -11.20 -19.05 -31.02
N GLY A 143 -10.50 -20.16 -31.28
CA GLY A 143 -9.08 -20.25 -30.99
C GLY A 143 -8.25 -19.24 -31.76
N GLY A 144 -7.08 -18.92 -31.21
CA GLY A 144 -6.16 -18.00 -31.87
C GLY A 144 -5.50 -18.65 -33.07
N THR A 145 -5.22 -19.95 -32.94
CA THR A 145 -4.65 -20.72 -34.03
C THR A 145 -5.71 -21.04 -35.07
N GLY A 146 -6.84 -21.59 -34.61
CA GLY A 146 -7.92 -21.97 -35.50
C GLY A 146 -8.43 -20.82 -36.33
N SER A 147 -8.41 -19.62 -35.75
CA SER A 147 -8.89 -18.43 -36.43
C SER A 147 -7.76 -17.72 -37.18
N GLY A 148 -6.68 -17.44 -36.47
CA GLY A 148 -5.58 -16.65 -37.00
C GLY A 148 -4.77 -17.35 -38.07
N PHE A 149 -4.26 -18.53 -37.76
CA PHE A 149 -3.37 -19.23 -38.67
C PHE A 149 -4.10 -19.78 -39.88
N THR A 150 -5.37 -20.15 -39.69
CA THR A 150 -6.16 -20.70 -40.78
C THR A 150 -6.34 -19.68 -41.90
N SER A 151 -6.71 -18.46 -41.53
CA SER A 151 -6.94 -17.40 -42.51
C SER A 151 -5.67 -17.12 -43.31
N LEU A 152 -4.52 -17.16 -42.64
CA LEU A 152 -3.25 -16.94 -43.31
C LEU A 152 -2.96 -18.09 -44.28
N LEU A 153 -3.25 -19.30 -43.84
CA LEU A 153 -3.05 -20.49 -44.66
C LEU A 153 -3.96 -20.47 -45.87
N MET A 154 -5.23 -20.17 -45.64
CA MET A 154 -6.23 -20.13 -46.71
C MET A 154 -5.89 -19.09 -47.77
N GLU A 155 -5.17 -18.04 -47.36
CA GLU A 155 -4.72 -17.01 -48.29
C GLU A 155 -3.61 -17.53 -49.19
N ARG A 156 -2.63 -18.22 -48.60
CA ARG A 156 -1.48 -18.71 -49.33
C ARG A 156 -1.85 -19.87 -50.25
N LEU A 157 -2.82 -20.67 -49.84
CA LEU A 157 -3.26 -21.80 -50.66
C LEU A 157 -3.91 -21.30 -51.94
N SER A 158 -4.59 -20.16 -51.86
CA SER A 158 -5.22 -19.56 -53.04
C SER A 158 -4.16 -19.05 -54.00
N VAL A 159 -2.96 -18.78 -53.48
CA VAL A 159 -1.85 -18.32 -54.30
C VAL A 159 -1.09 -19.52 -54.89
N ASP A 160 -0.82 -20.51 -54.06
CA ASP A 160 -0.04 -21.68 -54.46
C ASP A 160 -0.90 -22.73 -55.18
N TYR A 161 -2.21 -22.71 -54.91
CA TYR A 161 -3.13 -23.66 -55.52
C TYR A 161 -4.39 -22.94 -55.99
N GLY A 162 -4.23 -22.01 -56.93
CA GLY A 162 -5.31 -21.17 -57.39
C GLY A 162 -6.48 -21.93 -57.99
N LYS A 163 -6.20 -23.01 -58.71
CA LYS A 163 -7.24 -23.77 -59.41
C LYS A 163 -7.95 -24.78 -58.50
N LYS A 164 -7.42 -24.98 -57.29
CA LYS A 164 -7.93 -26.00 -56.40
C LYS A 164 -9.04 -25.48 -55.49
N SER A 165 -10.01 -26.33 -55.21
CA SER A 165 -11.14 -25.96 -54.35
C SER A 165 -10.74 -26.09 -52.88
N LYS A 166 -11.40 -25.32 -52.01
CA LYS A 166 -11.10 -25.36 -50.59
C LYS A 166 -12.37 -25.31 -49.74
N LEU A 167 -12.60 -26.39 -49.01
CA LEU A 167 -13.78 -26.53 -48.16
C LEU A 167 -13.42 -26.37 -46.68
N GLU A 168 -14.38 -25.90 -45.89
CA GLU A 168 -14.17 -25.65 -44.48
C GLU A 168 -15.11 -26.47 -43.60
N PHE A 169 -14.57 -26.95 -42.48
CA PHE A 169 -15.38 -27.52 -41.40
C PHE A 169 -15.11 -26.69 -40.14
N SER A 170 -15.98 -25.73 -39.88
CA SER A 170 -15.74 -24.71 -38.86
C SER A 170 -16.58 -24.94 -37.61
N ILE A 171 -15.96 -24.71 -36.45
CA ILE A 171 -16.64 -24.83 -35.17
C ILE A 171 -17.04 -23.45 -34.65
N TYR A 172 -18.32 -23.15 -34.73
CA TYR A 172 -18.88 -21.88 -34.27
C TYR A 172 -18.88 -21.85 -32.75
N PRO A 173 -18.45 -20.72 -32.14
CA PRO A 173 -18.21 -20.68 -30.69
C PRO A 173 -19.49 -20.74 -29.84
N ALA A 174 -19.40 -21.46 -28.72
CA ALA A 174 -20.52 -21.58 -27.78
C ALA A 174 -20.03 -21.39 -26.34
N PRO A 175 -20.70 -20.52 -25.56
CA PRO A 175 -20.29 -20.26 -24.18
C PRO A 175 -20.19 -21.51 -23.29
N GLN A 176 -21.05 -22.49 -23.52
CA GLN A 176 -21.12 -23.68 -22.68
C GLN A 176 -19.81 -24.50 -22.71
N VAL A 177 -18.98 -24.25 -23.71
CA VAL A 177 -17.69 -24.91 -23.81
C VAL A 177 -16.60 -23.94 -24.26
N SER A 178 -16.91 -22.64 -24.19
CA SER A 178 -15.97 -21.60 -24.60
C SER A 178 -14.75 -21.56 -23.69
N THR A 179 -13.60 -21.20 -24.27
CA THR A 179 -12.35 -21.11 -23.53
C THR A 179 -11.88 -19.67 -23.41
N ALA A 180 -12.52 -18.77 -24.16
CA ALA A 180 -12.13 -17.37 -24.18
C ALA A 180 -13.34 -16.45 -24.35
N VAL A 181 -13.20 -15.23 -23.86
CA VAL A 181 -14.27 -14.24 -23.94
C VAL A 181 -14.23 -13.51 -25.28
N VAL A 182 -13.06 -13.52 -25.92
CA VAL A 182 -12.84 -12.78 -27.17
C VAL A 182 -13.08 -13.64 -28.41
N GLU A 183 -13.70 -14.80 -28.24
CA GLU A 183 -13.95 -15.68 -29.38
C GLU A 183 -14.81 -15.02 -30.46
N PRO A 184 -15.76 -14.15 -30.07
CA PRO A 184 -16.49 -13.42 -31.11
C PRO A 184 -15.58 -12.55 -31.98
N TYR A 185 -14.56 -11.93 -31.39
CA TYR A 185 -13.59 -11.16 -32.17
C TYR A 185 -12.89 -12.06 -33.18
N ASN A 186 -12.35 -13.18 -32.69
CA ASN A 186 -11.60 -14.09 -33.54
C ASN A 186 -12.46 -14.68 -34.66
N SER A 187 -13.75 -14.85 -34.39
CA SER A 187 -14.65 -15.44 -35.37
C SER A 187 -14.90 -14.51 -36.56
N ILE A 188 -15.21 -13.25 -36.26
CA ILE A 188 -15.46 -12.26 -37.30
C ILE A 188 -14.19 -12.00 -38.11
N LEU A 189 -13.05 -11.96 -37.43
CA LEU A 189 -11.79 -11.66 -38.09
C LEU A 189 -11.39 -12.75 -39.08
N THR A 190 -11.53 -14.01 -38.70
CA THR A 190 -11.12 -15.12 -39.55
C THR A 190 -12.12 -15.37 -40.67
N THR A 191 -13.38 -15.04 -40.42
CA THR A 191 -14.42 -15.19 -41.44
C THR A 191 -14.16 -14.20 -42.57
N HIS A 192 -13.93 -12.95 -42.20
CA HIS A 192 -13.68 -11.87 -43.16
C HIS A 192 -12.49 -12.16 -44.07
N THR A 193 -11.42 -12.66 -43.48
CA THR A 193 -10.17 -12.88 -44.20
C THR A 193 -10.21 -14.18 -45.02
N THR A 194 -11.09 -15.10 -44.64
CA THR A 194 -11.17 -16.41 -45.28
C THR A 194 -12.30 -16.48 -46.31
N LEU A 195 -13.24 -15.56 -46.22
CA LEU A 195 -14.46 -15.60 -47.03
C LEU A 195 -14.20 -15.75 -48.52
N GLU A 196 -13.38 -14.87 -49.07
CA GLU A 196 -13.08 -14.91 -50.50
C GLU A 196 -12.26 -16.14 -50.90
N HIS A 197 -11.73 -16.84 -49.90
CA HIS A 197 -10.84 -17.98 -50.14
C HIS A 197 -11.52 -19.32 -49.84
N SER A 198 -12.78 -19.28 -49.43
CA SER A 198 -13.52 -20.50 -49.12
C SER A 198 -14.64 -20.72 -50.12
N ASP A 199 -14.73 -21.95 -50.64
CA ASP A 199 -15.73 -22.29 -51.64
C ASP A 199 -17.02 -22.79 -50.99
N CYS A 200 -16.87 -23.52 -49.89
CA CYS A 200 -18.00 -24.06 -49.16
C CYS A 200 -17.59 -24.39 -47.73
N ALA A 201 -18.36 -23.89 -46.77
CA ALA A 201 -18.02 -24.03 -45.35
C ALA A 201 -19.19 -24.60 -44.56
N PHE A 202 -18.93 -25.68 -43.84
CA PHE A 202 -19.93 -26.30 -42.98
C PHE A 202 -19.73 -25.89 -41.54
N MET A 203 -20.58 -24.98 -41.06
CA MET A 203 -20.49 -24.51 -39.68
C MET A 203 -21.15 -25.47 -38.71
N VAL A 204 -20.52 -25.65 -37.55
CA VAL A 204 -21.07 -26.48 -36.49
C VAL A 204 -21.04 -25.73 -35.16
N ASP A 205 -22.20 -25.24 -34.74
CA ASP A 205 -22.32 -24.57 -33.46
C ASP A 205 -22.23 -25.58 -32.33
N ASN A 206 -21.22 -25.43 -31.48
CA ASN A 206 -21.05 -26.32 -30.34
C ASN A 206 -22.31 -26.36 -29.48
N GLU A 207 -23.04 -25.24 -29.45
CA GLU A 207 -24.29 -25.17 -28.71
C GLU A 207 -25.25 -26.27 -29.18
N ALA A 208 -25.37 -26.42 -30.48
CA ALA A 208 -26.26 -27.40 -31.07
C ALA A 208 -25.81 -28.82 -30.74
N ILE A 209 -24.54 -29.09 -30.97
CA ILE A 209 -23.96 -30.41 -30.69
C ILE A 209 -24.09 -30.73 -29.20
N TYR A 210 -23.86 -29.72 -28.37
CA TYR A 210 -23.89 -29.89 -26.92
C TYR A 210 -25.25 -30.35 -26.43
N ASP A 211 -26.31 -29.75 -26.96
CA ASP A 211 -27.67 -30.07 -26.53
C ASP A 211 -28.16 -31.38 -27.13
N ILE A 212 -27.68 -31.71 -28.32
CA ILE A 212 -28.02 -32.99 -28.94
C ILE A 212 -27.46 -34.13 -28.09
N CYS A 213 -26.24 -33.95 -27.60
CA CYS A 213 -25.61 -34.94 -26.74
C CYS A 213 -26.34 -35.07 -25.42
N ARG A 214 -26.87 -33.96 -24.91
CA ARG A 214 -27.62 -33.98 -23.67
C ARG A 214 -29.03 -34.52 -23.87
N ARG A 215 -29.66 -34.13 -24.97
CA ARG A 215 -31.05 -34.47 -25.22
C ARG A 215 -31.22 -35.92 -25.69
N ASN A 216 -30.39 -36.33 -26.65
CA ASN A 216 -30.58 -37.61 -27.34
C ASN A 216 -29.63 -38.72 -26.88
N LEU A 217 -28.48 -38.35 -26.34
CA LEU A 217 -27.52 -39.34 -25.83
C LEU A 217 -27.52 -39.40 -24.30
N ASP A 218 -28.30 -38.52 -23.68
CA ASP A 218 -28.45 -38.50 -22.23
C ASP A 218 -27.12 -38.31 -21.50
N ILE A 219 -26.24 -37.50 -22.09
CA ILE A 219 -24.98 -37.15 -21.45
C ILE A 219 -25.12 -35.80 -20.74
N GLU A 220 -24.98 -35.82 -19.41
CA GLU A 220 -25.21 -34.63 -18.60
C GLU A 220 -24.25 -33.48 -18.91
N ARG A 221 -22.97 -33.82 -19.04
CA ARG A 221 -21.92 -32.82 -19.29
C ARG A 221 -20.99 -33.31 -20.39
N PRO A 222 -21.40 -33.17 -21.66
CA PRO A 222 -20.62 -33.64 -22.81
C PRO A 222 -19.19 -33.13 -22.84
N THR A 223 -18.25 -34.05 -23.01
CA THR A 223 -16.85 -33.71 -23.20
C THR A 223 -16.58 -33.47 -24.68
N TYR A 224 -15.39 -32.98 -25.01
CA TYR A 224 -15.02 -32.78 -26.40
C TYR A 224 -15.07 -34.11 -27.16
N THR A 225 -14.80 -35.20 -26.45
CA THR A 225 -14.85 -36.53 -27.05
C THR A 225 -16.28 -36.87 -27.45
N ASN A 226 -17.24 -36.49 -26.61
CA ASN A 226 -18.65 -36.71 -26.92
C ASN A 226 -19.09 -35.89 -28.12
N LEU A 227 -18.63 -34.63 -28.18
CA LEU A 227 -18.96 -33.75 -29.28
C LEU A 227 -18.34 -34.22 -30.58
N ASN A 228 -17.06 -34.57 -30.51
CA ASN A 228 -16.28 -34.91 -31.69
C ASN A 228 -16.75 -36.17 -32.40
N ARG A 229 -17.06 -37.21 -31.63
CA ARG A 229 -17.50 -38.47 -32.23
C ARG A 229 -18.83 -38.30 -32.94
N LEU A 230 -19.62 -37.32 -32.50
CA LEU A 230 -20.87 -36.99 -33.17
C LEU A 230 -20.60 -36.17 -34.43
N ILE A 231 -19.68 -35.21 -34.31
CA ILE A 231 -19.32 -34.37 -35.44
C ILE A 231 -18.72 -35.20 -36.56
N SER A 232 -17.90 -36.18 -36.20
CA SER A 232 -17.24 -37.03 -37.19
C SER A 232 -18.26 -37.80 -38.02
N GLN A 233 -19.38 -38.17 -37.41
CA GLN A 233 -20.45 -38.86 -38.12
C GLN A 233 -21.07 -37.95 -39.17
N ILE A 234 -21.20 -36.67 -38.84
CA ILE A 234 -21.72 -35.69 -39.78
C ILE A 234 -20.73 -35.47 -40.91
N VAL A 235 -19.45 -35.28 -40.55
CA VAL A 235 -18.40 -35.06 -41.54
C VAL A 235 -18.30 -36.27 -42.47
N SER A 236 -18.37 -37.46 -41.88
CA SER A 236 -18.27 -38.70 -42.65
C SER A 236 -19.40 -38.78 -43.67
N SER A 237 -20.60 -38.40 -43.26
CA SER A 237 -21.77 -38.42 -44.14
C SER A 237 -21.57 -37.48 -45.33
N ILE A 238 -20.84 -36.39 -45.11
CA ILE A 238 -20.61 -35.39 -46.15
C ILE A 238 -19.49 -35.83 -47.09
N THR A 239 -18.47 -36.47 -46.54
CA THR A 239 -17.30 -36.88 -47.32
C THR A 239 -17.41 -38.31 -47.85
N ALA A 240 -18.51 -38.98 -47.54
CA ALA A 240 -18.70 -40.37 -47.96
C ALA A 240 -18.72 -40.48 -49.49
N SER A 241 -19.23 -39.44 -50.14
CA SER A 241 -19.34 -39.43 -51.60
C SER A 241 -17.99 -39.28 -52.27
N LEU A 242 -16.99 -38.84 -51.51
CA LEU A 242 -15.63 -38.68 -52.03
C LEU A 242 -14.79 -39.94 -51.77
N ARG A 243 -15.29 -40.81 -50.90
CA ARG A 243 -14.55 -41.99 -50.48
C ARG A 243 -15.23 -43.30 -50.91
N PHE A 244 -16.42 -43.18 -51.47
CA PHE A 244 -17.17 -44.36 -51.92
C PHE A 244 -17.71 -44.18 -53.33
N ASP A 245 -17.98 -45.29 -53.99
CA ASP A 245 -18.54 -45.28 -55.34
C ASP A 245 -19.92 -44.64 -55.34
N GLY A 246 -20.13 -43.67 -56.24
CA GLY A 246 -21.39 -42.97 -56.33
C GLY A 246 -21.43 -42.02 -57.51
N ALA A 247 -22.47 -41.20 -57.58
CA ALA A 247 -22.64 -40.26 -58.69
C ALA A 247 -23.18 -38.90 -58.21
N LEU A 248 -23.11 -38.67 -56.90
CA LEU A 248 -23.51 -37.39 -56.31
C LEU A 248 -22.39 -36.86 -55.44
N ASN A 249 -21.97 -35.62 -55.72
CA ASN A 249 -20.85 -35.00 -55.01
C ASN A 249 -19.60 -35.87 -55.06
N VAL A 250 -19.15 -36.21 -56.27
CA VAL A 250 -18.00 -37.09 -56.45
C VAL A 250 -16.68 -36.32 -56.36
N ASP A 251 -16.75 -34.99 -56.45
CA ASP A 251 -15.57 -34.15 -56.33
C ASP A 251 -15.93 -32.82 -55.66
N LEU A 252 -14.91 -32.09 -55.22
CA LEU A 252 -15.09 -30.86 -54.46
C LEU A 252 -15.86 -29.79 -55.25
N THR A 253 -15.63 -29.75 -56.56
CA THR A 253 -16.27 -28.75 -57.40
C THR A 253 -17.79 -28.91 -57.39
N GLU A 254 -18.24 -30.14 -57.18
CA GLU A 254 -19.67 -30.43 -57.23
C GLU A 254 -20.37 -29.99 -55.94
N PHE A 255 -19.64 -29.91 -54.84
CA PHE A 255 -20.19 -29.39 -53.59
C PHE A 255 -20.60 -27.93 -53.78
N GLN A 256 -19.73 -27.17 -54.43
CA GLN A 256 -20.00 -25.77 -54.70
C GLN A 256 -21.11 -25.62 -55.73
N THR A 257 -21.11 -26.49 -56.74
CA THR A 257 -22.09 -26.44 -57.80
C THR A 257 -23.50 -26.77 -57.29
N ASN A 258 -23.59 -27.76 -56.42
CA ASN A 258 -24.88 -28.24 -55.94
C ASN A 258 -25.45 -27.42 -54.79
N LEU A 259 -24.58 -26.88 -53.94
CA LEU A 259 -25.01 -26.24 -52.69
C LEU A 259 -24.83 -24.72 -52.70
N VAL A 260 -23.89 -24.22 -53.50
CA VAL A 260 -23.50 -22.81 -53.46
C VAL A 260 -23.71 -22.10 -54.79
N PRO A 261 -24.92 -21.60 -55.05
CA PRO A 261 -25.14 -20.78 -56.24
C PRO A 261 -24.45 -19.42 -56.15
N TYR A 262 -24.56 -18.76 -55.00
CA TYR A 262 -23.87 -17.49 -54.77
C TYR A 262 -22.60 -17.72 -53.94
N PRO A 263 -21.44 -17.23 -54.44
CA PRO A 263 -20.16 -17.51 -53.77
C PRO A 263 -20.08 -17.12 -52.29
N ARG A 264 -20.40 -15.89 -51.95
CA ARG A 264 -20.29 -15.41 -50.57
C ARG A 264 -21.20 -16.21 -49.64
N ILE A 265 -22.40 -16.51 -50.12
CA ILE A 265 -23.33 -17.34 -49.36
C ILE A 265 -22.98 -18.81 -49.58
N HIS A 266 -21.91 -19.25 -48.92
CA HIS A 266 -21.43 -20.62 -49.05
C HIS A 266 -21.36 -21.32 -47.69
N PHE A 267 -22.43 -21.17 -46.91
CA PHE A 267 -22.53 -21.79 -45.60
C PHE A 267 -23.78 -22.66 -45.50
N PRO A 268 -23.73 -23.87 -46.08
CA PRO A 268 -24.89 -24.77 -46.02
C PRO A 268 -25.18 -25.25 -44.60
N LEU A 269 -26.45 -25.37 -44.26
CA LEU A 269 -26.87 -25.89 -42.96
C LEU A 269 -26.94 -27.41 -43.01
N ALA A 270 -26.35 -28.05 -42.01
CA ALA A 270 -26.36 -29.51 -41.91
C ALA A 270 -27.36 -29.96 -40.85
N THR A 271 -28.12 -30.99 -41.16
CA THR A 271 -29.06 -31.59 -40.22
C THR A 271 -28.95 -33.10 -40.28
N TYR A 272 -28.72 -33.72 -39.12
CA TYR A 272 -28.47 -35.16 -39.05
C TYR A 272 -29.52 -35.87 -38.21
N ALA A 273 -29.86 -37.09 -38.63
CA ALA A 273 -30.78 -37.94 -37.88
C ALA A 273 -30.67 -39.39 -38.35
N PRO A 274 -30.91 -40.35 -37.45
CA PRO A 274 -31.23 -40.20 -36.02
C PRO A 274 -30.00 -40.31 -35.12
N VAL A 275 -30.04 -39.63 -33.98
CA VAL A 275 -29.00 -39.73 -32.96
C VAL A 275 -29.56 -40.50 -31.76
N ILE A 276 -29.06 -41.72 -31.56
CA ILE A 276 -29.61 -42.64 -30.57
C ILE A 276 -28.56 -43.06 -29.55
N SER A 277 -28.96 -43.13 -28.29
CA SER A 277 -28.06 -43.53 -27.21
C SER A 277 -27.78 -45.02 -27.27
N ALA A 278 -26.51 -45.39 -27.06
CA ALA A 278 -26.11 -46.80 -27.06
C ALA A 278 -26.62 -47.51 -25.83
N GLU A 279 -26.82 -46.75 -24.75
CA GLU A 279 -27.29 -47.32 -23.48
C GLU A 279 -28.81 -47.42 -23.44
N LYS A 280 -29.47 -46.96 -24.51
CA LYS A 280 -30.92 -47.08 -24.60
C LYS A 280 -31.31 -48.55 -24.70
N ALA A 281 -31.96 -49.06 -23.66
CA ALA A 281 -32.29 -50.47 -23.57
C ALA A 281 -33.12 -50.95 -24.76
N TYR A 282 -34.27 -50.31 -24.96
CA TYR A 282 -35.18 -50.67 -26.05
C TYR A 282 -35.34 -49.51 -27.03
N HIS A 283 -35.01 -49.77 -28.29
CA HIS A 283 -35.12 -48.77 -29.35
C HIS A 283 -35.87 -49.31 -30.56
N GLU A 284 -36.85 -48.54 -31.03
CA GLU A 284 -37.58 -48.86 -32.25
C GLU A 284 -36.93 -48.18 -33.44
N GLN A 285 -36.37 -48.99 -34.36
CA GLN A 285 -35.69 -48.45 -35.53
C GLN A 285 -36.60 -47.55 -36.33
N LEU A 286 -36.10 -46.36 -36.65
CA LEU A 286 -36.89 -45.35 -37.34
C LEU A 286 -36.89 -45.57 -38.85
N SER A 287 -37.96 -45.14 -39.50
CA SER A 287 -38.15 -45.37 -40.94
C SER A 287 -37.61 -44.20 -41.76
N VAL A 288 -37.58 -44.39 -43.08
CA VAL A 288 -37.13 -43.37 -44.00
C VAL A 288 -37.93 -42.09 -43.86
N ALA A 289 -39.24 -42.24 -43.64
CA ALA A 289 -40.13 -41.09 -43.52
C ALA A 289 -39.87 -40.35 -42.22
N GLU A 290 -39.53 -41.08 -41.17
CA GLU A 290 -39.32 -40.49 -39.85
C GLU A 290 -37.99 -39.74 -39.78
N ILE A 291 -36.91 -40.36 -40.24
CA ILE A 291 -35.59 -39.73 -40.18
C ILE A 291 -35.53 -38.55 -41.15
N THR A 292 -36.22 -38.66 -42.27
CA THR A 292 -36.26 -37.59 -43.26
C THR A 292 -37.06 -36.40 -42.72
N ASN A 293 -38.09 -36.70 -41.94
CA ASN A 293 -38.91 -35.66 -41.33
C ASN A 293 -38.15 -34.95 -40.22
N ALA A 294 -37.17 -35.66 -39.65
CA ALA A 294 -36.35 -35.10 -38.57
C ALA A 294 -35.35 -34.08 -39.09
N CYS A 295 -35.13 -34.08 -40.40
CA CYS A 295 -34.19 -33.16 -41.02
C CYS A 295 -34.72 -31.73 -41.04
N PHE A 296 -36.00 -31.56 -40.69
CA PHE A 296 -36.63 -30.25 -40.68
C PHE A 296 -36.97 -29.81 -39.26
N GLU A 297 -36.39 -30.50 -38.28
CA GLU A 297 -36.52 -30.12 -36.88
C GLU A 297 -35.27 -29.37 -36.43
N PRO A 298 -35.43 -28.11 -35.98
CA PRO A 298 -34.26 -27.32 -35.52
C PRO A 298 -33.42 -28.02 -34.44
N ALA A 299 -34.03 -28.93 -33.69
CA ALA A 299 -33.35 -29.61 -32.61
C ALA A 299 -32.31 -30.62 -33.12
N ASN A 300 -32.29 -30.84 -34.43
CA ASN A 300 -31.38 -31.81 -35.04
C ASN A 300 -30.31 -31.15 -35.93
N GLN A 301 -30.37 -29.83 -36.04
CA GLN A 301 -29.46 -29.07 -36.88
C GLN A 301 -28.11 -28.85 -36.21
N MET A 302 -27.09 -28.61 -37.02
CA MET A 302 -25.76 -28.30 -36.50
C MET A 302 -25.70 -26.85 -36.01
N VAL A 303 -26.67 -26.05 -36.45
CA VAL A 303 -26.82 -24.68 -36.00
C VAL A 303 -28.29 -24.41 -35.71
N LYS A 304 -28.58 -23.96 -34.50
CA LYS A 304 -29.95 -23.68 -34.11
C LYS A 304 -30.47 -22.43 -34.80
N CYS A 305 -31.44 -22.61 -35.67
CA CYS A 305 -32.10 -21.50 -36.35
C CYS A 305 -33.43 -21.99 -36.91
N ASP A 306 -34.14 -21.11 -37.61
CA ASP A 306 -35.49 -21.42 -38.10
C ASP A 306 -35.58 -21.28 -39.62
N PRO A 307 -35.35 -22.39 -40.35
CA PRO A 307 -35.44 -22.37 -41.81
C PRO A 307 -36.80 -21.93 -42.36
N ARG A 308 -37.85 -22.05 -41.56
CA ARG A 308 -39.18 -21.64 -41.98
C ARG A 308 -39.22 -20.17 -42.34
N HIS A 309 -38.45 -19.37 -41.61
CA HIS A 309 -38.40 -17.92 -41.82
C HIS A 309 -37.16 -17.55 -42.62
N GLY A 310 -36.97 -18.25 -43.73
CA GLY A 310 -35.88 -17.98 -44.65
C GLY A 310 -36.22 -18.57 -46.00
N LYS A 311 -35.21 -18.76 -46.85
CA LYS A 311 -35.41 -19.36 -48.15
C LYS A 311 -34.27 -20.29 -48.53
N TYR A 312 -34.61 -21.38 -49.21
CA TYR A 312 -33.63 -22.37 -49.64
C TYR A 312 -33.07 -22.01 -51.01
N MET A 313 -31.80 -22.37 -51.22
CA MET A 313 -31.14 -22.21 -52.51
C MET A 313 -30.76 -23.56 -53.07
N ALA A 314 -30.58 -24.53 -52.17
CA ALA A 314 -30.25 -25.89 -52.55
C ALA A 314 -30.58 -26.83 -51.39
N CYS A 315 -30.65 -28.12 -51.68
CA CYS A 315 -31.00 -29.11 -50.66
C CYS A 315 -30.58 -30.51 -51.08
N CYS A 316 -29.61 -31.07 -50.37
CA CYS A 316 -29.13 -32.42 -50.62
C CYS A 316 -29.51 -33.35 -49.49
N LEU A 317 -29.88 -34.58 -49.82
CA LEU A 317 -30.19 -35.62 -48.84
C LEU A 317 -29.23 -36.79 -48.99
N LEU A 318 -28.38 -36.99 -47.99
CA LEU A 318 -27.38 -38.06 -48.01
C LEU A 318 -27.78 -39.17 -47.03
N TYR A 319 -28.23 -40.29 -47.57
CA TYR A 319 -28.67 -41.42 -46.75
C TYR A 319 -27.59 -42.48 -46.60
N ARG A 320 -27.61 -43.17 -45.46
CA ARG A 320 -26.73 -44.31 -45.23
C ARG A 320 -27.51 -45.42 -44.53
N GLY A 321 -27.61 -46.57 -45.19
CA GLY A 321 -28.33 -47.72 -44.66
C GLY A 321 -29.45 -48.18 -45.56
N ASP A 322 -30.37 -48.96 -44.99
CA ASP A 322 -31.48 -49.51 -45.76
C ASP A 322 -32.41 -48.40 -46.26
N VAL A 323 -32.13 -47.91 -47.46
CA VAL A 323 -32.95 -46.87 -48.08
C VAL A 323 -33.01 -47.09 -49.59
N VAL A 324 -34.19 -46.88 -50.17
CA VAL A 324 -34.36 -46.94 -51.61
C VAL A 324 -35.15 -45.71 -52.08
N PRO A 325 -34.94 -45.31 -53.35
CA PRO A 325 -35.55 -44.09 -53.90
C PRO A 325 -37.06 -44.00 -53.69
N LYS A 326 -37.74 -45.14 -53.74
CA LYS A 326 -39.20 -45.18 -53.62
C LYS A 326 -39.68 -44.61 -52.28
N ASP A 327 -39.02 -45.02 -51.21
CA ASP A 327 -39.40 -44.58 -49.87
C ASP A 327 -39.08 -43.10 -49.66
N VAL A 328 -37.97 -42.65 -50.24
CA VAL A 328 -37.53 -41.26 -50.11
C VAL A 328 -38.53 -40.33 -50.78
N ASN A 329 -38.92 -40.65 -52.00
CA ASN A 329 -39.87 -39.83 -52.75
C ASN A 329 -41.22 -39.75 -52.04
N ALA A 330 -41.61 -40.83 -51.39
CA ALA A 330 -42.85 -40.88 -50.62
C ALA A 330 -42.74 -39.99 -49.40
N ALA A 331 -41.57 -40.02 -48.76
CA ALA A 331 -41.32 -39.21 -47.57
C ALA A 331 -41.32 -37.72 -47.91
N ILE A 332 -40.63 -37.37 -49.00
CA ILE A 332 -40.54 -35.98 -49.44
C ILE A 332 -41.92 -35.44 -49.79
N ALA A 333 -42.75 -36.28 -50.40
CA ALA A 333 -44.10 -35.88 -50.79
C ALA A 333 -44.94 -35.54 -49.56
N THR A 334 -44.84 -36.39 -48.54
CA THR A 334 -45.60 -36.21 -47.31
C THR A 334 -45.15 -34.96 -46.56
N ILE A 335 -43.84 -34.82 -46.38
CA ILE A 335 -43.28 -33.69 -45.63
C ILE A 335 -43.60 -32.36 -46.32
N LYS A 336 -43.60 -32.36 -47.64
CA LYS A 336 -43.80 -31.12 -48.41
C LYS A 336 -45.15 -30.47 -48.12
N THR A 337 -46.14 -31.29 -47.82
CA THR A 337 -47.49 -30.81 -47.56
C THR A 337 -47.68 -30.40 -46.10
N LYS A 338 -46.76 -30.83 -45.25
CA LYS A 338 -46.86 -30.57 -43.81
C LYS A 338 -46.02 -29.39 -43.35
N ARG A 339 -44.82 -29.27 -43.91
CA ARG A 339 -43.86 -28.26 -43.47
C ARG A 339 -43.73 -27.10 -44.46
N SER A 340 -43.13 -26.01 -43.98
CA SER A 340 -42.90 -24.82 -44.79
C SER A 340 -41.52 -24.82 -45.41
N ILE A 341 -41.46 -25.13 -46.71
CA ILE A 341 -40.21 -25.19 -47.45
C ILE A 341 -40.26 -24.26 -48.65
N GLN A 342 -39.74 -23.05 -48.47
CA GLN A 342 -39.74 -22.03 -49.52
C GLN A 342 -38.36 -21.90 -50.17
N PHE A 343 -38.30 -22.14 -51.47
CA PHE A 343 -37.08 -21.92 -52.25
C PHE A 343 -37.11 -20.53 -52.86
N VAL A 344 -35.94 -20.02 -53.23
CA VAL A 344 -35.85 -18.77 -53.95
C VAL A 344 -36.43 -18.96 -55.35
N ASP A 345 -37.02 -17.91 -55.90
CA ASP A 345 -37.72 -18.00 -57.18
C ASP A 345 -36.81 -18.46 -58.32
N TRP A 346 -35.52 -18.16 -58.21
CA TRP A 346 -34.56 -18.49 -59.27
C TRP A 346 -33.90 -19.85 -59.03
N CYS A 347 -34.56 -20.69 -58.23
CA CYS A 347 -34.09 -22.05 -57.99
C CYS A 347 -35.24 -23.05 -58.10
N PRO A 348 -34.97 -24.23 -58.67
CA PRO A 348 -36.01 -25.27 -58.68
C PRO A 348 -36.24 -25.85 -57.29
N THR A 349 -37.50 -26.08 -56.94
CA THR A 349 -37.83 -26.72 -55.67
C THR A 349 -37.68 -28.22 -55.81
N GLY A 350 -36.54 -28.75 -55.36
CA GLY A 350 -36.27 -30.17 -55.46
C GLY A 350 -35.22 -30.63 -54.47
N PHE A 351 -34.85 -31.90 -54.55
CA PHE A 351 -33.86 -32.49 -53.65
C PHE A 351 -32.91 -33.42 -54.41
N LYS A 352 -31.63 -33.12 -54.35
CA LYS A 352 -30.60 -34.06 -54.81
C LYS A 352 -30.40 -35.11 -53.74
N VAL A 353 -30.61 -36.37 -54.09
CA VAL A 353 -30.55 -37.46 -53.12
C VAL A 353 -29.38 -38.39 -53.39
N GLY A 354 -28.74 -38.83 -52.31
CA GLY A 354 -27.66 -39.80 -52.38
C GLY A 354 -27.90 -40.89 -51.35
N ILE A 355 -27.67 -42.14 -51.75
CA ILE A 355 -27.87 -43.28 -50.87
C ILE A 355 -26.68 -44.22 -50.92
N ASN A 356 -26.14 -44.55 -49.75
CA ASN A 356 -25.17 -45.62 -49.61
C ASN A 356 -25.79 -46.73 -48.79
N TYR A 357 -25.67 -47.97 -49.28
CA TYR A 357 -26.33 -49.09 -48.64
C TYR A 357 -25.68 -49.46 -47.31
N GLN A 358 -24.37 -49.21 -47.19
CA GLN A 358 -23.67 -49.48 -45.94
C GLN A 358 -24.19 -48.54 -44.85
N PRO A 359 -24.81 -49.10 -43.79
CA PRO A 359 -25.30 -48.21 -42.73
C PRO A 359 -24.15 -47.53 -42.00
N PRO A 360 -24.45 -46.46 -41.24
CA PRO A 360 -23.39 -45.71 -40.54
C PRO A 360 -22.62 -46.55 -39.54
N THR A 361 -21.30 -46.49 -39.62
CA THR A 361 -20.42 -47.19 -38.69
C THR A 361 -20.37 -46.44 -37.36
N VAL A 362 -20.24 -47.19 -36.27
CA VAL A 362 -20.12 -46.60 -34.95
C VAL A 362 -18.82 -47.04 -34.28
N VAL A 363 -18.18 -46.12 -33.59
CA VAL A 363 -16.95 -46.42 -32.87
C VAL A 363 -17.27 -47.39 -31.73
N PRO A 364 -16.57 -48.53 -31.66
CA PRO A 364 -16.80 -49.44 -30.53
C PRO A 364 -16.55 -48.76 -29.19
N GLY A 365 -17.52 -48.84 -28.29
CA GLY A 365 -17.43 -48.19 -27.00
C GLY A 365 -17.90 -46.74 -27.04
N GLY A 366 -18.41 -46.33 -28.19
CA GLY A 366 -18.92 -44.97 -28.37
C GLY A 366 -20.29 -44.79 -27.77
N ASP A 367 -20.81 -43.57 -27.86
CA ASP A 367 -22.10 -43.24 -27.28
C ASP A 367 -23.25 -43.45 -28.26
N LEU A 368 -22.92 -43.61 -29.53
CA LEU A 368 -23.94 -43.77 -30.57
C LEU A 368 -24.33 -45.23 -30.78
N ALA A 369 -25.62 -45.47 -30.96
CA ALA A 369 -26.14 -46.80 -31.24
C ALA A 369 -26.16 -47.06 -32.75
N LYS A 370 -25.86 -48.30 -33.13
CA LYS A 370 -25.95 -48.71 -34.52
C LYS A 370 -27.39 -48.56 -35.01
N VAL A 371 -27.56 -48.02 -36.21
CA VAL A 371 -28.88 -47.83 -36.80
C VAL A 371 -28.96 -48.46 -38.19
N GLN A 372 -30.17 -48.80 -38.60
CA GLN A 372 -30.39 -49.46 -39.88
C GLN A 372 -30.45 -48.46 -41.02
N ARG A 373 -30.71 -47.20 -40.69
CA ARG A 373 -30.77 -46.14 -41.69
C ARG A 373 -30.63 -44.76 -41.05
N ALA A 374 -29.78 -43.93 -41.63
CA ALA A 374 -29.56 -42.57 -41.15
C ALA A 374 -29.55 -41.60 -42.33
N VAL A 375 -29.54 -40.31 -42.04
CA VAL A 375 -29.53 -39.30 -43.10
C VAL A 375 -28.94 -37.99 -42.62
N CYS A 376 -28.22 -37.32 -43.53
CA CYS A 376 -27.70 -35.99 -43.30
C CYS A 376 -28.15 -35.05 -44.41
N MET A 377 -28.95 -34.05 -44.06
CA MET A 377 -29.43 -33.09 -45.05
C MET A 377 -28.53 -31.86 -45.12
N LEU A 378 -28.07 -31.54 -46.32
CA LEU A 378 -27.31 -30.31 -46.56
C LEU A 378 -28.20 -29.32 -47.30
N SER A 379 -28.64 -28.29 -46.59
CA SER A 379 -29.54 -27.29 -47.14
C SER A 379 -28.98 -25.88 -47.00
N ASN A 380 -28.81 -25.20 -48.13
CA ASN A 380 -28.35 -23.82 -48.12
C ASN A 380 -29.51 -22.88 -47.85
N THR A 381 -29.79 -22.65 -46.57
CA THR A 381 -30.90 -21.80 -46.14
C THR A 381 -30.39 -20.49 -45.58
N THR A 382 -31.10 -19.41 -45.87
CA THR A 382 -30.72 -18.08 -45.42
C THR A 382 -30.90 -17.95 -43.90
N ALA A 383 -31.57 -18.91 -43.30
CA ALA A 383 -31.84 -18.88 -41.86
C ALA A 383 -30.56 -19.02 -41.04
N ILE A 384 -29.50 -19.53 -41.65
CA ILE A 384 -28.23 -19.72 -40.95
C ILE A 384 -27.60 -18.37 -40.60
N ALA A 385 -28.11 -17.31 -41.21
CA ALA A 385 -27.61 -15.97 -40.96
C ALA A 385 -27.92 -15.52 -39.53
N GLU A 386 -28.83 -16.22 -38.87
CA GLU A 386 -29.12 -15.95 -37.46
C GLU A 386 -27.85 -16.10 -36.63
N ALA A 387 -27.00 -17.03 -37.04
CA ALA A 387 -25.74 -17.27 -36.34
C ALA A 387 -24.80 -16.08 -36.51
N TRP A 388 -24.80 -15.48 -37.70
CA TRP A 388 -24.00 -14.30 -37.97
C TRP A 388 -24.50 -13.12 -37.15
N ALA A 389 -25.82 -13.02 -37.02
CA ALA A 389 -26.43 -11.94 -36.25
C ALA A 389 -26.06 -12.04 -34.78
N ARG A 390 -26.19 -13.24 -34.21
CA ARG A 390 -25.80 -13.51 -32.84
C ARG A 390 -24.35 -13.10 -32.60
N LEU A 391 -23.50 -13.49 -33.54
CA LEU A 391 -22.06 -13.33 -33.39
C LEU A 391 -21.65 -11.86 -33.54
N ASP A 392 -22.28 -11.16 -34.47
CA ASP A 392 -21.96 -9.77 -34.72
C ASP A 392 -22.48 -8.85 -33.62
N HIS A 393 -23.57 -9.25 -32.98
CA HIS A 393 -24.12 -8.48 -31.87
C HIS A 393 -23.14 -8.46 -30.70
N LYS A 394 -22.61 -9.63 -30.35
CA LYS A 394 -21.63 -9.75 -29.30
C LYS A 394 -20.36 -8.97 -29.66
N PHE A 395 -20.04 -8.94 -30.95
CA PHE A 395 -18.89 -8.21 -31.45
C PHE A 395 -19.08 -6.71 -31.24
N ASP A 396 -20.28 -6.23 -31.56
CA ASP A 396 -20.60 -4.81 -31.43
C ASP A 396 -20.55 -4.36 -29.97
N LEU A 397 -21.06 -5.20 -29.08
CA LEU A 397 -21.09 -4.89 -27.66
C LEU A 397 -19.69 -4.62 -27.10
N MET A 398 -18.76 -5.51 -27.39
CA MET A 398 -17.41 -5.40 -26.86
C MET A 398 -16.60 -4.31 -27.56
N TYR A 399 -16.78 -4.20 -28.87
CA TYR A 399 -15.96 -3.27 -29.66
C TYR A 399 -16.38 -1.82 -29.46
N ALA A 400 -17.64 -1.60 -29.10
CA ALA A 400 -18.12 -0.25 -28.81
C ALA A 400 -17.30 0.39 -27.70
N LYS A 401 -16.83 -0.45 -26.78
CA LYS A 401 -16.00 0.00 -25.66
C LYS A 401 -14.53 -0.29 -25.93
N ARG A 402 -14.24 -0.88 -27.08
CA ARG A 402 -12.88 -1.26 -27.46
C ARG A 402 -12.25 -2.20 -26.43
N ALA A 403 -13.07 -3.08 -25.87
CA ALA A 403 -12.60 -4.04 -24.86
C ALA A 403 -11.71 -5.11 -25.48
N PHE A 404 -10.58 -5.39 -24.83
CA PHE A 404 -9.64 -6.42 -25.26
C PHE A 404 -8.93 -6.09 -26.58
N VAL A 405 -9.25 -4.96 -27.19
CA VAL A 405 -8.67 -4.59 -28.48
C VAL A 405 -7.15 -4.45 -28.40
N HIS A 406 -6.67 -4.00 -27.24
CA HIS A 406 -5.24 -3.74 -27.07
C HIS A 406 -4.40 -5.00 -27.23
N TRP A 407 -5.00 -6.15 -26.95
CA TRP A 407 -4.30 -7.43 -27.10
C TRP A 407 -3.96 -7.69 -28.57
N TYR A 408 -4.84 -7.25 -29.45
CA TYR A 408 -4.66 -7.46 -30.88
C TYR A 408 -3.73 -6.42 -31.47
N VAL A 409 -3.94 -5.16 -31.09
CA VAL A 409 -3.08 -4.07 -31.55
C VAL A 409 -1.65 -4.29 -31.07
N GLY A 410 -1.51 -4.92 -29.91
CA GLY A 410 -0.20 -5.21 -29.35
C GLY A 410 0.57 -6.24 -30.14
N GLU A 411 -0.11 -6.90 -31.08
CA GLU A 411 0.51 -7.92 -31.93
C GLU A 411 0.78 -7.38 -33.34
N GLY A 412 0.56 -6.09 -33.53
CA GLY A 412 0.86 -5.44 -34.80
C GLY A 412 -0.37 -5.22 -35.68
N MET A 413 -1.51 -5.71 -35.22
CA MET A 413 -2.75 -5.54 -35.97
C MET A 413 -3.25 -4.11 -35.83
N GLU A 414 -4.00 -3.63 -36.83
CA GLU A 414 -4.58 -2.30 -36.78
C GLU A 414 -6.02 -2.35 -36.31
N GLU A 415 -6.43 -1.35 -35.53
CA GLU A 415 -7.79 -1.26 -35.04
C GLU A 415 -8.78 -1.10 -36.20
N GLY A 416 -8.26 -0.74 -37.37
CA GLY A 416 -9.09 -0.59 -38.55
C GLY A 416 -9.55 -1.92 -39.11
N GLU A 417 -8.77 -2.97 -38.89
CA GLU A 417 -9.13 -4.29 -39.37
C GLU A 417 -10.36 -4.84 -38.66
N PHE A 418 -10.58 -4.38 -37.43
CA PHE A 418 -11.78 -4.75 -36.69
C PHE A 418 -13.02 -4.24 -37.41
N SER A 419 -13.03 -2.95 -37.72
CA SER A 419 -14.17 -2.32 -38.37
C SER A 419 -14.32 -2.79 -39.82
N GLU A 420 -13.20 -3.07 -40.46
CA GLU A 420 -13.20 -3.58 -41.83
C GLU A 420 -13.83 -4.96 -41.88
N ALA A 421 -13.46 -5.79 -40.90
CA ALA A 421 -13.99 -7.14 -40.79
C ALA A 421 -15.48 -7.11 -40.46
N ARG A 422 -15.86 -6.19 -39.58
CA ARG A 422 -17.25 -6.05 -39.18
C ARG A 422 -18.11 -5.51 -40.31
N GLU A 423 -17.53 -4.67 -41.15
CA GLU A 423 -18.23 -4.10 -42.29
C GLU A 423 -18.52 -5.18 -43.33
N ASP A 424 -17.59 -6.11 -43.48
CA ASP A 424 -17.76 -7.22 -44.41
C ASP A 424 -18.88 -8.14 -43.93
N MET A 425 -18.99 -8.28 -42.62
CA MET A 425 -20.03 -9.11 -42.02
C MET A 425 -21.39 -8.44 -42.15
N ALA A 426 -21.41 -7.11 -42.07
CA ALA A 426 -22.64 -6.35 -42.22
C ALA A 426 -23.18 -6.50 -43.63
N ALA A 427 -22.27 -6.53 -44.60
CA ALA A 427 -22.65 -6.75 -45.99
C ALA A 427 -23.17 -8.17 -46.18
N LEU A 428 -22.55 -9.12 -45.49
CA LEU A 428 -22.95 -10.52 -45.59
C LEU A 428 -24.36 -10.72 -45.05
N GLU A 429 -24.67 -10.08 -43.93
CA GLU A 429 -26.01 -10.14 -43.36
C GLU A 429 -27.04 -9.54 -44.31
N LYS A 430 -26.61 -8.56 -45.10
CA LYS A 430 -27.49 -7.93 -46.07
C LYS A 430 -27.73 -8.85 -47.26
N ASP A 431 -26.68 -9.54 -47.70
CA ASP A 431 -26.79 -10.49 -48.79
C ASP A 431 -27.82 -11.57 -48.45
N TYR A 432 -27.75 -12.07 -47.22
CA TYR A 432 -28.69 -13.06 -46.74
C TYR A 432 -30.12 -12.49 -46.70
N GLU A 433 -30.22 -11.20 -46.41
CA GLU A 433 -31.52 -10.54 -46.31
C GLU A 433 -32.17 -10.41 -47.69
N GLU A 434 -31.39 -9.96 -48.67
CA GLU A 434 -31.92 -9.78 -50.02
C GLU A 434 -32.48 -11.08 -50.58
N VAL A 435 -31.74 -12.17 -50.38
CA VAL A 435 -32.14 -13.48 -50.88
C VAL A 435 -33.27 -14.07 -50.05
N GLY A 436 -33.25 -13.80 -48.75
CA GLY A 436 -34.14 -14.46 -47.81
C GLY A 436 -35.56 -13.92 -47.75
N VAL A 437 -35.71 -12.61 -47.94
CA VAL A 437 -37.02 -11.97 -47.85
C VAL A 437 -37.28 -11.09 -49.07
N ARG B 2 5.44 -24.88 -20.31
CA ARG B 2 5.48 -23.47 -19.99
C ARG B 2 5.93 -23.24 -18.55
N GLU B 3 7.17 -22.79 -18.38
CA GLU B 3 7.73 -22.59 -17.04
C GLU B 3 7.42 -21.21 -16.48
N ILE B 4 7.20 -21.15 -15.16
CA ILE B 4 7.02 -19.89 -14.45
C ILE B 4 8.16 -19.70 -13.46
N VAL B 5 8.75 -18.50 -13.46
CA VAL B 5 9.82 -18.16 -12.53
C VAL B 5 9.25 -17.39 -11.34
N HIS B 6 9.30 -18.01 -10.17
CA HIS B 6 8.80 -17.38 -8.95
C HIS B 6 9.86 -16.51 -8.28
N ILE B 7 9.42 -15.36 -7.78
CA ILE B 7 10.28 -14.47 -7.01
C ILE B 7 9.53 -14.01 -5.77
N GLN B 8 10.24 -13.93 -4.65
CA GLN B 8 9.64 -13.44 -3.41
C GLN B 8 10.59 -12.45 -2.74
N ALA B 9 10.08 -11.24 -2.52
CA ALA B 9 10.90 -10.13 -2.04
C ALA B 9 10.43 -9.59 -0.70
N GLY B 10 11.37 -9.41 0.22
CA GLY B 10 11.08 -8.79 1.50
C GLY B 10 10.57 -9.77 2.55
N GLN B 11 10.23 -9.22 3.72
CA GLN B 11 9.74 -10.02 4.83
C GLN B 11 8.43 -10.71 4.49
N CYS B 12 7.44 -9.92 4.11
CA CYS B 12 6.12 -10.44 3.77
C CYS B 12 6.19 -11.41 2.60
N GLY B 13 6.80 -10.95 1.51
CA GLY B 13 6.91 -11.74 0.30
C GLY B 13 7.51 -13.12 0.51
N ASN B 14 8.54 -13.19 1.35
CA ASN B 14 9.21 -14.45 1.63
C ASN B 14 8.41 -15.35 2.57
N GLN B 15 7.63 -14.73 3.45
CA GLN B 15 6.86 -15.48 4.43
C GLN B 15 5.61 -16.10 3.80
N ILE B 16 4.97 -15.38 2.88
CA ILE B 16 3.85 -15.94 2.13
C ILE B 16 4.38 -16.81 1.01
N GLY B 17 5.53 -16.44 0.47
CA GLY B 17 6.17 -17.20 -0.59
C GLY B 17 6.60 -18.57 -0.09
N ALA B 18 7.14 -18.61 1.13
CA ALA B 18 7.55 -19.87 1.73
C ALA B 18 6.33 -20.73 2.06
N LYS B 19 5.28 -20.07 2.55
CA LYS B 19 4.04 -20.77 2.87
C LYS B 19 3.40 -21.31 1.60
N PHE B 20 3.54 -20.57 0.51
CA PHE B 20 2.99 -20.98 -0.77
C PHE B 20 3.64 -22.27 -1.26
N TRP B 21 4.97 -22.30 -1.25
CA TRP B 21 5.70 -23.48 -1.69
C TRP B 21 5.45 -24.66 -0.76
N GLU B 22 5.16 -24.37 0.50
CA GLU B 22 4.82 -25.41 1.46
C GLU B 22 3.50 -26.08 1.08
N VAL B 23 2.49 -25.26 0.79
CA VAL B 23 1.16 -25.76 0.48
C VAL B 23 1.12 -26.57 -0.80
N ILE B 24 1.58 -25.98 -1.91
CA ILE B 24 1.44 -26.63 -3.21
C ILE B 24 2.38 -27.84 -3.34
N SER B 25 3.47 -27.84 -2.58
CA SER B 25 4.39 -28.97 -2.58
C SER B 25 3.69 -30.20 -2.04
N ASP B 26 2.80 -29.99 -1.07
CA ASP B 26 2.00 -31.07 -0.53
C ASP B 26 0.97 -31.54 -1.54
N GLU B 27 0.42 -30.58 -2.30
CA GLU B 27 -0.57 -30.90 -3.32
C GLU B 27 0.05 -31.67 -4.48
N HIS B 28 1.31 -31.37 -4.77
CA HIS B 28 2.03 -32.05 -5.85
C HIS B 28 2.79 -33.27 -5.34
N GLY B 29 2.58 -33.60 -4.07
CA GLY B 29 3.17 -34.79 -3.47
C GLY B 29 4.68 -34.70 -3.29
N ILE B 30 5.20 -33.48 -3.20
CA ILE B 30 6.62 -33.27 -2.99
C ILE B 30 6.91 -33.04 -1.50
N ASP B 31 7.96 -33.70 -0.99
CA ASP B 31 8.33 -33.59 0.41
C ASP B 31 9.45 -32.56 0.59
N PRO B 32 9.75 -32.17 1.83
CA PRO B 32 10.83 -31.22 2.10
C PRO B 32 12.18 -31.64 1.53
N THR B 33 12.33 -32.94 1.26
CA THR B 33 13.58 -33.46 0.69
C THR B 33 13.67 -33.17 -0.80
N GLY B 34 12.51 -32.96 -1.42
CA GLY B 34 12.43 -32.71 -2.85
C GLY B 34 12.09 -33.96 -3.64
N SER B 35 11.61 -34.98 -2.93
CA SER B 35 11.24 -36.26 -3.54
C SER B 35 9.73 -36.40 -3.65
N TYR B 36 9.28 -37.03 -4.73
CA TYR B 36 7.85 -37.26 -4.94
C TYR B 36 7.36 -38.50 -4.20
N HIS B 37 6.23 -38.36 -3.52
CA HIS B 37 5.60 -39.47 -2.81
C HIS B 37 4.08 -39.33 -2.86
N GLY B 38 3.54 -39.29 -4.07
CA GLY B 38 2.11 -39.18 -4.29
C GLY B 38 1.55 -40.45 -4.89
N ASP B 39 0.24 -40.45 -5.13
CA ASP B 39 -0.46 -41.63 -5.64
C ASP B 39 -1.07 -41.39 -7.02
N SER B 40 -1.30 -40.12 -7.35
CA SER B 40 -1.92 -39.75 -8.62
C SER B 40 -0.92 -39.15 -9.61
N ASP B 41 -1.14 -39.41 -10.89
CA ASP B 41 -0.30 -38.87 -11.95
C ASP B 41 -0.74 -37.45 -12.32
N LEU B 42 -1.92 -37.05 -11.84
CA LEU B 42 -2.41 -35.70 -12.05
C LEU B 42 -1.49 -34.68 -11.40
N GLN B 43 -0.72 -35.13 -10.42
CA GLN B 43 0.16 -34.26 -9.66
C GLN B 43 1.44 -33.88 -10.42
N LEU B 44 1.87 -34.75 -11.33
CA LEU B 44 3.16 -34.61 -11.99
C LEU B 44 3.05 -34.23 -13.47
N GLU B 45 1.83 -34.09 -13.97
CA GLU B 45 1.63 -33.81 -15.39
C GLU B 45 2.16 -32.43 -15.76
N ARG B 46 1.81 -31.42 -14.96
CA ARG B 46 2.25 -30.04 -15.21
C ARG B 46 3.09 -29.50 -14.05
N ILE B 47 3.83 -30.38 -13.39
CA ILE B 47 4.65 -29.95 -12.25
C ILE B 47 5.85 -29.14 -12.71
N ASN B 48 6.15 -29.19 -14.01
CA ASN B 48 7.27 -28.46 -14.58
C ASN B 48 7.04 -26.95 -14.62
N VAL B 49 5.78 -26.54 -14.45
CA VAL B 49 5.43 -25.13 -14.48
C VAL B 49 6.13 -24.36 -13.36
N TYR B 50 6.28 -25.00 -12.21
CA TYR B 50 6.85 -24.36 -11.03
C TYR B 50 8.13 -25.04 -10.55
N TYR B 51 8.29 -26.32 -10.84
CA TYR B 51 9.43 -27.09 -10.34
C TYR B 51 10.42 -27.46 -11.44
N ASN B 52 11.71 -27.28 -11.14
CA ASN B 52 12.78 -27.81 -11.99
C ASN B 52 13.12 -29.22 -11.57
N GLU B 53 13.27 -30.11 -12.55
CA GLU B 53 13.59 -31.51 -12.28
C GLU B 53 15.09 -31.74 -12.35
N ALA B 54 15.62 -32.41 -11.33
CA ALA B 54 17.04 -32.76 -11.28
C ALA B 54 17.21 -34.27 -11.35
N THR B 55 18.46 -34.72 -11.32
CA THR B 55 18.75 -36.15 -11.40
C THR B 55 18.24 -36.87 -10.17
N GLY B 56 17.82 -38.12 -10.34
CA GLY B 56 17.23 -38.90 -9.26
C GLY B 56 15.79 -38.47 -9.04
N ASN B 57 15.21 -37.80 -10.04
CA ASN B 57 13.85 -37.29 -9.95
C ASN B 57 13.64 -36.41 -8.72
N LYS B 58 14.51 -35.42 -8.57
CA LYS B 58 14.40 -34.43 -7.50
C LYS B 58 13.78 -33.16 -8.06
N TYR B 59 12.71 -32.69 -7.41
CA TYR B 59 12.00 -31.49 -7.87
C TYR B 59 12.37 -30.28 -7.02
N VAL B 60 12.97 -29.29 -7.67
CA VAL B 60 13.40 -28.07 -7.00
C VAL B 60 12.58 -26.88 -7.49
N PRO B 61 11.98 -26.12 -6.54
CA PRO B 61 11.22 -24.92 -6.94
C PRO B 61 12.01 -23.96 -7.81
N ARG B 62 11.38 -23.45 -8.86
CA ARG B 62 12.00 -22.43 -9.70
C ARG B 62 11.79 -21.08 -9.04
N ALA B 63 12.27 -20.96 -7.81
CA ALA B 63 12.01 -19.81 -6.96
C ALA B 63 13.28 -19.04 -6.62
N ILE B 64 13.15 -17.71 -6.55
CA ILE B 64 14.25 -16.83 -6.18
C ILE B 64 13.85 -16.02 -4.96
N LEU B 65 14.63 -16.16 -3.88
CA LEU B 65 14.34 -15.48 -2.63
C LEU B 65 15.20 -14.24 -2.48
N VAL B 66 14.54 -13.09 -2.35
CA VAL B 66 15.21 -11.80 -2.29
C VAL B 66 14.84 -11.05 -1.01
N ASP B 67 15.82 -10.36 -0.42
CA ASP B 67 15.59 -9.51 0.74
C ASP B 67 16.83 -8.67 1.02
N LEU B 68 16.64 -7.45 1.51
CA LEU B 68 17.77 -6.58 1.81
C LEU B 68 18.34 -6.84 3.20
N GLU B 69 17.71 -7.75 3.95
CA GLU B 69 18.25 -8.22 5.22
C GLU B 69 18.08 -9.73 5.31
N PRO B 70 19.02 -10.43 5.97
CA PRO B 70 19.00 -11.89 6.01
C PRO B 70 18.07 -12.46 7.09
N GLY B 71 17.44 -11.59 7.88
CA GLY B 71 16.61 -12.02 8.98
C GLY B 71 15.51 -12.98 8.58
N THR B 72 14.62 -12.54 7.70
CA THR B 72 13.47 -13.34 7.31
C THR B 72 13.88 -14.56 6.48
N MET B 73 14.86 -14.37 5.59
CA MET B 73 15.28 -15.44 4.70
C MET B 73 15.96 -16.57 5.46
N ASP B 74 16.60 -16.25 6.57
CA ASP B 74 17.21 -17.27 7.42
C ASP B 74 16.12 -18.10 8.10
N SER B 75 14.99 -17.46 8.41
CA SER B 75 13.86 -18.15 9.01
C SER B 75 13.25 -19.14 8.01
N VAL B 76 13.22 -18.73 6.75
CA VAL B 76 12.71 -19.59 5.69
C VAL B 76 13.58 -20.84 5.55
N ARG B 77 14.88 -20.63 5.52
CA ARG B 77 15.84 -21.71 5.32
C ARG B 77 15.82 -22.73 6.46
N SER B 78 15.35 -22.29 7.62
CA SER B 78 15.20 -23.16 8.78
C SER B 78 13.77 -23.66 8.92
N GLY B 79 12.87 -23.12 8.08
CA GLY B 79 11.47 -23.50 8.12
C GLY B 79 11.24 -24.92 7.65
N PRO B 80 9.98 -25.36 7.65
CA PRO B 80 9.57 -26.72 7.26
C PRO B 80 10.17 -27.17 5.93
N PHE B 81 9.83 -26.48 4.85
CA PHE B 81 10.31 -26.83 3.51
C PHE B 81 11.54 -26.01 3.12
N GLY B 82 12.19 -25.41 4.10
CA GLY B 82 13.30 -24.52 3.85
C GLY B 82 14.43 -25.12 3.03
N GLN B 83 14.57 -26.44 3.09
CA GLN B 83 15.70 -27.12 2.46
C GLN B 83 15.45 -27.38 0.97
N ILE B 84 14.19 -27.34 0.54
CA ILE B 84 13.86 -27.67 -0.85
C ILE B 84 14.43 -26.63 -1.81
N PHE B 85 14.50 -25.39 -1.37
CA PHE B 85 14.92 -24.28 -2.22
C PHE B 85 16.39 -24.41 -2.63
N ARG B 86 16.66 -24.09 -3.90
CA ARG B 86 18.02 -24.05 -4.41
C ARG B 86 18.81 -22.98 -3.66
N PRO B 87 19.90 -23.38 -2.96
CA PRO B 87 20.61 -22.43 -2.10
C PRO B 87 21.20 -21.24 -2.85
N ASP B 88 21.56 -21.43 -4.11
CA ASP B 88 22.15 -20.34 -4.91
C ASP B 88 21.13 -19.25 -5.22
N ASN B 89 19.83 -19.58 -5.07
CA ASN B 89 18.78 -18.62 -5.34
C ASN B 89 18.50 -17.71 -4.15
N PHE B 90 19.23 -17.92 -3.05
CA PHE B 90 19.15 -17.03 -1.90
C PHE B 90 20.03 -15.81 -2.11
N VAL B 91 19.41 -14.72 -2.56
CA VAL B 91 20.13 -13.47 -2.82
C VAL B 91 19.70 -12.42 -1.80
N PHE B 92 20.65 -11.93 -1.00
CA PHE B 92 20.31 -11.00 0.06
C PHE B 92 21.42 -10.00 0.38
N GLY B 93 21.01 -8.86 0.93
CA GLY B 93 21.93 -7.84 1.41
C GLY B 93 22.08 -7.91 2.92
N GLN B 94 22.36 -6.77 3.54
CA GLN B 94 22.58 -6.71 4.98
C GLN B 94 21.98 -5.46 5.63
N SER B 95 21.81 -4.41 4.84
CA SER B 95 21.42 -3.11 5.38
C SER B 95 19.94 -3.03 5.75
N GLY B 96 19.09 -3.69 4.97
CA GLY B 96 17.66 -3.56 5.14
C GLY B 96 17.17 -2.27 4.49
N ALA B 97 15.85 -2.10 4.42
CA ALA B 97 15.26 -0.94 3.74
C ALA B 97 14.52 -0.02 4.72
N GLY B 98 14.38 -0.45 5.96
CA GLY B 98 13.72 0.35 6.98
C GLY B 98 12.36 0.87 6.56
N ASN B 99 11.58 0.02 5.91
CA ASN B 99 10.25 0.38 5.42
C ASN B 99 10.28 1.63 4.54
N ASN B 100 11.38 1.79 3.80
CA ASN B 100 11.56 2.95 2.93
C ASN B 100 11.57 2.53 1.46
N TRP B 101 10.59 3.00 0.71
CA TRP B 101 10.47 2.68 -0.72
C TRP B 101 11.68 3.19 -1.49
N ALA B 102 12.14 4.38 -1.14
CA ALA B 102 13.28 5.00 -1.79
C ALA B 102 14.52 4.13 -1.65
N LYS B 103 14.74 3.61 -0.44
CA LYS B 103 15.90 2.77 -0.18
C LYS B 103 15.87 1.51 -1.04
N GLY B 104 14.70 0.90 -1.16
CA GLY B 104 14.54 -0.33 -1.89
C GLY B 104 14.61 -0.15 -3.39
N HIS B 105 14.23 1.02 -3.88
CA HIS B 105 14.10 1.26 -5.31
C HIS B 105 15.27 2.01 -5.93
N TYR B 106 15.93 2.87 -5.15
CA TYR B 106 16.89 3.81 -5.69
C TYR B 106 18.32 3.67 -5.15
N THR B 107 18.46 3.37 -3.86
CA THR B 107 19.78 3.31 -3.24
C THR B 107 20.17 1.89 -2.83
N GLU B 108 19.61 1.43 -1.71
CA GLU B 108 19.99 0.14 -1.13
C GLU B 108 19.71 -1.02 -2.09
N GLY B 109 18.57 -0.98 -2.76
CA GLY B 109 18.15 -2.07 -3.62
C GLY B 109 18.84 -2.09 -4.98
N ALA B 110 19.12 -0.89 -5.51
CA ALA B 110 19.82 -0.78 -6.78
C ALA B 110 21.19 -1.43 -6.71
N GLU B 111 21.75 -1.48 -5.49
CA GLU B 111 23.05 -2.08 -5.26
C GLU B 111 22.99 -3.61 -5.34
N LEU B 112 21.79 -4.16 -5.18
CA LEU B 112 21.61 -5.61 -5.08
C LEU B 112 20.87 -6.20 -6.28
N VAL B 113 20.16 -5.36 -7.02
CA VAL B 113 19.25 -5.84 -8.07
C VAL B 113 19.97 -6.65 -9.16
N ASP B 114 21.19 -6.25 -9.50
CA ASP B 114 21.95 -6.93 -10.56
C ASP B 114 22.24 -8.37 -10.18
N SER B 115 22.49 -8.61 -8.90
CA SER B 115 22.76 -9.96 -8.41
C SER B 115 21.54 -10.84 -8.56
N VAL B 116 20.37 -10.25 -8.38
CA VAL B 116 19.10 -10.99 -8.51
C VAL B 116 18.87 -11.36 -9.96
N LEU B 117 19.04 -10.39 -10.86
CA LEU B 117 18.78 -10.59 -12.28
C LEU B 117 19.71 -11.64 -12.89
N ASP B 118 20.85 -11.88 -12.25
CA ASP B 118 21.75 -12.93 -12.72
C ASP B 118 21.16 -14.30 -12.40
N VAL B 119 20.44 -14.39 -11.29
CA VAL B 119 19.76 -15.63 -10.92
C VAL B 119 18.55 -15.85 -11.80
N VAL B 120 17.81 -14.78 -12.05
CA VAL B 120 16.64 -14.83 -12.93
C VAL B 120 17.05 -15.30 -14.31
N ARG B 121 18.18 -14.79 -14.78
CA ARG B 121 18.69 -15.13 -16.11
C ARG B 121 19.12 -16.59 -16.17
N LYS B 122 19.70 -17.08 -15.08
CA LYS B 122 20.19 -18.46 -15.03
C LYS B 122 19.03 -19.46 -15.06
N GLU B 123 17.93 -19.09 -14.42
CA GLU B 123 16.73 -19.93 -14.43
C GLU B 123 16.05 -19.89 -15.79
N SER B 124 15.90 -18.69 -16.33
CA SER B 124 15.19 -18.48 -17.59
C SER B 124 15.82 -19.24 -18.75
N GLU B 125 17.14 -19.40 -18.71
CA GLU B 125 17.87 -20.07 -19.79
C GLU B 125 17.62 -21.57 -19.79
N SER B 126 17.22 -22.10 -18.64
CA SER B 126 16.91 -23.53 -18.51
C SER B 126 15.50 -23.83 -19.01
N CYS B 127 14.66 -22.79 -19.05
CA CYS B 127 13.27 -22.96 -19.45
C CYS B 127 13.13 -23.34 -20.92
N ASP B 128 12.31 -24.35 -21.19
CA ASP B 128 12.01 -24.75 -22.56
C ASP B 128 11.18 -23.67 -23.24
N CYS B 129 10.23 -23.11 -22.49
CA CYS B 129 9.37 -22.05 -23.00
C CYS B 129 8.82 -21.21 -21.85
N LEU B 130 9.65 -20.32 -21.33
CA LEU B 130 9.25 -19.41 -20.25
C LEU B 130 8.02 -18.60 -20.64
N GLN B 131 6.97 -18.69 -19.84
CA GLN B 131 5.74 -17.94 -20.10
C GLN B 131 5.71 -16.63 -19.33
N GLY B 132 6.39 -16.58 -18.20
CA GLY B 132 6.46 -15.36 -17.43
C GLY B 132 6.98 -15.51 -16.01
N PHE B 133 6.69 -14.50 -15.19
CA PHE B 133 7.16 -14.45 -13.81
C PHE B 133 5.99 -14.20 -12.86
N GLN B 134 6.13 -14.63 -11.61
CA GLN B 134 5.19 -14.25 -10.57
C GLN B 134 5.96 -13.78 -9.32
N LEU B 135 5.54 -12.65 -8.78
CA LEU B 135 6.19 -12.04 -7.62
C LEU B 135 5.27 -12.06 -6.41
N THR B 136 5.85 -12.28 -5.24
CA THR B 136 5.14 -12.16 -3.97
C THR B 136 5.83 -11.12 -3.11
N HIS B 137 5.06 -10.13 -2.66
CA HIS B 137 5.63 -9.02 -1.90
C HIS B 137 4.53 -8.15 -1.29
N SER B 138 4.93 -7.33 -0.33
CA SER B 138 4.05 -6.31 0.24
C SER B 138 4.35 -4.97 -0.42
N LEU B 139 3.41 -4.04 -0.32
CA LEU B 139 3.57 -2.71 -0.89
C LEU B 139 3.78 -1.67 0.20
N GLY B 140 3.73 -2.10 1.45
CA GLY B 140 3.84 -1.19 2.58
C GLY B 140 5.25 -1.04 3.11
N GLY B 141 6.11 -2.01 2.79
CA GLY B 141 7.48 -1.99 3.25
C GLY B 141 8.41 -1.25 2.31
N GLY B 142 9.70 -1.57 2.38
CA GLY B 142 10.71 -0.92 1.57
C GLY B 142 11.31 -1.85 0.53
N THR B 143 11.67 -3.06 0.95
CA THR B 143 12.30 -4.02 0.05
C THR B 143 11.30 -4.57 -0.95
N GLY B 144 10.32 -5.31 -0.45
CA GLY B 144 9.32 -5.94 -1.30
C GLY B 144 8.58 -4.93 -2.15
N SER B 145 8.37 -3.74 -1.62
CA SER B 145 7.67 -2.68 -2.33
C SER B 145 8.63 -1.92 -3.25
N GLY B 146 9.69 -1.38 -2.68
CA GLY B 146 10.63 -0.57 -3.43
C GLY B 146 11.46 -1.39 -4.41
N MET B 147 12.14 -2.41 -3.91
CA MET B 147 13.03 -3.22 -4.75
C MET B 147 12.23 -4.18 -5.64
N GLY B 148 11.06 -4.60 -5.17
CA GLY B 148 10.20 -5.48 -5.93
C GLY B 148 9.79 -4.83 -7.24
N THR B 149 9.32 -3.58 -7.17
CA THR B 149 8.90 -2.85 -8.36
C THR B 149 10.09 -2.51 -9.25
N LEU B 150 11.27 -2.41 -8.65
CA LEU B 150 12.48 -2.15 -9.41
C LEU B 150 12.84 -3.39 -10.24
N LEU B 151 12.73 -4.56 -9.62
CA LEU B 151 12.97 -5.82 -10.29
C LEU B 151 12.01 -5.98 -11.47
N ILE B 152 10.72 -5.73 -11.21
CA ILE B 152 9.70 -5.84 -12.23
C ILE B 152 10.02 -4.96 -13.44
N SER B 153 10.49 -3.75 -13.18
CA SER B 153 10.83 -2.82 -14.25
C SER B 153 12.01 -3.32 -15.07
N LYS B 154 12.98 -3.91 -14.38
CA LYS B 154 14.18 -4.40 -15.05
C LYS B 154 13.96 -5.76 -15.70
N ILE B 155 13.01 -6.53 -15.19
CA ILE B 155 12.64 -7.79 -15.80
C ILE B 155 11.91 -7.53 -17.11
N ARG B 156 11.03 -6.53 -17.11
CA ARG B 156 10.29 -6.17 -18.31
C ARG B 156 11.24 -5.69 -19.41
N GLU B 157 12.34 -5.06 -19.01
CA GLU B 157 13.30 -4.53 -19.97
C GLU B 157 14.05 -5.66 -20.67
N GLU B 158 14.30 -6.75 -19.94
CA GLU B 158 15.05 -7.89 -20.46
C GLU B 158 14.12 -8.98 -20.99
N TYR B 159 12.86 -8.94 -20.56
CA TYR B 159 11.86 -9.90 -21.00
C TYR B 159 10.54 -9.20 -21.30
N PRO B 160 10.54 -8.29 -22.27
CA PRO B 160 9.36 -7.46 -22.57
C PRO B 160 8.20 -8.23 -23.19
N ASP B 161 8.46 -9.44 -23.68
CA ASP B 161 7.42 -10.27 -24.30
C ASP B 161 7.01 -11.42 -23.39
N ARG B 162 7.24 -11.27 -22.09
CA ARG B 162 6.84 -12.25 -21.09
C ARG B 162 5.81 -11.63 -20.15
N ILE B 163 4.94 -12.48 -19.60
CA ILE B 163 3.90 -12.01 -18.68
C ILE B 163 4.49 -11.76 -17.30
N MET B 164 4.04 -10.67 -16.67
CA MET B 164 4.43 -10.35 -15.30
C MET B 164 3.21 -10.45 -14.39
N ASN B 165 3.26 -11.38 -13.45
CA ASN B 165 2.20 -11.57 -12.46
C ASN B 165 2.71 -11.20 -11.07
N THR B 166 1.82 -10.77 -10.19
CA THR B 166 2.21 -10.41 -8.83
C THR B 166 1.13 -10.74 -7.80
N PHE B 167 1.57 -11.15 -6.62
CA PHE B 167 0.71 -11.25 -5.44
C PHE B 167 1.08 -10.12 -4.50
N SER B 168 0.37 -9.00 -4.63
CA SER B 168 0.71 -7.78 -3.89
C SER B 168 -0.14 -7.62 -2.64
N VAL B 169 0.51 -7.66 -1.48
CA VAL B 169 -0.18 -7.44 -0.22
C VAL B 169 -0.32 -5.96 0.09
N MET B 170 -1.57 -5.50 0.21
CA MET B 170 -1.84 -4.09 0.49
C MET B 170 -1.76 -3.80 1.98
N PRO B 171 -1.25 -2.62 2.36
CA PRO B 171 -1.18 -2.26 3.77
C PRO B 171 -2.54 -1.81 4.33
N SER B 172 -2.67 -1.84 5.65
CA SER B 172 -3.90 -1.39 6.31
C SER B 172 -3.59 -0.92 7.73
N PRO B 173 -4.22 0.18 8.17
CA PRO B 173 -4.02 0.64 9.56
C PRO B 173 -4.36 -0.43 10.60
N LYS B 174 -5.31 -1.30 10.26
CA LYS B 174 -5.71 -2.37 11.16
C LYS B 174 -4.57 -3.36 11.38
N VAL B 175 -3.65 -3.40 10.42
CA VAL B 175 -2.47 -4.25 10.49
C VAL B 175 -1.27 -3.47 9.98
N SER B 176 -0.78 -2.54 10.79
CA SER B 176 0.21 -1.56 10.35
C SER B 176 1.53 -1.68 11.09
N ASP B 177 2.62 -1.59 10.34
CA ASP B 177 3.96 -1.58 10.90
C ASP B 177 4.43 -0.14 11.12
N THR B 178 4.19 0.71 10.12
CA THR B 178 4.61 2.10 10.18
C THR B 178 3.57 3.02 9.56
N VAL B 179 3.78 4.32 9.71
CA VAL B 179 2.84 5.32 9.21
C VAL B 179 3.08 5.66 7.74
N VAL B 180 4.23 5.25 7.21
CA VAL B 180 4.64 5.60 5.85
C VAL B 180 4.24 4.53 4.83
N GLU B 181 3.35 3.62 5.22
CA GLU B 181 2.91 2.55 4.33
C GLU B 181 2.08 3.08 3.16
N PRO B 182 1.19 4.05 3.39
CA PRO B 182 0.45 4.65 2.27
C PRO B 182 1.38 5.27 1.22
N TYR B 183 2.49 5.85 1.66
CA TYR B 183 3.48 6.39 0.73
C TYR B 183 4.08 5.27 -0.14
N ASN B 184 4.58 4.23 0.53
CA ASN B 184 5.21 3.12 -0.17
C ASN B 184 4.24 2.41 -1.11
N ALA B 185 2.98 2.32 -0.70
CA ALA B 185 1.96 1.65 -1.49
C ALA B 185 1.64 2.44 -2.75
N THR B 186 1.37 3.74 -2.59
CA THR B 186 1.03 4.60 -3.71
C THR B 186 2.15 4.61 -4.76
N LEU B 187 3.39 4.67 -4.29
CA LEU B 187 4.54 4.65 -5.18
C LEU B 187 4.63 3.33 -5.93
N SER B 188 4.20 2.26 -5.27
CA SER B 188 4.27 0.92 -5.86
C SER B 188 3.13 0.67 -6.85
N VAL B 189 1.93 1.12 -6.52
CA VAL B 189 0.78 0.98 -7.42
C VAL B 189 1.10 1.63 -8.76
N HIS B 190 1.72 2.80 -8.71
CA HIS B 190 2.16 3.52 -9.89
C HIS B 190 3.00 2.60 -10.79
N GLN B 191 3.85 1.80 -10.17
CA GLN B 191 4.71 0.88 -10.89
C GLN B 191 3.94 -0.33 -11.42
N LEU B 192 2.99 -0.81 -10.63
CA LEU B 192 2.24 -2.02 -10.98
C LEU B 192 1.28 -1.75 -12.14
N VAL B 193 0.68 -0.57 -12.17
CA VAL B 193 -0.25 -0.21 -13.24
C VAL B 193 0.44 -0.28 -14.60
N GLU B 194 1.74 -0.01 -14.62
CA GLU B 194 2.48 0.10 -15.87
C GLU B 194 3.18 -1.20 -16.28
N ASN B 195 3.74 -1.91 -15.31
CA ASN B 195 4.67 -3.00 -15.59
C ASN B 195 4.19 -4.41 -15.19
N THR B 196 2.88 -4.57 -15.01
CA THR B 196 2.31 -5.89 -14.74
C THR B 196 1.08 -6.14 -15.61
N ASP B 197 0.83 -7.41 -15.92
CA ASP B 197 -0.35 -7.81 -16.67
C ASP B 197 -1.42 -8.35 -15.72
N GLU B 198 -0.98 -8.82 -14.55
CA GLU B 198 -1.86 -9.45 -13.58
C GLU B 198 -1.39 -9.19 -12.16
N THR B 199 -2.28 -8.66 -11.32
CA THR B 199 -1.97 -8.41 -9.92
C THR B 199 -3.13 -8.82 -9.03
N TYR B 200 -2.87 -9.78 -8.15
CA TYR B 200 -3.85 -10.21 -7.15
C TYR B 200 -3.77 -9.30 -5.93
N CYS B 201 -4.79 -8.45 -5.76
CA CYS B 201 -4.82 -7.51 -4.65
C CYS B 201 -5.22 -8.20 -3.36
N ILE B 202 -4.24 -8.40 -2.49
CA ILE B 202 -4.46 -9.06 -1.21
C ILE B 202 -4.42 -8.03 -0.08
N ASP B 203 -5.61 -7.57 0.31
CA ASP B 203 -5.73 -6.52 1.32
C ASP B 203 -5.61 -7.11 2.72
N ASN B 204 -4.67 -6.58 3.50
CA ASN B 204 -4.51 -6.98 4.89
C ASN B 204 -5.70 -6.59 5.74
N GLU B 205 -6.43 -5.56 5.29
CA GLU B 205 -7.64 -5.13 5.96
C GLU B 205 -8.68 -6.25 5.90
N ALA B 206 -8.84 -6.82 4.71
CA ALA B 206 -9.80 -7.90 4.49
C ALA B 206 -9.38 -9.15 5.26
N LEU B 207 -8.09 -9.48 5.20
CA LEU B 207 -7.59 -10.68 5.87
C LEU B 207 -7.78 -10.57 7.39
N TYR B 208 -7.72 -9.34 7.91
CA TYR B 208 -7.95 -9.13 9.33
C TYR B 208 -9.42 -9.25 9.67
N ASP B 209 -10.26 -8.51 8.96
CA ASP B 209 -11.70 -8.53 9.19
C ASP B 209 -12.26 -9.93 9.10
N ILE B 210 -11.75 -10.72 8.16
CA ILE B 210 -12.18 -12.11 8.00
C ILE B 210 -11.79 -12.91 9.24
N CYS B 211 -10.54 -12.75 9.70
CA CYS B 211 -10.08 -13.46 10.87
C CYS B 211 -10.84 -13.03 12.13
N PHE B 212 -11.19 -11.75 12.20
CA PHE B 212 -11.88 -11.20 13.37
C PHE B 212 -13.38 -11.47 13.30
N ARG B 213 -14.03 -10.89 12.29
CA ARG B 213 -15.49 -10.96 12.18
C ARG B 213 -15.99 -12.39 11.93
N THR B 214 -15.42 -13.03 10.91
CA THR B 214 -15.93 -14.33 10.46
C THR B 214 -15.36 -15.50 11.27
N LEU B 215 -14.04 -15.63 11.27
CA LEU B 215 -13.38 -16.78 11.90
C LEU B 215 -13.34 -16.65 13.42
N LYS B 216 -13.77 -15.51 13.93
CA LYS B 216 -13.85 -15.27 15.37
C LYS B 216 -12.50 -15.45 16.06
N LEU B 217 -11.47 -14.85 15.48
CA LEU B 217 -10.16 -14.79 16.10
C LEU B 217 -9.96 -13.42 16.73
N THR B 218 -9.94 -13.40 18.06
CA THR B 218 -9.88 -12.15 18.81
C THR B 218 -8.69 -11.27 18.41
N THR B 219 -7.52 -11.90 18.27
CA THR B 219 -6.30 -11.20 17.90
C THR B 219 -5.52 -11.99 16.86
N PRO B 220 -5.81 -11.76 15.57
CA PRO B 220 -5.13 -12.51 14.50
C PRO B 220 -3.69 -12.08 14.30
N THR B 221 -2.81 -13.05 14.08
CA THR B 221 -1.40 -12.80 13.82
C THR B 221 -1.11 -12.88 12.33
N TYR B 222 0.11 -12.53 11.92
CA TYR B 222 0.51 -12.63 10.53
C TYR B 222 0.42 -14.07 10.05
N GLY B 223 0.51 -15.02 10.98
CA GLY B 223 0.36 -16.43 10.64
C GLY B 223 -1.07 -16.77 10.29
N ASP B 224 -2.01 -16.19 11.04
CA ASP B 224 -3.43 -16.39 10.76
C ASP B 224 -3.78 -15.77 9.42
N LEU B 225 -3.24 -14.57 9.16
CA LEU B 225 -3.45 -13.88 7.91
C LEU B 225 -2.90 -14.69 6.73
N ASN B 226 -1.77 -15.35 6.95
CA ASN B 226 -1.09 -16.09 5.88
C ASN B 226 -1.71 -17.44 5.59
N HIS B 227 -2.58 -17.91 6.48
CA HIS B 227 -3.34 -19.12 6.21
C HIS B 227 -4.32 -18.85 5.06
N LEU B 228 -4.89 -17.66 5.07
CA LEU B 228 -5.82 -17.24 4.03
C LEU B 228 -5.10 -17.00 2.70
N VAL B 229 -3.91 -16.41 2.78
CA VAL B 229 -3.15 -16.08 1.58
C VAL B 229 -2.71 -17.34 0.84
N SER B 230 -2.12 -18.28 1.58
CA SER B 230 -1.62 -19.50 0.97
C SER B 230 -2.77 -20.33 0.39
N ALA B 231 -3.94 -20.24 1.01
CA ALA B 231 -5.12 -20.93 0.52
C ALA B 231 -5.56 -20.31 -0.81
N THR B 232 -5.57 -18.98 -0.85
CA THR B 232 -5.95 -18.25 -2.06
C THR B 232 -4.92 -18.46 -3.15
N MET B 233 -3.64 -18.34 -2.79
CA MET B 233 -2.55 -18.49 -3.76
C MET B 233 -2.58 -19.86 -4.43
N SER B 234 -2.90 -20.89 -3.65
CA SER B 234 -2.99 -22.24 -4.19
C SER B 234 -4.14 -22.34 -5.18
N GLY B 235 -5.25 -21.69 -4.86
CA GLY B 235 -6.45 -21.75 -5.67
C GLY B 235 -6.32 -21.06 -7.01
N VAL B 236 -5.81 -19.83 -7.01
CA VAL B 236 -5.72 -19.03 -8.22
C VAL B 236 -4.68 -19.58 -9.20
N THR B 237 -3.83 -20.47 -8.71
CA THR B 237 -2.79 -21.07 -9.54
C THR B 237 -3.11 -22.52 -9.88
N THR B 238 -4.28 -22.99 -9.45
CA THR B 238 -4.71 -24.36 -9.71
C THR B 238 -4.72 -24.67 -11.20
N CYS B 239 -5.37 -23.81 -11.97
CA CYS B 239 -5.50 -24.01 -13.41
C CYS B 239 -4.14 -24.01 -14.11
N LEU B 240 -3.13 -23.45 -13.44
CA LEU B 240 -1.78 -23.39 -13.99
C LEU B 240 -0.98 -24.63 -13.62
N ARG B 241 -1.33 -25.24 -12.50
CA ARG B 241 -0.54 -26.34 -11.94
C ARG B 241 -1.08 -27.73 -12.32
N PHE B 242 -2.32 -27.79 -12.80
CA PHE B 242 -2.94 -29.05 -13.17
C PHE B 242 -3.55 -28.97 -14.58
N PRO B 243 -3.66 -30.12 -15.27
CA PRO B 243 -4.20 -30.16 -16.62
C PRO B 243 -5.60 -29.56 -16.72
N GLY B 244 -5.77 -28.60 -17.62
CA GLY B 244 -7.05 -27.94 -17.80
C GLY B 244 -7.15 -27.22 -19.13
N GLN B 245 -8.35 -26.77 -19.46
CA GLN B 245 -8.62 -26.06 -20.71
C GLN B 245 -8.69 -24.55 -20.51
N LEU B 246 -9.19 -24.14 -19.35
CA LEU B 246 -9.45 -22.74 -19.05
C LEU B 246 -8.31 -22.08 -18.28
N ASN B 247 -7.77 -21.00 -18.84
CA ASN B 247 -6.72 -20.22 -18.19
C ASN B 247 -5.55 -21.08 -17.72
N ALA B 248 -5.07 -21.93 -18.61
CA ALA B 248 -4.02 -22.89 -18.27
C ALA B 248 -2.65 -22.21 -18.16
N ASP B 249 -2.49 -21.07 -18.82
CA ASP B 249 -1.23 -20.33 -18.78
C ASP B 249 -1.46 -18.87 -18.40
N LEU B 250 -0.37 -18.16 -18.13
CA LEU B 250 -0.45 -16.79 -17.65
C LEU B 250 -0.98 -15.83 -18.71
N ARG B 251 -0.70 -16.10 -19.98
CA ARG B 251 -1.11 -15.20 -21.04
C ARG B 251 -2.60 -15.32 -21.33
N LYS B 252 -3.08 -16.54 -21.54
CA LYS B 252 -4.50 -16.77 -21.82
C LYS B 252 -5.38 -16.24 -20.70
N LEU B 253 -4.87 -16.31 -19.47
CA LEU B 253 -5.57 -15.76 -18.32
C LEU B 253 -5.70 -14.25 -18.47
N ALA B 254 -4.60 -13.61 -18.87
CA ALA B 254 -4.57 -12.16 -19.03
C ALA B 254 -5.51 -11.72 -20.15
N VAL B 255 -5.57 -12.50 -21.22
CA VAL B 255 -6.43 -12.18 -22.35
C VAL B 255 -7.90 -12.23 -21.94
N ASN B 256 -8.23 -13.13 -21.03
CA ASN B 256 -9.60 -13.32 -20.60
C ASN B 256 -10.00 -12.46 -19.41
N MET B 257 -9.00 -11.91 -18.71
CA MET B 257 -9.25 -11.17 -17.48
C MET B 257 -9.04 -9.65 -17.62
N VAL B 258 -8.28 -9.25 -18.63
CA VAL B 258 -7.89 -7.85 -18.77
C VAL B 258 -8.45 -7.22 -20.06
N PRO B 259 -9.64 -6.61 -19.97
CA PRO B 259 -10.19 -5.92 -21.15
C PRO B 259 -9.43 -4.65 -21.50
N PHE B 260 -8.83 -4.03 -20.48
CA PHE B 260 -8.03 -2.83 -20.68
C PHE B 260 -6.73 -2.95 -19.88
N PRO B 261 -5.59 -2.58 -20.50
CA PRO B 261 -4.26 -2.92 -19.97
C PRO B 261 -4.00 -2.43 -18.54
N ARG B 262 -4.50 -1.25 -18.19
CA ARG B 262 -4.27 -0.70 -16.85
C ARG B 262 -5.17 -1.34 -15.81
N LEU B 263 -6.35 -1.79 -16.24
CA LEU B 263 -7.32 -2.41 -15.34
C LEU B 263 -7.06 -3.90 -15.20
N HIS B 264 -6.04 -4.25 -14.43
CA HIS B 264 -5.64 -5.65 -14.26
C HIS B 264 -5.38 -5.99 -12.80
N PHE B 265 -6.15 -5.38 -11.92
CA PHE B 265 -6.04 -5.62 -10.49
C PHE B 265 -7.25 -6.42 -10.00
N PHE B 266 -6.99 -7.66 -9.59
CA PHE B 266 -8.05 -8.63 -9.35
C PHE B 266 -8.39 -8.79 -7.87
N MET B 267 -9.67 -9.01 -7.60
CA MET B 267 -10.14 -9.36 -6.26
C MET B 267 -10.17 -10.87 -6.09
N PRO B 268 -9.29 -11.42 -5.23
CA PRO B 268 -9.37 -12.86 -4.97
C PRO B 268 -10.40 -13.19 -3.90
N GLY B 269 -11.11 -14.31 -4.07
CA GLY B 269 -12.07 -14.77 -3.08
C GLY B 269 -11.86 -16.25 -2.81
N PHE B 270 -12.46 -16.75 -1.74
CA PHE B 270 -12.26 -18.14 -1.36
C PHE B 270 -13.38 -18.66 -0.46
N ALA B 271 -13.70 -19.94 -0.63
CA ALA B 271 -14.70 -20.60 0.20
C ALA B 271 -14.44 -22.10 0.23
N PRO B 272 -14.65 -22.75 1.40
CA PRO B 272 -15.11 -22.17 2.66
C PRO B 272 -13.98 -21.48 3.43
N LEU B 273 -14.28 -20.38 4.09
CA LEU B 273 -13.32 -19.73 4.96
C LEU B 273 -13.09 -20.59 6.19
N THR B 274 -11.83 -20.84 6.50
CA THR B 274 -11.47 -21.68 7.64
C THR B 274 -10.25 -21.12 8.36
N SER B 275 -10.21 -21.30 9.67
CA SER B 275 -9.06 -20.90 10.47
C SER B 275 -8.09 -22.06 10.63
N ARG B 276 -6.85 -21.75 11.03
CA ARG B 276 -5.83 -22.77 11.23
C ARG B 276 -6.25 -23.78 12.29
N GLY B 277 -5.84 -25.03 12.09
CA GLY B 277 -6.10 -26.08 13.07
C GLY B 277 -7.54 -26.54 13.08
N SER B 278 -8.47 -25.60 13.22
CA SER B 278 -9.90 -25.92 13.29
C SER B 278 -10.36 -26.64 12.02
N GLN B 279 -10.48 -27.96 12.11
CA GLN B 279 -10.95 -28.78 11.00
C GLN B 279 -12.48 -28.74 10.92
N GLN B 280 -13.01 -28.52 9.72
CA GLN B 280 -14.44 -28.64 9.49
C GLN B 280 -14.76 -30.07 9.05
N TYR B 281 -15.88 -30.59 9.52
CA TYR B 281 -16.26 -31.97 9.25
C TYR B 281 -17.35 -32.04 8.17
N ARG B 282 -18.07 -30.93 7.99
CA ARG B 282 -19.15 -30.86 7.03
C ARG B 282 -18.68 -30.28 5.71
N ALA B 283 -18.86 -31.02 4.62
CA ALA B 283 -18.52 -30.54 3.29
C ALA B 283 -19.64 -29.64 2.76
N LEU B 284 -19.27 -28.49 2.23
CA LEU B 284 -20.25 -27.54 1.70
C LEU B 284 -20.86 -28.05 0.40
N THR B 285 -22.15 -27.78 0.22
CA THR B 285 -22.82 -28.08 -1.03
C THR B 285 -22.38 -27.08 -2.09
N VAL B 286 -22.62 -27.38 -3.35
CA VAL B 286 -22.20 -26.50 -4.44
C VAL B 286 -22.90 -25.14 -4.35
N PRO B 287 -24.21 -25.12 -4.06
CA PRO B 287 -24.88 -23.82 -3.88
C PRO B 287 -24.23 -22.97 -2.78
N GLU B 288 -23.74 -23.63 -1.73
CA GLU B 288 -23.10 -22.92 -0.62
C GLU B 288 -21.76 -22.35 -1.04
N LEU B 289 -20.99 -23.13 -1.80
CA LEU B 289 -19.70 -22.67 -2.30
C LEU B 289 -19.87 -21.47 -3.23
N THR B 290 -20.88 -21.55 -4.09
CA THR B 290 -21.13 -20.49 -5.06
C THR B 290 -21.61 -19.22 -4.38
N GLN B 291 -22.46 -19.36 -3.36
CA GLN B 291 -23.00 -18.21 -2.65
C GLN B 291 -21.90 -17.52 -1.84
N GLN B 292 -21.09 -18.32 -1.16
CA GLN B 292 -20.06 -17.79 -0.28
C GLN B 292 -18.92 -17.11 -1.05
N MET B 293 -18.41 -17.79 -2.08
CA MET B 293 -17.27 -17.28 -2.84
C MET B 293 -17.56 -15.94 -3.50
N PHE B 294 -18.84 -15.60 -3.61
CA PHE B 294 -19.26 -14.34 -4.20
C PHE B 294 -19.60 -13.28 -3.14
N ASP B 295 -19.76 -13.72 -1.90
CA ASP B 295 -20.09 -12.81 -0.81
C ASP B 295 -18.89 -11.95 -0.46
N SER B 296 -19.15 -10.70 -0.09
CA SER B 296 -18.10 -9.75 0.25
C SER B 296 -17.25 -10.25 1.42
N LYS B 297 -17.88 -11.03 2.30
CA LYS B 297 -17.20 -11.55 3.49
C LYS B 297 -16.12 -12.56 3.15
N ASN B 298 -16.05 -12.96 1.88
CA ASN B 298 -15.09 -13.97 1.43
C ASN B 298 -14.00 -13.42 0.51
N MET B 299 -14.11 -12.14 0.18
CA MET B 299 -13.13 -11.49 -0.70
C MET B 299 -11.84 -11.18 0.06
N MET B 300 -10.71 -11.36 -0.60
CA MET B 300 -9.40 -11.09 -0.01
C MET B 300 -9.03 -9.61 -0.14
N ALA B 301 -9.89 -8.84 -0.80
CA ALA B 301 -9.70 -7.41 -0.95
C ALA B 301 -10.90 -6.67 -0.34
N ALA B 302 -10.62 -5.78 0.60
CA ALA B 302 -11.67 -5.08 1.33
C ALA B 302 -12.46 -4.15 0.42
N CYS B 303 -13.26 -4.75 -0.46
CA CYS B 303 -14.11 -3.98 -1.37
C CYS B 303 -15.49 -4.60 -1.45
N ASP B 304 -16.51 -3.75 -1.55
CA ASP B 304 -17.89 -4.21 -1.67
C ASP B 304 -18.24 -4.42 -3.14
N PRO B 305 -18.39 -5.69 -3.57
CA PRO B 305 -18.62 -5.94 -5.00
C PRO B 305 -19.96 -5.39 -5.50
N ARG B 306 -20.85 -5.01 -4.59
CA ARG B 306 -22.13 -4.44 -4.97
C ARG B 306 -22.00 -2.94 -5.28
N HIS B 307 -20.84 -2.38 -4.95
CA HIS B 307 -20.57 -0.98 -5.24
C HIS B 307 -19.91 -0.81 -6.61
N GLY B 308 -19.70 -1.91 -7.30
CA GLY B 308 -19.12 -1.89 -8.63
C GLY B 308 -19.68 -3.00 -9.50
N ARG B 309 -19.13 -3.14 -10.70
CA ARG B 309 -19.57 -4.16 -11.65
C ARG B 309 -18.40 -5.03 -12.08
N TYR B 310 -18.66 -6.33 -12.27
CA TYR B 310 -17.63 -7.26 -12.69
C TYR B 310 -17.37 -7.17 -14.18
N LEU B 311 -16.14 -6.82 -14.54
CA LEU B 311 -15.72 -6.80 -15.93
C LEU B 311 -15.50 -8.23 -16.42
N THR B 312 -14.77 -8.99 -15.62
CA THR B 312 -14.49 -10.40 -15.91
C THR B 312 -14.42 -11.18 -14.60
N VAL B 313 -14.66 -12.49 -14.70
CA VAL B 313 -14.60 -13.36 -13.53
C VAL B 313 -14.03 -14.73 -13.91
N ALA B 314 -13.14 -15.25 -13.06
CA ALA B 314 -12.59 -16.58 -13.23
C ALA B 314 -12.78 -17.37 -11.94
N ALA B 315 -13.54 -18.46 -12.04
CA ALA B 315 -13.83 -19.31 -10.89
C ALA B 315 -13.28 -20.70 -11.11
N ILE B 316 -12.86 -21.35 -10.01
CA ILE B 316 -12.31 -22.69 -10.08
C ILE B 316 -12.78 -23.52 -8.88
N PHE B 317 -13.66 -24.47 -9.15
CA PHE B 317 -14.12 -25.41 -8.13
C PHE B 317 -13.15 -26.57 -8.02
N ARG B 318 -12.85 -26.98 -6.80
CA ARG B 318 -11.93 -28.09 -6.56
C ARG B 318 -12.60 -29.19 -5.73
N GLY B 319 -12.34 -30.44 -6.11
CA GLY B 319 -12.91 -31.59 -5.41
C GLY B 319 -13.74 -32.45 -6.33
N ARG B 320 -14.44 -33.42 -5.75
CA ARG B 320 -15.31 -34.31 -6.49
C ARG B 320 -16.76 -33.86 -6.37
N MET B 321 -17.33 -33.38 -7.47
CA MET B 321 -18.66 -32.81 -7.45
C MET B 321 -19.33 -32.92 -8.82
N SER B 322 -20.64 -32.64 -8.84
CA SER B 322 -21.39 -32.64 -10.09
C SER B 322 -21.10 -31.38 -10.89
N MET B 323 -20.31 -31.52 -11.95
CA MET B 323 -19.94 -30.39 -12.79
C MET B 323 -21.18 -29.77 -13.42
N LYS B 324 -22.25 -30.56 -13.52
CA LYS B 324 -23.53 -30.05 -13.98
C LYS B 324 -24.09 -29.07 -12.97
N GLU B 325 -24.03 -29.45 -11.69
CA GLU B 325 -24.55 -28.61 -10.62
C GLU B 325 -23.75 -27.32 -10.53
N VAL B 326 -22.46 -27.40 -10.84
CA VAL B 326 -21.60 -26.22 -10.87
C VAL B 326 -22.05 -25.28 -11.98
N ASP B 327 -22.25 -25.84 -13.17
CA ASP B 327 -22.70 -25.05 -14.31
C ASP B 327 -24.04 -24.37 -14.02
N GLU B 328 -24.92 -25.07 -13.32
CA GLU B 328 -26.23 -24.53 -12.97
C GLU B 328 -26.11 -23.37 -11.98
N GLN B 329 -25.39 -23.60 -10.88
CA GLN B 329 -25.26 -22.60 -9.84
C GLN B 329 -24.52 -21.37 -10.33
N MET B 330 -23.49 -21.58 -11.16
CA MET B 330 -22.75 -20.47 -11.73
C MET B 330 -23.62 -19.63 -12.64
N LEU B 331 -24.49 -20.30 -13.41
CA LEU B 331 -25.42 -19.61 -14.29
C LEU B 331 -26.52 -18.93 -13.48
N ASN B 332 -26.83 -19.47 -12.32
CA ASN B 332 -27.87 -18.91 -11.46
C ASN B 332 -27.46 -17.57 -10.86
N VAL B 333 -26.20 -17.46 -10.47
CA VAL B 333 -25.67 -16.21 -9.90
C VAL B 333 -25.75 -15.09 -10.92
N GLN B 334 -25.29 -15.36 -12.14
CA GLN B 334 -25.27 -14.36 -13.19
C GLN B 334 -26.68 -13.94 -13.58
N ASN B 335 -27.61 -14.89 -13.56
CA ASN B 335 -28.99 -14.62 -13.95
C ASN B 335 -29.79 -13.92 -12.84
N LYS B 336 -29.40 -14.15 -11.59
CA LYS B 336 -30.05 -13.50 -10.46
C LYS B 336 -29.51 -12.08 -10.24
N ASN B 337 -28.21 -11.92 -10.48
CA ASN B 337 -27.54 -10.64 -10.26
C ASN B 337 -26.83 -10.17 -11.53
N SER B 338 -27.56 -10.12 -12.64
CA SER B 338 -26.99 -9.75 -13.93
C SER B 338 -26.56 -8.29 -13.95
N SER B 339 -27.16 -7.47 -13.10
CA SER B 339 -26.85 -6.05 -13.06
C SER B 339 -25.41 -5.81 -12.64
N TYR B 340 -24.85 -6.72 -11.85
CA TYR B 340 -23.49 -6.58 -11.34
C TYR B 340 -22.45 -7.17 -12.30
N PHE B 341 -22.89 -7.50 -13.51
CA PHE B 341 -21.99 -7.93 -14.58
C PHE B 341 -22.22 -7.03 -15.79
N VAL B 342 -21.14 -6.44 -16.31
CA VAL B 342 -21.25 -5.55 -17.46
C VAL B 342 -21.84 -6.29 -18.65
N GLU B 343 -22.80 -5.67 -19.32
CA GLU B 343 -23.51 -6.29 -20.43
C GLU B 343 -22.72 -6.21 -21.72
N TRP B 344 -21.71 -5.34 -21.75
CA TRP B 344 -20.94 -5.11 -22.97
C TRP B 344 -19.71 -6.03 -23.04
N ILE B 345 -19.66 -7.02 -22.16
CA ILE B 345 -18.70 -8.12 -22.28
C ILE B 345 -19.45 -9.43 -22.11
N PRO B 346 -20.00 -9.97 -23.21
CA PRO B 346 -20.81 -11.20 -23.13
C PRO B 346 -20.04 -12.39 -22.57
N ASN B 347 -20.69 -13.14 -21.69
CA ASN B 347 -20.13 -14.36 -21.13
C ASN B 347 -18.76 -14.11 -20.49
N ASN B 348 -18.70 -13.10 -19.63
CA ASN B 348 -17.43 -12.71 -19.02
C ASN B 348 -17.04 -13.60 -17.83
N VAL B 349 -17.94 -14.49 -17.44
CA VAL B 349 -17.68 -15.42 -16.33
C VAL B 349 -17.24 -16.77 -16.88
N LYS B 350 -16.09 -17.24 -16.43
CA LYS B 350 -15.52 -18.50 -16.88
C LYS B 350 -15.19 -19.41 -15.70
N THR B 351 -15.76 -20.61 -15.73
CA THR B 351 -15.61 -21.56 -14.63
C THR B 351 -14.77 -22.76 -15.04
N ALA B 352 -14.02 -23.30 -14.09
CA ALA B 352 -13.23 -24.51 -14.30
C ALA B 352 -13.36 -25.44 -13.10
N VAL B 353 -13.02 -26.71 -13.30
CA VAL B 353 -13.10 -27.69 -12.23
C VAL B 353 -11.86 -28.58 -12.22
N CYS B 354 -11.36 -28.87 -11.01
CA CYS B 354 -10.21 -29.74 -10.83
C CYS B 354 -10.55 -30.81 -9.80
N ASP B 355 -10.17 -32.06 -10.09
CA ASP B 355 -10.53 -33.19 -9.25
C ASP B 355 -9.85 -33.14 -7.89
N ILE B 356 -8.59 -32.69 -7.86
CA ILE B 356 -7.82 -32.65 -6.62
C ILE B 356 -8.24 -31.47 -5.75
N PRO B 357 -8.76 -31.74 -4.54
CA PRO B 357 -9.05 -30.65 -3.62
C PRO B 357 -7.80 -30.26 -2.82
N PRO B 358 -7.83 -29.11 -2.14
CA PRO B 358 -6.71 -28.77 -1.26
C PRO B 358 -6.70 -29.63 0.00
N ARG B 359 -5.68 -29.45 0.84
CA ARG B 359 -5.58 -30.22 2.07
C ARG B 359 -6.60 -29.75 3.10
N GLY B 360 -7.26 -30.71 3.75
CA GLY B 360 -8.16 -30.42 4.85
C GLY B 360 -9.61 -30.26 4.43
N LEU B 361 -9.82 -29.95 3.16
CA LEU B 361 -11.16 -29.71 2.63
C LEU B 361 -11.54 -30.71 1.56
N LYS B 362 -12.76 -31.23 1.64
CA LYS B 362 -13.26 -32.16 0.64
C LYS B 362 -13.49 -31.46 -0.68
N MET B 363 -13.89 -30.19 -0.60
CA MET B 363 -14.07 -29.37 -1.79
C MET B 363 -14.01 -27.89 -1.44
N SER B 364 -13.64 -27.08 -2.44
CA SER B 364 -13.50 -25.64 -2.25
C SER B 364 -13.66 -24.91 -3.57
N ALA B 365 -13.77 -23.58 -3.49
CA ALA B 365 -13.94 -22.75 -4.68
C ALA B 365 -13.15 -21.46 -4.52
N THR B 366 -12.31 -21.15 -5.51
CA THR B 366 -11.52 -19.93 -5.51
C THR B 366 -12.08 -18.94 -6.54
N PHE B 367 -12.20 -17.69 -6.12
CA PHE B 367 -12.77 -16.64 -6.94
C PHE B 367 -11.70 -15.65 -7.39
N ILE B 368 -11.76 -15.27 -8.67
CA ILE B 368 -10.90 -14.22 -9.20
C ILE B 368 -11.74 -13.26 -10.02
N GLY B 369 -11.95 -12.06 -9.49
CA GLY B 369 -12.81 -11.07 -10.13
C GLY B 369 -12.11 -9.77 -10.45
N ASN B 370 -12.36 -9.27 -11.66
CA ASN B 370 -11.90 -7.94 -12.06
C ASN B 370 -13.06 -6.95 -11.92
N SER B 371 -13.36 -6.59 -10.69
CA SER B 371 -14.47 -5.68 -10.40
C SER B 371 -14.01 -4.23 -10.39
N THR B 372 -14.89 -3.33 -10.80
CA THR B 372 -14.62 -1.91 -10.75
C THR B 372 -14.63 -1.42 -9.30
N ALA B 373 -15.20 -2.22 -8.41
CA ALA B 373 -15.30 -1.88 -7.00
C ALA B 373 -13.93 -1.91 -6.32
N ILE B 374 -12.91 -2.36 -7.04
CA ILE B 374 -11.55 -2.39 -6.52
C ILE B 374 -11.05 -0.98 -6.23
N GLN B 375 -11.68 0.01 -6.89
CA GLN B 375 -11.29 1.40 -6.70
C GLN B 375 -11.39 1.82 -5.24
N GLU B 376 -12.30 1.19 -4.51
CA GLU B 376 -12.47 1.48 -3.09
C GLU B 376 -11.17 1.21 -2.33
N LEU B 377 -10.40 0.27 -2.83
CA LEU B 377 -9.10 -0.05 -2.24
C LEU B 377 -8.12 1.09 -2.50
N PHE B 378 -8.00 1.51 -3.76
CA PHE B 378 -7.05 2.54 -4.13
C PHE B 378 -7.45 3.90 -3.59
N LYS B 379 -8.75 4.16 -3.51
CA LYS B 379 -9.24 5.41 -2.92
C LYS B 379 -8.86 5.48 -1.45
N ARG B 380 -8.90 4.33 -0.78
CA ARG B 380 -8.56 4.26 0.63
C ARG B 380 -7.08 4.60 0.86
N ILE B 381 -6.22 4.06 0.00
CA ILE B 381 -4.79 4.35 0.06
C ILE B 381 -4.54 5.82 -0.23
N SER B 382 -5.28 6.37 -1.19
CA SER B 382 -5.09 7.75 -1.62
C SER B 382 -5.45 8.74 -0.51
N GLU B 383 -6.49 8.43 0.24
CA GLU B 383 -6.93 9.29 1.34
C GLU B 383 -5.87 9.33 2.44
N GLN B 384 -5.34 8.15 2.77
CA GLN B 384 -4.30 8.04 3.79
C GLN B 384 -3.00 8.69 3.31
N PHE B 385 -2.81 8.66 1.99
CA PHE B 385 -1.65 9.29 1.36
C PHE B 385 -1.76 10.80 1.44
N THR B 386 -2.91 11.33 1.02
CA THR B 386 -3.14 12.77 0.98
C THR B 386 -3.12 13.38 2.37
N ALA B 387 -3.58 12.62 3.36
CA ALA B 387 -3.67 13.11 4.73
C ALA B 387 -2.29 13.52 5.26
N MET B 388 -1.27 12.78 4.86
CA MET B 388 0.10 13.07 5.28
C MET B 388 0.79 14.01 4.30
N PHE B 389 0.54 13.81 3.01
CA PHE B 389 1.28 14.51 1.97
C PHE B 389 0.91 15.99 1.89
N ARG B 390 -0.31 16.33 2.29
CA ARG B 390 -0.75 17.72 2.28
C ARG B 390 0.04 18.55 3.28
N ARG B 391 0.67 17.88 4.24
CA ARG B 391 1.56 18.52 5.20
C ARG B 391 3.00 18.08 4.99
N LYS B 392 3.24 17.34 3.91
CA LYS B 392 4.57 16.84 3.58
C LYS B 392 5.19 16.08 4.75
N ALA B 393 4.37 15.34 5.48
CA ALA B 393 4.81 14.65 6.69
C ALA B 393 5.60 13.40 6.36
N PHE B 394 6.62 13.13 7.18
CA PHE B 394 7.44 11.93 7.06
C PHE B 394 8.12 11.82 5.70
N LEU B 395 8.22 12.94 4.99
CA LEU B 395 8.76 12.95 3.64
C LEU B 395 10.28 13.02 3.64
N HIS B 396 10.86 13.43 4.77
CA HIS B 396 12.30 13.61 4.86
C HIS B 396 13.03 12.27 4.76
N TRP B 397 12.33 11.18 5.09
CA TRP B 397 12.90 9.84 4.96
C TRP B 397 13.21 9.53 3.49
N TYR B 398 12.44 10.12 2.59
CA TYR B 398 12.54 9.83 1.16
C TYR B 398 13.43 10.82 0.44
N THR B 399 13.30 12.11 0.76
CA THR B 399 14.12 13.13 0.14
C THR B 399 15.58 12.96 0.54
N GLY B 400 15.80 12.32 1.67
CA GLY B 400 17.15 12.01 2.13
C GLY B 400 17.80 10.94 1.26
N GLU B 401 16.99 10.23 0.48
CA GLU B 401 17.49 9.20 -0.42
C GLU B 401 17.53 9.69 -1.86
N GLY B 402 17.23 10.97 -2.06
CA GLY B 402 17.36 11.62 -3.36
C GLY B 402 16.06 11.89 -4.08
N MET B 403 14.94 11.49 -3.48
CA MET B 403 13.64 11.66 -4.12
C MET B 403 13.14 13.11 -4.01
N ASP B 404 12.35 13.53 -5.01
CA ASP B 404 11.75 14.85 -5.02
C ASP B 404 10.25 14.75 -4.74
N GLU B 405 9.66 15.87 -4.32
CA GLU B 405 8.23 15.90 -4.01
C GLU B 405 7.38 15.65 -5.24
N MET B 406 7.88 16.04 -6.40
CA MET B 406 7.15 15.88 -7.66
C MET B 406 6.83 14.42 -7.94
N GLU B 407 7.76 13.54 -7.61
CA GLU B 407 7.57 12.12 -7.88
C GLU B 407 6.42 11.54 -7.07
N PHE B 408 6.15 12.13 -5.91
CA PHE B 408 5.01 11.74 -5.09
C PHE B 408 3.72 12.27 -5.72
N THR B 409 3.76 13.50 -6.21
CA THR B 409 2.61 14.12 -6.85
C THR B 409 2.20 13.33 -8.10
N GLU B 410 3.19 12.83 -8.83
CA GLU B 410 2.95 12.05 -10.03
C GLU B 410 2.30 10.70 -9.69
N ALA B 411 2.86 10.04 -8.68
CA ALA B 411 2.34 8.75 -8.23
C ALA B 411 0.92 8.91 -7.71
N GLU B 412 0.66 10.01 -7.02
CA GLU B 412 -0.67 10.33 -6.51
C GLU B 412 -1.65 10.52 -7.65
N SER B 413 -1.22 11.26 -8.68
CA SER B 413 -2.08 11.58 -9.81
C SER B 413 -2.43 10.34 -10.63
N ASN B 414 -1.46 9.45 -10.80
CA ASN B 414 -1.68 8.27 -11.64
C ASN B 414 -2.62 7.27 -10.99
N MET B 415 -2.64 7.22 -9.66
CA MET B 415 -3.53 6.31 -8.96
C MET B 415 -4.94 6.88 -8.92
N ASN B 416 -5.04 8.20 -8.81
CA ASN B 416 -6.34 8.87 -8.89
C ASN B 416 -6.91 8.71 -10.29
N ASP B 417 -6.04 8.63 -11.29
CA ASP B 417 -6.46 8.35 -12.66
C ASP B 417 -7.03 6.94 -12.75
N LEU B 418 -6.31 5.99 -12.14
CA LEU B 418 -6.74 4.60 -12.12
C LEU B 418 -8.13 4.46 -11.52
N VAL B 419 -8.38 5.20 -10.44
CA VAL B 419 -9.69 5.21 -9.81
C VAL B 419 -10.76 5.69 -10.77
N SER B 420 -10.48 6.80 -11.45
CA SER B 420 -11.44 7.40 -12.36
C SER B 420 -11.70 6.49 -13.57
N GLU B 421 -10.69 5.73 -13.97
CA GLU B 421 -10.83 4.80 -15.08
C GLU B 421 -11.74 3.64 -14.68
N TYR B 422 -11.62 3.18 -13.45
CA TYR B 422 -12.50 2.14 -12.93
C TYR B 422 -13.92 2.67 -12.81
N GLN B 423 -14.04 3.96 -12.52
CA GLN B 423 -15.34 4.59 -12.38
C GLN B 423 -16.01 4.75 -13.74
N GLN B 424 -15.19 4.93 -14.77
CA GLN B 424 -15.69 5.11 -16.13
C GLN B 424 -16.52 3.91 -16.60
N TYR B 425 -16.05 2.71 -16.29
CA TYR B 425 -16.69 1.48 -16.75
C TYR B 425 -17.74 0.96 -15.77
N GLN B 426 -17.92 1.68 -14.66
CA GLN B 426 -18.93 1.32 -13.68
C GLN B 426 -20.28 1.93 -14.06
N ASP B 427 -20.24 2.98 -14.87
CA ASP B 427 -21.44 3.70 -15.30
C ASP B 427 -21.63 3.59 -16.81
N ALA B 428 -21.01 2.59 -17.42
CA ALA B 428 -21.11 2.38 -18.85
C ALA B 428 -22.41 1.65 -19.20
N MET C 1 25.34 -8.22 12.98
CA MET C 1 26.05 -6.91 13.02
C MET C 1 25.12 -5.82 13.57
N ARG C 2 25.07 -4.67 12.91
CA ARG C 2 24.26 -3.54 13.37
C ARG C 2 24.69 -3.10 14.77
N GLU C 3 25.97 -2.80 14.91
CA GLU C 3 26.54 -2.40 16.20
C GLU C 3 26.16 -0.97 16.54
N CYS C 4 26.10 -0.68 17.84
CA CYS C 4 25.81 0.66 18.34
C CYS C 4 26.90 1.11 19.30
N ILE C 5 27.53 2.24 18.99
CA ILE C 5 28.60 2.78 19.81
C ILE C 5 28.08 3.86 20.75
N SER C 6 28.21 3.65 22.05
CA SER C 6 27.74 4.60 23.05
C SER C 6 28.87 5.56 23.45
N ILE C 7 28.56 6.86 23.47
CA ILE C 7 29.54 7.87 23.86
C ILE C 7 29.01 8.65 25.06
N HIS C 8 29.77 8.61 26.15
CA HIS C 8 29.35 9.22 27.41
C HIS C 8 30.20 10.45 27.72
N VAL C 9 29.58 11.63 27.64
CA VAL C 9 30.29 12.90 27.75
C VAL C 9 29.95 13.62 29.05
N GLY C 10 30.98 13.99 29.79
CA GLY C 10 30.80 14.75 31.02
C GLY C 10 30.40 13.88 32.20
N GLN C 11 30.28 14.50 33.37
CA GLN C 11 29.96 13.79 34.60
C GLN C 11 28.63 13.04 34.48
N ALA C 12 27.60 13.73 34.00
CA ALA C 12 26.27 13.15 33.90
C ALA C 12 26.28 11.94 32.97
N GLY C 13 26.85 12.11 31.78
CA GLY C 13 26.93 11.04 30.81
C GLY C 13 27.70 9.84 31.32
N VAL C 14 28.85 10.10 31.93
CA VAL C 14 29.71 9.05 32.47
C VAL C 14 29.00 8.26 33.56
N GLN C 15 28.44 8.96 34.54
CA GLN C 15 27.82 8.30 35.69
C GLN C 15 26.56 7.55 35.29
N ILE C 16 25.85 8.08 34.30
CA ILE C 16 24.69 7.38 33.76
C ILE C 16 25.16 6.16 32.97
N GLY C 17 26.32 6.30 32.32
CA GLY C 17 26.92 5.19 31.60
C GLY C 17 27.21 4.03 32.53
N ASN C 18 27.69 4.34 33.74
CA ASN C 18 27.94 3.32 34.74
C ASN C 18 26.67 2.56 35.10
N ALA C 19 25.57 3.30 35.27
CA ALA C 19 24.29 2.70 35.62
C ALA C 19 23.75 1.86 34.48
N CYS C 20 23.89 2.37 33.26
CA CYS C 20 23.40 1.67 32.07
C CYS C 20 24.18 0.38 31.81
N TRP C 21 25.51 0.49 31.79
CA TRP C 21 26.36 -0.65 31.46
C TRP C 21 26.38 -1.67 32.59
N GLU C 22 26.17 -1.24 33.81
CA GLU C 22 26.03 -2.16 34.93
C GLU C 22 24.73 -2.94 34.76
N LEU C 23 23.70 -2.24 34.31
CA LEU C 23 22.39 -2.85 34.11
C LEU C 23 22.40 -3.80 32.92
N TYR C 24 23.10 -3.43 31.86
CA TYR C 24 23.22 -4.28 30.68
C TYR C 24 23.86 -5.62 31.03
N CYS C 25 24.92 -5.57 31.83
CA CYS C 25 25.64 -6.77 32.22
C CYS C 25 24.74 -7.76 32.95
N LEU C 26 23.93 -7.25 33.87
CA LEU C 26 23.03 -8.10 34.65
C LEU C 26 21.95 -8.71 33.77
N GLU C 27 21.52 -7.96 32.76
CA GLU C 27 20.48 -8.45 31.85
C GLU C 27 21.01 -9.55 30.93
N HIS C 28 22.27 -9.42 30.54
CA HIS C 28 22.89 -10.38 29.63
C HIS C 28 23.72 -11.43 30.37
N GLY C 29 23.66 -11.40 31.70
CA GLY C 29 24.40 -12.37 32.50
C GLY C 29 25.90 -12.24 32.34
N ILE C 30 26.37 -11.03 32.06
CA ILE C 30 27.79 -10.75 31.93
C ILE C 30 28.37 -10.39 33.29
N GLN C 31 29.53 -10.96 33.60
CA GLN C 31 30.18 -10.75 34.89
C GLN C 31 31.04 -9.49 34.87
N PRO C 32 31.40 -8.97 36.05
CA PRO C 32 32.19 -7.73 36.13
C PRO C 32 33.53 -7.81 35.42
N ASP C 33 34.07 -9.02 35.25
CA ASP C 33 35.35 -9.20 34.57
C ASP C 33 35.15 -9.30 33.05
N GLY C 34 33.89 -9.46 32.63
CA GLY C 34 33.54 -9.45 31.23
C GLY C 34 33.21 -10.82 30.66
N GLN C 35 33.35 -11.85 31.48
CA GLN C 35 33.04 -13.21 31.05
C GLN C 35 31.52 -13.43 31.01
N MET C 36 31.09 -14.27 30.07
CA MET C 36 29.67 -14.57 29.88
C MET C 36 29.49 -16.06 29.59
N PRO C 37 29.34 -16.86 30.66
CA PRO C 37 29.24 -18.33 30.54
C PRO C 37 28.23 -18.82 29.51
N SER C 38 27.09 -18.14 29.40
CA SER C 38 26.02 -18.58 28.49
C SER C 38 26.42 -18.42 27.03
N ASP C 39 27.41 -17.58 26.77
CA ASP C 39 27.89 -17.34 25.41
C ASP C 39 28.91 -18.41 25.00
N LYS C 40 28.48 -19.31 24.11
CA LYS C 40 29.32 -20.44 23.72
C LYS C 40 30.25 -20.08 22.56
N THR C 41 29.83 -19.13 21.73
CA THR C 41 30.67 -18.66 20.63
C THR C 41 31.77 -17.74 21.18
N ILE C 42 32.94 -18.31 21.41
CA ILE C 42 34.05 -17.57 22.00
C ILE C 42 34.80 -16.76 20.96
N GLY C 43 35.12 -15.51 21.30
CA GLY C 43 35.89 -14.64 20.44
C GLY C 43 35.04 -13.75 19.55
N GLY C 44 33.79 -14.13 19.34
CA GLY C 44 32.89 -13.36 18.51
C GLY C 44 31.50 -13.95 18.43
N GLY C 45 30.69 -13.40 17.53
CA GLY C 45 29.32 -13.87 17.34
C GLY C 45 28.45 -12.79 16.72
N ASP C 46 27.28 -13.18 16.26
CA ASP C 46 26.33 -12.26 15.63
C ASP C 46 25.02 -12.20 16.42
N ASP C 47 25.10 -12.48 17.72
CA ASP C 47 23.92 -12.45 18.58
C ASP C 47 23.46 -11.01 18.79
N SER C 48 22.31 -10.85 19.44
CA SER C 48 21.71 -9.53 19.61
C SER C 48 22.52 -8.66 20.56
N PHE C 49 23.07 -9.25 21.61
CA PHE C 49 23.81 -8.49 22.61
C PHE C 49 25.17 -8.04 22.07
N ASN C 50 25.55 -8.55 20.90
CA ASN C 50 26.81 -8.14 20.27
C ASN C 50 26.71 -6.75 19.65
N THR C 51 25.50 -6.20 19.61
CA THR C 51 25.29 -4.85 19.11
C THR C 51 25.90 -3.83 20.07
N PHE C 52 26.01 -4.21 21.34
CA PHE C 52 26.53 -3.33 22.38
C PHE C 52 27.85 -3.83 22.95
N PHE C 53 28.15 -5.11 22.73
CA PHE C 53 29.35 -5.73 23.28
C PHE C 53 30.20 -6.41 22.20
N SER C 54 31.48 -6.06 22.15
CA SER C 54 32.44 -6.78 21.33
C SER C 54 33.04 -7.91 22.17
N GLU C 55 33.68 -8.86 21.51
CA GLU C 55 34.25 -10.02 22.20
C GLU C 55 35.73 -10.20 21.90
N THR C 56 36.51 -10.45 22.96
CA THR C 56 37.92 -10.77 22.82
C THR C 56 38.10 -12.27 22.80
N GLY C 57 39.27 -12.73 22.33
CA GLY C 57 39.57 -14.15 22.28
C GLY C 57 39.58 -14.80 23.65
N ALA C 58 39.81 -14.00 24.68
CA ALA C 58 39.85 -14.50 26.05
C ALA C 58 38.46 -14.59 26.67
N GLY C 59 37.42 -14.40 25.85
CA GLY C 59 36.05 -14.56 26.28
C GLY C 59 35.46 -13.34 26.97
N LYS C 60 36.22 -12.24 26.97
CA LYS C 60 35.73 -11.00 27.59
C LYS C 60 34.78 -10.26 26.65
N HIS C 61 33.63 -9.88 27.19
CA HIS C 61 32.65 -9.08 26.45
C HIS C 61 32.85 -7.60 26.79
N VAL C 62 33.30 -6.84 25.81
CA VAL C 62 33.73 -5.46 26.02
C VAL C 62 32.71 -4.46 25.46
N PRO C 63 32.21 -3.54 26.30
CA PRO C 63 31.28 -2.50 25.83
C PRO C 63 31.79 -1.69 24.64
N ARG C 64 30.97 -1.58 23.60
CA ARG C 64 31.28 -0.69 22.49
C ARG C 64 31.02 0.74 22.93
N ALA C 65 31.82 1.23 23.86
CA ALA C 65 31.58 2.53 24.46
C ALA C 65 32.85 3.34 24.67
N VAL C 66 32.69 4.66 24.72
CA VAL C 66 33.78 5.58 25.03
C VAL C 66 33.32 6.55 26.11
N PHE C 67 34.13 6.70 27.14
CA PHE C 67 33.87 7.65 28.22
C PHE C 67 34.80 8.85 28.07
N VAL C 68 34.22 10.05 28.03
CA VAL C 68 34.99 11.26 27.83
C VAL C 68 34.59 12.34 28.83
N ASP C 69 35.58 12.93 29.49
CA ASP C 69 35.35 14.03 30.40
C ASP C 69 36.63 14.84 30.53
N LEU C 70 36.50 16.17 30.54
CA LEU C 70 37.67 17.03 30.52
C LEU C 70 38.37 17.11 31.88
N GLU C 71 37.82 16.42 32.87
CA GLU C 71 38.49 16.24 34.16
C GLU C 71 38.45 14.76 34.53
N PRO C 72 39.41 14.30 35.35
CA PRO C 72 39.61 12.86 35.55
C PRO C 72 38.85 12.21 36.70
N THR C 73 38.40 12.99 37.68
CA THR C 73 37.95 12.44 38.95
C THR C 73 36.71 11.54 38.85
N VAL C 74 35.87 11.76 37.84
CA VAL C 74 34.66 10.96 37.69
C VAL C 74 34.96 9.65 36.97
N ILE C 75 35.84 9.70 35.97
CA ILE C 75 36.22 8.51 35.22
C ILE C 75 37.24 7.69 35.99
N ASP C 76 38.01 8.34 36.87
CA ASP C 76 38.93 7.64 37.74
C ASP C 76 38.19 6.63 38.61
N GLU C 77 36.94 6.93 38.93
CA GLU C 77 36.11 6.02 39.71
C GLU C 77 35.71 4.80 38.89
N VAL C 78 35.59 4.99 37.58
CA VAL C 78 35.31 3.88 36.67
C VAL C 78 36.55 3.01 36.52
N ARG C 79 37.72 3.66 36.47
CA ARG C 79 38.99 2.97 36.31
C ARG C 79 39.34 2.10 37.52
N THR C 80 38.70 2.38 38.65
CA THR C 80 38.96 1.66 39.89
C THR C 80 37.68 1.08 40.49
N GLY C 81 36.61 1.10 39.72
CA GLY C 81 35.31 0.64 40.19
C GLY C 81 35.13 -0.86 40.04
N THR C 82 33.91 -1.33 40.30
CA THR C 82 33.60 -2.75 40.22
C THR C 82 33.78 -3.29 38.80
N TYR C 83 33.47 -2.45 37.82
CA TYR C 83 33.51 -2.86 36.42
C TYR C 83 34.70 -2.25 35.67
N ARG C 84 35.83 -2.14 36.36
CA ARG C 84 37.03 -1.58 35.77
C ARG C 84 37.62 -2.52 34.72
N GLN C 85 37.49 -3.83 34.96
CA GLN C 85 37.99 -4.83 34.03
C GLN C 85 37.19 -4.86 32.74
N LEU C 86 36.01 -4.25 32.78
CA LEU C 86 35.08 -4.31 31.66
C LEU C 86 35.57 -3.45 30.49
N PHE C 87 36.26 -2.36 30.80
CA PHE C 87 36.68 -1.40 29.78
C PHE C 87 38.17 -1.45 29.51
N HIS C 88 38.55 -1.38 28.24
CA HIS C 88 39.95 -1.21 27.86
C HIS C 88 40.36 0.22 28.22
N PRO C 89 41.58 0.39 28.77
CA PRO C 89 42.01 1.72 29.23
C PRO C 89 41.87 2.84 28.19
N GLU C 90 41.84 2.47 26.91
CA GLU C 90 41.74 3.47 25.84
C GLU C 90 40.30 3.95 25.64
N GLN C 91 39.35 3.20 26.16
CA GLN C 91 37.94 3.60 26.09
C GLN C 91 37.65 4.74 27.06
N LEU C 92 38.47 4.84 28.10
CA LEU C 92 38.30 5.84 29.14
C LEU C 92 39.24 7.01 28.92
N ILE C 93 38.71 8.12 28.41
CA ILE C 93 39.50 9.28 28.03
C ILE C 93 39.26 10.44 29.00
N THR C 94 40.35 11.05 29.48
CA THR C 94 40.25 12.15 30.42
C THR C 94 41.24 13.28 30.13
N GLY C 95 40.86 14.49 30.51
CA GLY C 95 41.73 15.65 30.48
C GLY C 95 42.18 15.97 31.89
N LYS C 96 42.68 17.20 32.08
CA LYS C 96 43.16 17.64 33.38
C LYS C 96 42.37 18.83 33.93
N GLU C 97 41.56 19.44 33.07
CA GLU C 97 40.84 20.66 33.41
C GLU C 97 39.46 20.68 32.77
N ASP C 98 38.42 20.84 33.57
CA ASP C 98 37.06 20.80 33.06
C ASP C 98 36.67 22.14 32.41
N ALA C 99 35.45 22.20 31.88
CA ALA C 99 34.98 23.37 31.16
C ALA C 99 34.41 24.42 32.10
N ALA C 100 34.39 24.12 33.40
CA ALA C 100 33.92 25.05 34.43
C ALA C 100 32.53 25.59 34.13
N ASN C 101 31.61 24.69 33.79
CA ASN C 101 30.22 25.06 33.49
C ASN C 101 30.13 26.11 32.38
N ASN C 102 31.09 26.06 31.45
CA ASN C 102 31.13 27.01 30.35
C ASN C 102 31.10 26.30 29.00
N TYR C 103 30.09 26.61 28.19
CA TYR C 103 29.95 26.02 26.87
C TYR C 103 31.15 26.36 25.99
N ALA C 104 31.67 27.57 26.14
CA ALA C 104 32.79 28.02 25.33
C ALA C 104 34.04 27.18 25.58
N ARG C 105 34.36 26.95 26.85
CA ARG C 105 35.54 26.18 27.21
C ARG C 105 35.41 24.74 26.76
N GLY C 106 34.21 24.18 26.89
CA GLY C 106 33.96 22.80 26.52
C GLY C 106 33.98 22.60 25.02
N HIS C 107 33.57 23.62 24.27
CA HIS C 107 33.48 23.52 22.82
C HIS C 107 34.73 24.03 22.13
N TYR C 108 35.37 25.04 22.70
CA TYR C 108 36.53 25.67 22.08
C TYR C 108 37.81 25.48 22.89
N THR C 109 37.98 26.27 23.94
CA THR C 109 39.25 26.38 24.65
C THR C 109 39.84 25.04 25.07
N ILE C 110 39.13 24.32 25.93
CA ILE C 110 39.63 23.05 26.46
C ILE C 110 39.29 21.89 25.53
N GLY C 111 38.11 21.94 24.91
CA GLY C 111 37.62 20.85 24.10
C GLY C 111 38.48 20.55 22.89
N LYS C 112 39.01 21.59 22.26
CA LYS C 112 39.77 21.44 21.03
C LYS C 112 41.09 20.72 21.25
N GLU C 113 41.52 20.61 22.51
CA GLU C 113 42.79 19.99 22.84
C GLU C 113 42.70 18.47 22.95
N ILE C 114 41.49 17.94 22.91
CA ILE C 114 41.27 16.51 23.12
C ILE C 114 40.35 15.89 22.07
N ILE C 115 39.72 16.74 21.25
CA ILE C 115 38.75 16.27 20.26
C ILE C 115 39.35 15.28 19.27
N ASP C 116 40.59 15.52 18.86
CA ASP C 116 41.25 14.64 17.89
C ASP C 116 41.49 13.27 18.49
N LEU C 117 41.93 13.24 19.75
CA LEU C 117 42.17 11.99 20.44
C LEU C 117 40.90 11.17 20.57
N VAL C 118 39.82 11.83 20.99
CA VAL C 118 38.53 11.17 21.16
C VAL C 118 38.07 10.53 19.85
N LEU C 119 38.14 11.29 18.77
CA LEU C 119 37.70 10.81 17.46
C LEU C 119 38.53 9.61 17.00
N ASP C 120 39.80 9.58 17.38
CA ASP C 120 40.67 8.46 17.03
C ASP C 120 40.24 7.19 17.76
N ARG C 121 39.89 7.35 19.04
CA ARG C 121 39.46 6.22 19.86
C ARG C 121 38.10 5.71 19.40
N ILE C 122 37.25 6.61 18.93
CA ILE C 122 35.95 6.23 18.40
C ILE C 122 36.15 5.46 17.10
N ARG C 123 37.10 5.91 16.29
CA ARG C 123 37.40 5.26 15.02
C ARG C 123 37.88 3.83 15.25
N LYS C 124 38.61 3.61 16.33
CA LYS C 124 39.13 2.28 16.64
C LYS C 124 37.99 1.31 16.95
N LEU C 125 36.92 1.83 17.56
CA LEU C 125 35.74 1.01 17.82
C LEU C 125 34.97 0.76 16.53
N ALA C 126 34.79 1.82 15.74
CA ALA C 126 34.02 1.75 14.51
C ALA C 126 34.64 0.77 13.51
N ASP C 127 35.96 0.65 13.55
CA ASP C 127 36.67 -0.25 12.65
C ASP C 127 36.50 -1.71 13.05
N GLN C 128 35.99 -1.95 14.26
CA GLN C 128 35.69 -3.30 14.72
C GLN C 128 34.26 -3.70 14.33
N CYS C 129 33.53 -2.76 13.74
CA CYS C 129 32.15 -2.99 13.35
C CYS C 129 32.04 -3.45 11.90
N THR C 130 31.30 -4.52 11.68
CA THR C 130 31.07 -5.05 10.34
C THR C 130 29.91 -4.32 9.67
N GLY C 131 29.09 -3.65 10.46
CA GLY C 131 27.97 -2.89 9.94
C GLY C 131 27.43 -1.89 10.95
N LEU C 132 28.23 -0.86 11.25
CA LEU C 132 27.87 0.14 12.24
C LEU C 132 26.54 0.81 11.90
N GLN C 133 25.65 0.87 12.89
CA GLN C 133 24.32 1.45 12.70
C GLN C 133 24.30 2.93 13.06
N GLY C 134 24.96 3.28 14.16
CA GLY C 134 25.00 4.66 14.60
C GLY C 134 25.55 4.83 16.01
N PHE C 135 25.40 6.04 16.55
CA PHE C 135 25.94 6.38 17.86
C PHE C 135 24.85 6.75 18.86
N LEU C 136 25.13 6.50 20.14
CA LEU C 136 24.26 6.92 21.24
C LEU C 136 25.06 7.83 22.17
N VAL C 137 24.68 9.11 22.22
CA VAL C 137 25.45 10.10 22.94
C VAL C 137 24.76 10.53 24.24
N PHE C 138 25.40 10.23 25.36
CA PHE C 138 24.88 10.58 26.69
C PHE C 138 25.59 11.82 27.22
N HIS C 139 24.81 12.82 27.61
CA HIS C 139 25.37 14.09 28.09
C HIS C 139 24.32 14.95 28.78
N SER C 140 24.78 15.96 29.50
CA SER C 140 23.90 16.92 30.15
C SER C 140 23.81 18.20 29.33
N PHE C 141 22.74 18.95 29.53
CA PHE C 141 22.58 20.27 28.93
C PHE C 141 23.32 21.33 29.75
N GLY C 142 23.40 21.11 31.05
CA GLY C 142 23.89 22.13 31.97
C GLY C 142 25.39 22.31 32.02
N GLY C 143 26.12 21.20 32.11
CA GLY C 143 27.57 21.25 32.25
C GLY C 143 28.26 21.87 31.06
N GLY C 144 29.51 22.28 31.26
CA GLY C 144 30.29 22.88 30.19
C GLY C 144 30.78 21.83 29.19
N THR C 145 31.11 20.65 29.70
CA THR C 145 31.56 19.56 28.85
C THR C 145 30.37 18.92 28.13
N GLY C 146 29.34 18.58 28.89
CA GLY C 146 28.14 17.97 28.33
C GLY C 146 27.50 18.86 27.29
N SER C 147 27.66 20.17 27.45
CA SER C 147 27.11 21.15 26.52
C SER C 147 28.09 21.46 25.40
N GLY C 148 29.26 21.96 25.76
CA GLY C 148 30.24 22.42 24.78
C GLY C 148 30.90 21.32 23.98
N PHE C 149 31.48 20.34 24.66
CA PHE C 149 32.24 19.30 23.99
C PHE C 149 31.34 18.38 23.16
N THR C 150 30.13 18.14 23.65
CA THR C 150 29.19 17.28 22.93
C THR C 150 28.87 17.87 21.56
N SER C 151 28.53 19.15 21.52
CA SER C 151 28.16 19.80 20.27
C SER C 151 29.33 19.79 19.29
N LEU C 152 30.55 19.95 19.81
CA LEU C 152 31.75 19.87 18.99
C LEU C 152 31.88 18.46 18.41
N LEU C 153 31.66 17.46 19.25
CA LEU C 153 31.78 16.07 18.84
C LEU C 153 30.73 15.70 17.80
N MET C 154 29.49 16.11 18.04
CA MET C 154 28.39 15.81 17.14
C MET C 154 28.66 16.35 15.75
N GLU C 155 29.24 17.56 15.70
CA GLU C 155 29.59 18.19 14.43
C GLU C 155 30.68 17.41 13.72
N ARG C 156 31.71 17.02 14.46
CA ARG C 156 32.82 16.26 13.90
C ARG C 156 32.36 14.88 13.43
N LEU C 157 31.46 14.26 14.20
CA LEU C 157 30.94 12.95 13.84
C LEU C 157 30.16 13.00 12.52
N SER C 158 29.47 14.11 12.29
CA SER C 158 28.71 14.27 11.06
C SER C 158 29.65 14.37 9.86
N VAL C 159 30.87 14.84 10.10
CA VAL C 159 31.88 14.94 9.06
C VAL C 159 32.53 13.59 8.80
N ASP C 160 32.88 12.90 9.88
CA ASP C 160 33.63 11.64 9.78
C ASP C 160 32.73 10.43 9.48
N TYR C 161 31.43 10.57 9.72
CA TYR C 161 30.50 9.46 9.55
C TYR C 161 29.25 9.84 8.77
N GLY C 162 29.30 10.99 8.10
CA GLY C 162 28.22 11.42 7.21
C GLY C 162 26.85 11.43 7.87
N LYS C 163 25.92 10.68 7.30
CA LYS C 163 24.54 10.64 7.79
C LYS C 163 24.29 9.40 8.66
N LYS C 164 25.35 8.81 9.18
CA LYS C 164 25.22 7.72 10.13
C LYS C 164 24.44 8.22 11.34
N SER C 165 23.40 7.48 11.73
CA SER C 165 22.46 7.95 12.74
C SER C 165 23.15 8.28 14.05
N LYS C 166 22.66 9.33 14.71
CA LYS C 166 23.21 9.77 16.00
C LYS C 166 22.09 10.12 16.96
N LEU C 167 21.92 9.30 17.98
CA LEU C 167 20.89 9.50 18.98
C LEU C 167 21.45 10.17 20.23
N GLU C 168 20.57 10.88 20.95
CA GLU C 168 20.96 11.59 22.16
C GLU C 168 20.15 11.14 23.37
N PHE C 169 20.81 11.14 24.53
CA PHE C 169 20.13 11.05 25.82
C PHE C 169 20.53 12.27 26.64
N SER C 170 19.76 13.34 26.50
CA SER C 170 20.10 14.63 27.08
C SER C 170 19.49 14.81 28.46
N ILE C 171 20.30 15.27 29.41
CA ILE C 171 19.81 15.51 30.77
C ILE C 171 19.39 16.97 30.93
N TYR C 172 18.08 17.19 30.85
CA TYR C 172 17.49 18.50 30.98
C TYR C 172 17.65 19.00 32.43
N PRO C 173 18.10 20.26 32.61
CA PRO C 173 18.47 20.73 33.94
C PRO C 173 17.31 20.93 34.90
N ALA C 174 17.59 20.81 36.20
CA ALA C 174 16.60 21.03 37.25
C ALA C 174 17.26 21.73 38.44
N PRO C 175 16.53 22.66 39.09
CA PRO C 175 17.12 23.44 40.19
C PRO C 175 17.45 22.61 41.43
N GLN C 176 16.78 21.47 41.62
CA GLN C 176 17.00 20.66 42.80
C GLN C 176 18.40 20.04 42.83
N VAL C 177 19.00 19.89 41.67
CA VAL C 177 20.33 19.28 41.55
C VAL C 177 21.23 20.05 40.58
N SER C 178 20.86 21.30 40.29
CA SER C 178 21.65 22.14 39.40
C SER C 178 23.02 22.42 40.01
N THR C 179 23.99 22.72 39.16
CA THR C 179 25.37 22.96 39.59
C THR C 179 25.85 24.37 39.19
N ALA C 180 25.12 25.01 38.28
CA ALA C 180 25.51 26.31 37.77
C ALA C 180 24.29 27.16 37.42
N VAL C 181 24.47 28.48 37.49
CA VAL C 181 23.41 29.43 37.20
C VAL C 181 23.26 29.64 35.69
N VAL C 182 24.32 29.36 34.95
CA VAL C 182 24.35 29.61 33.51
C VAL C 182 23.91 28.39 32.69
N GLU C 183 23.37 27.37 33.36
CA GLU C 183 22.94 26.16 32.67
C GLU C 183 21.91 26.43 31.58
N PRO C 184 21.03 27.43 31.78
CA PRO C 184 20.15 27.81 30.67
C PRO C 184 20.90 28.25 29.41
N TYR C 185 21.99 29.01 29.57
CA TYR C 185 22.80 29.41 28.42
C TYR C 185 23.36 28.19 27.72
N ASN C 186 24.01 27.32 28.48
CA ASN C 186 24.62 26.13 27.93
C ASN C 186 23.60 25.22 27.23
N SER C 187 22.38 25.21 27.76
CA SER C 187 21.31 24.38 27.23
C SER C 187 20.90 24.82 25.83
N ILE C 188 20.69 26.13 25.67
CA ILE C 188 20.27 26.69 24.39
C ILE C 188 21.36 26.55 23.33
N LEU C 189 22.60 26.81 23.73
CA LEU C 189 23.72 26.76 22.82
C LEU C 189 23.93 25.35 22.26
N THR C 190 23.77 24.34 23.11
CA THR C 190 23.96 22.95 22.69
C THR C 190 22.83 22.50 21.79
N THR C 191 21.60 22.82 22.20
CA THR C 191 20.41 22.44 21.43
C THR C 191 20.51 23.01 20.02
N HIS C 192 20.92 24.27 19.93
CA HIS C 192 21.06 24.94 18.64
C HIS C 192 22.13 24.28 17.77
N THR C 193 23.30 24.07 18.35
CA THR C 193 24.44 23.55 17.60
C THR C 193 24.27 22.08 17.22
N THR C 194 23.57 21.32 18.07
CA THR C 194 23.43 19.89 17.89
C THR C 194 22.23 19.53 16.99
N LEU C 195 21.31 20.48 16.83
CA LEU C 195 20.02 20.21 16.19
C LEU C 195 20.16 19.57 14.80
N GLU C 196 20.99 20.16 13.96
CA GLU C 196 21.17 19.67 12.59
C GLU C 196 21.91 18.33 12.53
N HIS C 197 22.58 17.97 13.62
CA HIS C 197 23.46 16.81 13.63
C HIS C 197 22.90 15.64 14.43
N SER C 198 21.68 15.80 14.95
CA SER C 198 21.03 14.74 15.73
C SER C 198 19.79 14.24 15.00
N ASP C 199 19.61 12.93 14.98
CA ASP C 199 18.47 12.30 14.30
C ASP C 199 17.31 12.06 15.27
N CYS C 200 17.65 11.92 16.55
CA CYS C 200 16.64 11.67 17.58
C CYS C 200 17.24 11.89 18.95
N ALA C 201 16.53 12.63 19.80
CA ALA C 201 17.03 12.98 21.13
C ALA C 201 15.99 12.73 22.20
N PHE C 202 16.35 11.90 23.18
CA PHE C 202 15.48 11.63 24.32
C PHE C 202 15.90 12.49 25.51
N MET C 203 15.11 13.51 25.80
CA MET C 203 15.39 14.41 26.92
C MET C 203 14.92 13.80 28.24
N VAL C 204 15.73 13.99 29.27
CA VAL C 204 15.39 13.53 30.62
C VAL C 204 15.42 14.71 31.59
N ASP C 205 14.23 15.09 32.05
CA ASP C 205 14.10 16.19 33.01
C ASP C 205 14.46 15.69 34.41
N ASN C 206 15.57 16.20 34.94
CA ASN C 206 16.03 15.80 36.26
C ASN C 206 14.96 16.03 37.32
N GLU C 207 14.17 17.08 37.15
CA GLU C 207 13.11 17.39 38.10
C GLU C 207 12.01 16.32 38.02
N ALA C 208 11.74 15.85 36.82
CA ALA C 208 10.77 14.78 36.61
C ALA C 208 11.24 13.52 37.32
N ILE C 209 12.51 13.18 37.13
CA ILE C 209 13.10 12.00 37.75
C ILE C 209 13.19 12.20 39.26
N TYR C 210 13.46 13.44 39.67
CA TYR C 210 13.54 13.79 41.08
C TYR C 210 12.20 13.55 41.77
N ASP C 211 11.13 14.02 41.13
CA ASP C 211 9.79 13.90 41.70
C ASP C 211 9.32 12.45 41.75
N ILE C 212 9.70 11.66 40.75
CA ILE C 212 9.30 10.25 40.71
C ILE C 212 9.97 9.48 41.83
N CYS C 213 11.23 9.80 42.11
CA CYS C 213 11.96 9.14 43.19
C CYS C 213 11.37 9.49 44.55
N ARG C 214 11.01 10.76 44.73
CA ARG C 214 10.40 11.21 45.98
C ARG C 214 9.00 10.63 46.14
N ARG C 215 8.24 10.61 45.06
CA ARG C 215 6.84 10.22 45.12
C ARG C 215 6.67 8.70 45.13
N ASN C 216 7.28 8.02 44.16
CA ASN C 216 7.01 6.60 43.95
C ASN C 216 7.96 5.65 44.70
N LEU C 217 9.14 6.15 45.06
CA LEU C 217 10.12 5.33 45.77
C LEU C 217 10.36 5.83 47.19
N ASP C 218 9.72 6.95 47.53
CA ASP C 218 9.75 7.49 48.89
C ASP C 218 11.18 7.84 49.33
N ILE C 219 12.00 8.25 48.38
CA ILE C 219 13.36 8.72 48.69
C ILE C 219 13.28 10.21 49.04
N GLU C 220 13.55 10.53 50.30
CA GLU C 220 13.36 11.89 50.81
C GLU C 220 14.20 12.92 50.06
N ARG C 221 15.42 12.53 49.68
CA ARG C 221 16.34 13.44 48.99
C ARG C 221 17.20 12.64 48.00
N PRO C 222 16.65 12.36 46.81
CA PRO C 222 17.34 11.54 45.80
C PRO C 222 18.73 12.05 45.43
N THR C 223 19.69 11.15 45.35
CA THR C 223 21.03 11.47 44.87
C THR C 223 21.13 11.14 43.39
N TYR C 224 22.27 11.47 42.78
CA TYR C 224 22.51 11.12 41.39
C TYR C 224 22.42 9.60 41.22
N THR C 225 22.78 8.86 42.27
CA THR C 225 22.71 7.41 42.23
C THR C 225 21.26 6.95 42.12
N ASN C 226 20.38 7.63 42.85
CA ASN C 226 18.96 7.31 42.79
C ASN C 226 18.37 7.64 41.42
N LEU C 227 18.73 8.80 40.89
CA LEU C 227 18.23 9.24 39.59
C LEU C 227 18.71 8.33 38.47
N ASN C 228 20.01 8.06 38.45
CA ASN C 228 20.63 7.30 37.37
C ASN C 228 20.09 5.88 37.26
N ARG C 229 19.86 5.24 38.40
CA ARG C 229 19.35 3.87 38.40
C ARG C 229 17.96 3.82 37.80
N LEU C 230 17.19 4.89 37.94
CA LEU C 230 15.88 4.98 37.33
C LEU C 230 16.03 5.29 35.84
N ILE C 231 16.94 6.22 35.51
CA ILE C 231 17.18 6.58 34.12
C ILE C 231 17.64 5.37 33.32
N SER C 232 18.55 4.57 33.88
CA SER C 232 19.10 3.42 33.20
C SER C 232 18.03 2.43 32.78
N GLN C 233 16.94 2.38 33.55
CA GLN C 233 15.84 1.48 33.23
C GLN C 233 15.10 1.94 31.97
N ILE C 234 14.90 3.24 31.85
CA ILE C 234 14.26 3.81 30.67
C ILE C 234 15.17 3.60 29.46
N VAL C 235 16.46 3.87 29.63
CA VAL C 235 17.43 3.69 28.57
C VAL C 235 17.47 2.22 28.15
N SER C 236 17.42 1.32 29.13
CA SER C 236 17.45 -0.11 28.87
C SER C 236 16.22 -0.53 28.07
N SER C 237 15.06 0.05 28.41
CA SER C 237 13.82 -0.27 27.73
C SER C 237 13.87 0.16 26.26
N ILE C 238 14.50 1.30 26.01
CA ILE C 238 14.60 1.85 24.66
C ILE C 238 15.62 1.08 23.82
N THR C 239 16.67 0.58 24.46
CA THR C 239 17.72 -0.15 23.75
C THR C 239 17.50 -1.66 23.77
N ALA C 240 16.45 -2.10 24.47
CA ALA C 240 16.17 -3.53 24.61
C ALA C 240 15.95 -4.19 23.26
N SER C 241 15.31 -3.47 22.34
CA SER C 241 15.02 -4.00 21.01
C SER C 241 16.29 -4.25 20.20
N LEU C 242 17.36 -3.56 20.57
CA LEU C 242 18.63 -3.70 19.88
C LEU C 242 19.49 -4.80 20.51
N ARG C 243 19.31 -5.01 21.80
CA ARG C 243 20.15 -5.93 22.57
C ARG C 243 19.54 -7.33 22.69
N PHE C 244 18.26 -7.46 22.33
CA PHE C 244 17.58 -8.75 22.36
C PHE C 244 16.82 -8.98 21.07
N ASP C 245 16.31 -10.21 20.90
CA ASP C 245 15.48 -10.55 19.75
C ASP C 245 14.25 -11.32 20.19
N GLY C 246 13.27 -11.40 19.30
CA GLY C 246 12.03 -12.10 19.58
C GLY C 246 11.05 -11.91 18.44
N ALA C 247 9.95 -12.65 18.48
CA ALA C 247 8.93 -12.57 17.44
C ALA C 247 8.29 -11.19 17.42
N LEU C 248 7.76 -10.77 18.57
CA LEU C 248 7.05 -9.50 18.68
C LEU C 248 7.99 -8.33 18.94
N ASN C 249 9.29 -8.56 18.74
CA ASN C 249 10.28 -7.51 18.95
C ASN C 249 10.36 -6.56 17.76
N VAL C 250 10.15 -5.27 18.02
CA VAL C 250 10.23 -4.24 16.99
C VAL C 250 11.50 -3.43 17.18
N ASP C 251 12.24 -3.24 16.10
CA ASP C 251 13.51 -2.52 16.15
C ASP C 251 13.26 -1.04 16.46
N LEU C 252 14.24 -0.41 17.11
CA LEU C 252 14.12 0.99 17.50
C LEU C 252 13.98 1.91 16.28
N THR C 253 14.58 1.51 15.17
CA THR C 253 14.54 2.31 13.95
C THR C 253 13.13 2.41 13.39
N GLU C 254 12.34 1.35 13.58
CA GLU C 254 10.95 1.36 13.12
C GLU C 254 10.13 2.37 13.89
N PHE C 255 10.33 2.41 15.21
CA PHE C 255 9.67 3.40 16.05
C PHE C 255 10.09 4.80 15.62
N GLN C 256 11.37 4.94 15.31
CA GLN C 256 11.94 6.22 14.92
C GLN C 256 11.32 6.74 13.63
N THR C 257 10.90 5.82 12.77
CA THR C 257 10.24 6.19 11.52
C THR C 257 8.93 6.92 11.82
N ASN C 258 8.22 6.46 12.84
CA ASN C 258 6.95 7.06 13.24
C ASN C 258 7.13 8.28 14.13
N LEU C 259 8.24 8.33 14.85
CA LEU C 259 8.44 9.36 15.88
C LEU C 259 8.95 10.69 15.31
N VAL C 260 9.49 10.66 14.10
CA VAL C 260 10.09 11.86 13.50
C VAL C 260 9.38 12.22 12.19
N PRO C 261 8.36 13.09 12.26
CA PRO C 261 7.65 13.50 11.05
C PRO C 261 8.48 14.49 10.22
N TYR C 262 9.23 15.34 10.90
CA TYR C 262 10.16 16.26 10.24
C TYR C 262 11.50 16.20 10.98
N PRO C 263 12.60 16.52 10.28
CA PRO C 263 13.95 16.41 10.86
C PRO C 263 14.10 17.10 12.22
N ARG C 264 13.59 18.32 12.34
CA ARG C 264 13.74 19.10 13.58
C ARG C 264 12.83 18.57 14.69
N ILE C 265 11.74 17.92 14.30
CA ILE C 265 10.81 17.35 15.27
C ILE C 265 11.24 15.92 15.64
N HIS C 266 12.31 15.81 16.43
CA HIS C 266 12.88 14.51 16.79
C HIS C 266 13.10 14.37 18.30
N PHE C 267 12.18 14.91 19.08
CA PHE C 267 12.26 14.85 20.54
C PHE C 267 11.08 14.08 21.13
N PRO C 268 11.20 12.75 21.27
CA PRO C 268 10.10 11.96 21.83
C PRO C 268 9.97 12.08 23.34
N LEU C 269 8.73 12.10 23.82
CA LEU C 269 8.45 12.10 25.25
C LEU C 269 8.44 10.67 25.78
N ALA C 270 9.26 10.40 26.80
CA ALA C 270 9.35 9.07 27.38
C ALA C 270 8.55 9.00 28.67
N THR C 271 7.81 7.90 28.82
CA THR C 271 7.01 7.65 30.02
C THR C 271 7.14 6.19 30.41
N TYR C 272 7.62 5.95 31.63
CA TYR C 272 7.96 4.60 32.08
C TYR C 272 7.10 4.14 33.24
N ALA C 273 6.75 2.86 33.23
CA ALA C 273 6.01 2.26 34.34
C ALA C 273 6.26 0.75 34.38
N PRO C 274 6.16 0.14 35.57
CA PRO C 274 5.86 0.74 36.87
C PRO C 274 7.10 1.11 37.67
N VAL C 275 7.09 2.30 38.27
CA VAL C 275 8.11 2.68 39.25
C VAL C 275 7.50 2.51 40.63
N ILE C 276 7.95 1.50 41.36
CA ILE C 276 7.34 1.15 42.63
C ILE C 276 8.36 0.50 43.58
N SER C 277 8.18 0.73 44.87
CA SER C 277 9.07 0.17 45.88
C SER C 277 8.77 -1.30 46.12
N ALA C 278 9.73 -2.02 46.70
CA ALA C 278 9.56 -3.42 47.01
C ALA C 278 8.44 -3.60 48.04
N GLU C 279 8.30 -2.62 48.92
CA GLU C 279 7.28 -2.66 49.96
C GLU C 279 5.88 -2.65 49.36
N LYS C 280 5.66 -1.78 48.37
CA LYS C 280 4.35 -1.60 47.77
C LYS C 280 4.06 -2.68 46.71
N ALA C 281 5.10 -3.16 46.04
CA ALA C 281 4.94 -4.13 44.97
C ALA C 281 4.65 -5.52 45.52
N TYR C 282 4.93 -5.74 46.79
CA TYR C 282 4.70 -7.04 47.41
C TYR C 282 3.20 -7.33 47.50
N HIS C 283 2.81 -8.53 47.09
CA HIS C 283 1.41 -8.92 47.03
C HIS C 283 0.60 -7.91 46.20
N GLU C 284 1.25 -7.37 45.17
CA GLU C 284 0.65 -6.36 44.31
C GLU C 284 1.15 -6.52 42.88
N GLN C 285 0.38 -7.24 42.07
CA GLN C 285 0.75 -7.48 40.67
C GLN C 285 0.13 -6.43 39.76
N LEU C 286 0.99 -5.62 39.15
CA LEU C 286 0.54 -4.61 38.19
C LEU C 286 0.35 -5.24 36.83
N SER C 287 -0.90 -5.35 36.40
CA SER C 287 -1.24 -5.96 35.13
C SER C 287 -0.81 -5.09 33.96
N VAL C 288 -1.03 -5.58 32.74
CA VAL C 288 -0.69 -4.84 31.54
C VAL C 288 -1.51 -3.56 31.44
N ALA C 289 -2.79 -3.65 31.79
CA ALA C 289 -3.69 -2.52 31.70
C ALA C 289 -3.28 -1.40 32.66
N GLU C 290 -2.82 -1.79 33.85
CA GLU C 290 -2.46 -0.82 34.87
C GLU C 290 -1.20 -0.05 34.50
N ILE C 291 -0.19 -0.76 33.99
CA ILE C 291 1.07 -0.11 33.61
C ILE C 291 0.92 0.68 32.32
N THR C 292 0.03 0.22 31.45
CA THR C 292 -0.22 0.92 30.19
C THR C 292 -0.97 2.21 30.46
N ASN C 293 -1.93 2.16 31.37
CA ASN C 293 -2.68 3.34 31.75
C ASN C 293 -1.79 4.34 32.47
N ALA C 294 -0.75 3.83 33.12
CA ALA C 294 0.20 4.66 33.85
C ALA C 294 1.03 5.52 32.90
N CYS C 295 1.15 5.07 31.65
CA CYS C 295 1.91 5.80 30.65
C CYS C 295 1.24 7.12 30.26
N PHE C 296 -0.01 7.29 30.68
CA PHE C 296 -0.77 8.49 30.38
C PHE C 296 -1.02 9.32 31.63
N GLU C 297 -0.30 8.99 32.70
CA GLU C 297 -0.23 9.83 33.89
C GLU C 297 1.00 10.73 33.78
N PRO C 298 0.80 12.06 33.63
CA PRO C 298 1.95 12.95 33.46
C PRO C 298 2.99 12.89 34.59
N ALA C 299 2.63 12.26 35.71
CA ALA C 299 3.54 12.12 36.83
C ALA C 299 4.61 11.05 36.59
N ASN C 300 4.49 10.34 35.47
CA ASN C 300 5.41 9.25 35.14
C ASN C 300 6.31 9.56 33.95
N GLN C 301 6.26 10.81 33.48
CA GLN C 301 7.01 11.22 32.30
C GLN C 301 8.46 11.57 32.63
N MET C 302 9.35 11.39 31.66
CA MET C 302 10.75 11.77 31.83
C MET C 302 10.92 13.29 31.71
N VAL C 303 9.89 13.95 31.17
CA VAL C 303 9.91 15.39 31.00
C VAL C 303 8.61 16.00 31.54
N LYS C 304 8.74 17.09 32.28
CA LYS C 304 7.59 17.77 32.86
C LYS C 304 6.84 18.55 31.80
N CYS C 305 5.68 18.04 31.40
CA CYS C 305 4.82 18.71 30.45
C CYS C 305 3.42 18.10 30.51
N ASP C 306 2.47 18.69 29.79
CA ASP C 306 1.09 18.25 29.81
C ASP C 306 0.61 17.87 28.41
N PRO C 307 0.73 16.58 28.04
CA PRO C 307 0.27 16.12 26.72
C PRO C 307 -1.23 16.32 26.53
N ARG C 308 -1.98 16.38 27.61
CA ARG C 308 -3.44 16.55 27.55
C ARG C 308 -3.79 17.91 26.98
N HIS C 309 -2.85 18.85 27.05
CA HIS C 309 -3.03 20.19 26.49
C HIS C 309 -2.22 20.34 25.21
N GLY C 310 -1.86 19.20 24.60
CA GLY C 310 -1.12 19.19 23.36
C GLY C 310 -1.70 18.15 22.41
N LYS C 311 -1.04 17.95 21.27
CA LYS C 311 -1.49 17.01 20.26
C LYS C 311 -0.43 15.95 19.98
N TYR C 312 -0.88 14.70 19.85
CA TYR C 312 0.01 13.58 19.55
C TYR C 312 0.33 13.51 18.06
N MET C 313 1.60 13.25 17.75
CA MET C 313 2.03 13.01 16.38
C MET C 313 2.46 11.56 16.21
N ALA C 314 2.61 10.88 17.35
CA ALA C 314 3.00 9.47 17.37
C ALA C 314 2.87 8.92 18.78
N CYS C 315 2.61 7.61 18.87
CA CYS C 315 2.51 6.94 20.17
C CYS C 315 3.01 5.51 20.05
N CYS C 316 4.15 5.25 20.69
CA CYS C 316 4.79 3.94 20.66
C CYS C 316 4.82 3.33 22.05
N LEU C 317 4.58 2.03 22.13
CA LEU C 317 4.61 1.31 23.40
C LEU C 317 5.63 0.18 23.37
N LEU C 318 6.68 0.33 24.17
CA LEU C 318 7.75 -0.66 24.25
C LEU C 318 7.63 -1.51 25.51
N TYR C 319 6.94 -2.63 25.39
CA TYR C 319 6.74 -3.54 26.52
C TYR C 319 7.93 -4.47 26.70
N ARG C 320 8.11 -4.97 27.92
CA ARG C 320 9.08 -6.02 28.18
C ARG C 320 8.64 -6.87 29.37
N GLY C 321 8.80 -8.19 29.22
CA GLY C 321 8.43 -9.13 30.26
C GLY C 321 7.24 -9.98 29.88
N ASP C 322 6.39 -10.27 30.87
CA ASP C 322 5.21 -11.10 30.66
C ASP C 322 4.08 -10.30 30.04
N VAL C 323 4.11 -10.19 28.72
CA VAL C 323 3.12 -9.41 27.98
C VAL C 323 2.75 -10.11 26.68
N VAL C 324 1.45 -10.15 26.38
CA VAL C 324 0.96 -10.70 25.13
C VAL C 324 0.08 -9.67 24.41
N PRO C 325 0.05 -9.72 23.07
CA PRO C 325 -0.70 -8.72 22.28
C PRO C 325 -2.16 -8.56 22.69
N LYS C 326 -2.79 -9.64 23.14
CA LYS C 326 -4.21 -9.61 23.51
C LYS C 326 -4.47 -8.61 24.63
N ASP C 327 -3.70 -8.71 25.69
CA ASP C 327 -3.88 -7.82 26.85
C ASP C 327 -3.52 -6.39 26.50
N VAL C 328 -2.58 -6.23 25.57
CA VAL C 328 -2.18 -4.90 25.11
C VAL C 328 -3.32 -4.21 24.38
N ASN C 329 -3.89 -4.91 23.40
CA ASN C 329 -4.96 -4.35 22.58
C ASN C 329 -6.18 -3.97 23.42
N ALA C 330 -6.47 -4.78 24.45
CA ALA C 330 -7.59 -4.50 25.34
C ALA C 330 -7.33 -3.25 26.16
N ALA C 331 -6.11 -3.15 26.69
CA ALA C 331 -5.72 -2.00 27.52
C ALA C 331 -5.74 -0.72 26.70
N ILE C 332 -5.34 -0.80 25.44
CA ILE C 332 -5.32 0.35 24.56
C ILE C 332 -6.74 0.80 24.23
N ALA C 333 -7.62 -0.15 24.00
CA ALA C 333 -9.01 0.16 23.65
C ALA C 333 -9.71 0.89 24.79
N THR C 334 -9.43 0.47 26.02
CA THR C 334 -10.00 1.10 27.20
C THR C 334 -9.49 2.52 27.36
N ILE C 335 -8.19 2.69 27.19
CA ILE C 335 -7.53 3.99 27.36
C ILE C 335 -8.07 5.02 26.38
N LYS C 336 -8.29 4.61 25.13
CA LYS C 336 -8.72 5.52 24.09
C LYS C 336 -10.09 6.14 24.38
N THR C 337 -10.90 5.43 25.16
CA THR C 337 -12.26 5.87 25.48
C THR C 337 -12.35 6.47 26.88
N LYS C 338 -11.22 6.89 27.43
CA LYS C 338 -11.18 7.43 28.79
C LYS C 338 -10.10 8.49 29.01
N ARG C 339 -9.20 8.66 28.06
CA ARG C 339 -8.08 9.58 28.20
C ARG C 339 -8.14 10.74 27.20
N SER C 340 -7.49 11.84 27.56
CA SER C 340 -7.41 13.00 26.67
C SER C 340 -6.31 12.79 25.62
N ILE C 341 -6.55 11.83 24.74
CA ILE C 341 -5.62 11.52 23.66
C ILE C 341 -6.18 12.00 22.33
N GLN C 342 -5.53 12.99 21.74
CA GLN C 342 -5.95 13.52 20.45
C GLN C 342 -4.75 13.74 19.53
N PHE C 343 -4.85 13.20 18.32
CA PHE C 343 -3.79 13.32 17.33
C PHE C 343 -4.01 14.53 16.43
N VAL C 344 -2.92 15.00 15.81
CA VAL C 344 -3.02 15.98 14.74
C VAL C 344 -3.72 15.31 13.57
N ASP C 345 -4.32 16.11 12.68
CA ASP C 345 -5.19 15.57 11.65
C ASP C 345 -4.42 14.89 10.51
N TRP C 346 -3.12 15.12 10.43
CA TRP C 346 -2.32 14.64 9.31
C TRP C 346 -1.56 13.36 9.61
N CYS C 347 -1.91 12.69 10.71
CA CYS C 347 -1.27 11.43 11.08
C CYS C 347 -2.28 10.40 11.57
N PRO C 348 -1.98 9.10 11.39
CA PRO C 348 -2.86 8.05 11.89
C PRO C 348 -2.77 7.91 13.41
N THR C 349 -3.83 7.37 14.03
CA THR C 349 -3.94 7.33 15.48
C THR C 349 -3.55 5.98 16.07
N GLY C 350 -3.05 5.08 15.25
CA GLY C 350 -2.70 3.74 15.68
C GLY C 350 -1.47 3.72 16.56
N PHE C 351 -1.57 3.04 17.71
CA PHE C 351 -0.43 2.87 18.61
C PHE C 351 0.48 1.76 18.09
N LYS C 352 1.78 2.05 17.99
CA LYS C 352 2.75 1.07 17.54
C LYS C 352 3.36 0.34 18.73
N VAL C 353 3.25 -0.99 18.72
CA VAL C 353 3.63 -1.81 19.88
C VAL C 353 4.82 -2.71 19.59
N GLY C 354 5.67 -2.88 20.60
CA GLY C 354 6.78 -3.81 20.56
C GLY C 354 6.90 -4.52 21.89
N ILE C 355 7.27 -5.80 21.86
CA ILE C 355 7.37 -6.61 23.07
C ILE C 355 8.66 -7.42 23.12
N ASN C 356 9.36 -7.31 24.24
CA ASN C 356 10.54 -8.11 24.51
C ASN C 356 10.31 -9.02 25.71
N TYR C 357 10.15 -10.32 25.45
CA TYR C 357 9.79 -11.27 26.50
C TYR C 357 10.81 -11.34 27.63
N GLN C 358 11.95 -10.69 27.46
CA GLN C 358 12.97 -10.65 28.50
C GLN C 358 12.48 -9.76 29.64
N PRO C 359 12.27 -10.34 30.85
CA PRO C 359 11.69 -9.52 31.93
C PRO C 359 12.64 -8.44 32.45
N PRO C 360 12.09 -7.40 33.10
CA PRO C 360 12.93 -6.33 33.65
C PRO C 360 13.94 -6.85 34.67
N THR C 361 15.02 -6.09 34.86
CA THR C 361 16.07 -6.45 35.81
C THR C 361 16.37 -5.26 36.71
N VAL C 362 16.77 -5.53 37.95
CA VAL C 362 17.12 -4.48 38.90
C VAL C 362 18.52 -4.70 39.45
N VAL C 363 19.21 -3.60 39.74
CA VAL C 363 20.55 -3.66 40.29
C VAL C 363 20.47 -3.96 41.80
N PRO C 364 21.39 -4.78 42.32
CA PRO C 364 21.40 -5.08 43.76
C PRO C 364 21.41 -3.84 44.63
N GLY C 365 20.69 -3.89 45.76
CA GLY C 365 20.62 -2.78 46.68
C GLY C 365 19.94 -1.56 46.08
N GLY C 366 19.08 -1.80 45.09
CA GLY C 366 18.35 -0.73 44.43
C GLY C 366 17.04 -0.43 45.13
N ASP C 367 16.40 0.66 44.71
CA ASP C 367 15.13 1.08 45.31
C ASP C 367 13.95 0.55 44.50
N LEU C 368 14.18 0.29 43.22
CA LEU C 368 13.13 -0.22 42.33
C LEU C 368 12.80 -1.67 42.63
N ALA C 369 11.50 -1.97 42.72
CA ALA C 369 11.04 -3.33 42.88
C ALA C 369 11.24 -4.12 41.59
N LYS C 370 11.42 -5.43 41.72
CA LYS C 370 11.53 -6.30 40.57
C LYS C 370 10.15 -6.76 40.13
N VAL C 371 9.72 -6.32 38.95
CA VAL C 371 8.40 -6.63 38.43
C VAL C 371 8.48 -7.62 37.28
N GLN C 372 7.37 -8.32 37.02
CA GLN C 372 7.32 -9.31 35.95
C GLN C 372 7.23 -8.66 34.58
N ARG C 373 6.69 -7.44 34.54
CA ARG C 373 6.49 -6.73 33.29
C ARG C 373 6.64 -5.22 33.46
N ALA C 374 7.15 -4.57 32.43
CA ALA C 374 7.33 -3.13 32.43
C ALA C 374 7.03 -2.58 31.04
N VAL C 375 6.89 -1.26 30.93
CA VAL C 375 6.60 -0.62 29.67
C VAL C 375 7.18 0.80 29.62
N CYS C 376 7.61 1.19 28.43
CA CYS C 376 8.07 2.55 28.17
C CYS C 376 7.36 3.11 26.95
N MET C 377 6.57 4.17 27.14
CA MET C 377 5.89 4.80 26.02
C MET C 377 6.75 5.89 25.41
N LEU C 378 6.95 5.83 24.10
CA LEU C 378 7.61 6.89 23.36
C LEU C 378 6.60 7.60 22.49
N SER C 379 6.24 8.82 22.90
CA SER C 379 5.24 9.61 22.19
C SER C 379 5.85 10.89 21.63
N ASN C 380 5.36 11.30 20.46
CA ASN C 380 5.72 12.58 19.88
C ASN C 380 4.59 13.58 20.08
N THR C 381 4.68 14.37 21.14
CA THR C 381 3.65 15.34 21.49
C THR C 381 4.17 16.75 21.33
N THR C 382 3.28 17.67 20.99
CA THR C 382 3.63 19.08 20.91
C THR C 382 3.91 19.65 22.29
N ALA C 383 3.47 18.93 23.32
CA ALA C 383 3.58 19.39 24.70
C ALA C 383 5.02 19.45 25.17
N ILE C 384 5.91 18.73 24.51
CA ILE C 384 7.31 18.71 24.91
C ILE C 384 7.94 20.08 24.74
N ALA C 385 7.35 20.90 23.88
CA ALA C 385 7.85 22.24 23.61
C ALA C 385 7.80 23.12 24.86
N GLU C 386 7.01 22.70 25.84
CA GLU C 386 6.95 23.40 27.13
C GLU C 386 8.33 23.40 27.78
N ALA C 387 9.07 22.31 27.61
CA ALA C 387 10.41 22.20 28.15
C ALA C 387 11.33 23.25 27.53
N TRP C 388 11.18 23.46 26.22
CA TRP C 388 11.94 24.49 25.53
C TRP C 388 11.54 25.87 26.07
N ALA C 389 10.25 26.06 26.27
CA ALA C 389 9.70 27.35 26.69
C ALA C 389 10.24 27.77 28.05
N ARG C 390 10.29 26.83 29.00
CA ARG C 390 10.77 27.12 30.34
C ARG C 390 12.24 27.50 30.31
N LEU C 391 13.03 26.77 29.52
CA LEU C 391 14.45 27.06 29.39
C LEU C 391 14.69 28.41 28.70
N ASP C 392 13.93 28.67 27.65
CA ASP C 392 14.09 29.89 26.87
C ASP C 392 13.70 31.13 27.68
N HIS C 393 12.77 30.96 28.61
CA HIS C 393 12.36 32.07 29.47
C HIS C 393 13.50 32.45 30.41
N LYS C 394 14.12 31.46 31.01
CA LYS C 394 15.23 31.69 31.93
C LYS C 394 16.43 32.27 31.18
N PHE C 395 16.60 31.83 29.94
CA PHE C 395 17.65 32.35 29.07
C PHE C 395 17.47 33.85 28.84
N ASP C 396 16.23 34.24 28.54
CA ASP C 396 15.92 35.62 28.20
C ASP C 396 16.08 36.57 29.39
N LEU C 397 15.75 36.09 30.58
CA LEU C 397 15.85 36.92 31.78
C LEU C 397 17.27 37.39 32.02
N MET C 398 18.23 36.50 31.81
CA MET C 398 19.64 36.80 32.06
C MET C 398 20.28 37.52 30.88
N TYR C 399 19.94 37.12 29.67
CA TYR C 399 20.59 37.67 28.48
C TYR C 399 20.14 39.11 28.22
N ALA C 400 18.98 39.49 28.74
CA ALA C 400 18.50 40.85 28.61
C ALA C 400 19.46 41.80 29.32
N LYS C 401 20.09 41.31 30.38
CA LYS C 401 21.06 42.07 31.15
C LYS C 401 22.49 41.64 30.82
N ARG C 402 22.62 40.68 29.89
CA ARG C 402 23.92 40.15 29.50
C ARG C 402 24.69 39.59 30.70
N ALA C 403 23.96 39.05 31.66
CA ALA C 403 24.58 38.47 32.86
C ALA C 403 25.39 37.24 32.51
N PHE C 404 26.60 37.16 33.06
CA PHE C 404 27.50 36.01 32.88
C PHE C 404 27.96 35.83 31.44
N VAL C 405 27.58 36.74 30.55
CA VAL C 405 27.93 36.62 29.14
C VAL C 405 29.44 36.84 28.94
N HIS C 406 30.05 37.60 29.85
CA HIS C 406 31.47 37.93 29.72
C HIS C 406 32.34 36.69 29.87
N TRP C 407 31.87 35.70 30.62
CA TRP C 407 32.61 34.46 30.80
C TRP C 407 32.72 33.70 29.48
N TYR C 408 31.73 33.90 28.60
CA TYR C 408 31.71 33.24 27.31
C TYR C 408 32.51 34.04 26.29
N VAL C 409 32.34 35.36 26.30
CA VAL C 409 33.05 36.24 25.39
C VAL C 409 34.56 36.15 25.64
N GLY C 410 34.94 36.02 26.91
CA GLY C 410 36.33 35.92 27.28
C GLY C 410 37.02 34.70 26.70
N GLU C 411 36.22 33.66 26.42
CA GLU C 411 36.74 32.41 25.86
C GLU C 411 36.65 32.39 24.34
N GLY C 412 36.24 33.51 23.75
CA GLY C 412 36.30 33.69 22.31
C GLY C 412 34.95 33.81 21.62
N MET C 413 33.88 33.48 22.33
CA MET C 413 32.54 33.52 21.73
C MET C 413 32.08 34.95 21.48
N GLU C 414 31.01 35.09 20.70
CA GLU C 414 30.43 36.39 20.39
C GLU C 414 28.95 36.41 20.78
N GLU C 415 28.43 37.60 21.05
CA GLU C 415 27.03 37.75 21.41
C GLU C 415 26.12 37.31 20.26
N GLY C 416 26.66 37.33 19.04
CA GLY C 416 25.92 36.91 17.87
C GLY C 416 25.56 35.43 17.94
N GLU C 417 26.39 34.65 18.62
CA GLU C 417 26.15 33.22 18.78
C GLU C 417 25.01 32.97 19.76
N PHE C 418 24.86 33.87 20.73
CA PHE C 418 23.79 33.78 21.70
C PHE C 418 22.44 34.09 21.06
N SER C 419 22.39 35.17 20.29
CA SER C 419 21.16 35.58 19.62
C SER C 419 20.79 34.58 18.53
N GLU C 420 21.80 34.11 17.81
CA GLU C 420 21.60 33.12 16.75
C GLU C 420 20.97 31.85 17.30
N ALA C 421 21.46 31.41 18.46
CA ALA C 421 20.97 30.19 19.08
C ALA C 421 19.55 30.39 19.59
N ARG C 422 19.28 31.56 20.16
CA ARG C 422 17.96 31.83 20.73
C ARG C 422 16.89 31.92 19.65
N GLU C 423 17.25 32.48 18.49
CA GLU C 423 16.33 32.58 17.37
C GLU C 423 15.95 31.19 16.86
N ASP C 424 16.93 30.28 16.86
CA ASP C 424 16.70 28.92 16.41
C ASP C 424 15.72 28.22 17.35
N MET C 425 15.84 28.51 18.64
CA MET C 425 14.93 27.95 19.64
C MET C 425 13.53 28.54 19.47
N ALA C 426 13.47 29.82 19.13
CA ALA C 426 12.19 30.49 18.90
C ALA C 426 11.50 29.88 17.70
N ALA C 427 12.28 29.55 16.67
CA ALA C 427 11.74 28.90 15.47
C ALA C 427 11.29 27.49 15.81
N LEU C 428 12.03 26.83 16.69
CA LEU C 428 11.71 25.47 17.10
C LEU C 428 10.39 25.44 17.85
N GLU C 429 10.19 26.42 18.74
CA GLU C 429 8.92 26.54 19.45
C GLU C 429 7.79 26.81 18.47
N LYS C 430 8.10 27.58 17.43
CA LYS C 430 7.12 27.91 16.40
C LYS C 430 6.79 26.68 15.57
N ASP C 431 7.82 25.88 15.27
CA ASP C 431 7.64 24.66 14.51
C ASP C 431 6.68 23.69 15.22
N TYR C 432 6.87 23.55 16.53
CA TYR C 432 6.01 22.66 17.31
C TYR C 432 4.59 23.20 17.40
N GLU C 433 4.46 24.51 17.24
CA GLU C 433 3.14 25.14 17.25
C GLU C 433 2.46 24.94 15.90
N GLU C 434 3.24 25.00 14.83
CA GLU C 434 2.71 24.88 13.47
C GLU C 434 2.20 23.47 13.18
N VAL C 435 2.94 22.45 13.63
CA VAL C 435 2.58 21.07 13.37
C VAL C 435 1.26 20.69 14.06
N GLY C 436 0.88 21.47 15.06
CA GLY C 436 -0.34 21.20 15.81
C GLY C 436 -1.59 21.76 15.15
N VAL C 437 -1.41 22.81 14.34
CA VAL C 437 -2.53 23.46 13.67
C VAL C 437 -3.17 22.49 12.67
N ASP C 438 -4.49 22.55 12.57
CA ASP C 438 -5.23 21.70 11.64
C ASP C 438 -4.95 22.09 10.20
N SER C 439 -4.98 21.10 9.31
CA SER C 439 -4.68 21.32 7.90
C SER C 439 -5.77 22.14 7.22
N VAL C 440 -5.40 22.83 6.14
CA VAL C 440 -6.34 23.62 5.37
C VAL C 440 -7.10 22.74 4.39
N MET D 1 45.84 16.68 39.75
CA MET D 1 44.95 17.40 40.72
C MET D 1 44.77 18.86 40.29
N ARG D 2 44.23 19.67 41.19
CA ARG D 2 43.99 21.08 40.93
C ARG D 2 44.53 21.93 42.09
N GLU D 3 45.74 22.44 41.92
CA GLU D 3 46.47 23.11 43.01
C GLU D 3 46.14 24.60 43.10
N ILE D 4 46.01 25.08 44.34
CA ILE D 4 45.90 26.51 44.61
C ILE D 4 47.16 27.00 45.30
N VAL D 5 47.69 28.11 44.81
CA VAL D 5 48.89 28.72 45.38
C VAL D 5 48.51 29.85 46.33
N HIS D 6 48.76 29.64 47.62
CA HIS D 6 48.43 30.63 48.63
C HIS D 6 49.53 31.68 48.77
N ILE D 7 49.11 32.91 49.03
CA ILE D 7 50.03 34.02 49.28
C ILE D 7 49.49 34.87 50.41
N GLN D 8 50.35 35.18 51.39
CA GLN D 8 49.97 36.06 52.49
C GLN D 8 50.98 37.20 52.63
N ALA D 9 50.50 38.42 52.46
CA ALA D 9 51.35 39.61 52.44
C ALA D 9 50.98 40.58 53.56
N GLY D 10 51.99 41.18 54.15
CA GLY D 10 51.79 42.15 55.21
C GLY D 10 51.49 41.49 56.54
N GLN D 11 51.38 42.30 57.59
CA GLN D 11 51.10 41.78 58.93
C GLN D 11 49.76 41.08 58.97
N CYS D 12 48.70 41.82 58.66
CA CYS D 12 47.34 41.28 58.69
C CYS D 12 47.20 40.02 57.87
N GLY D 13 47.81 40.02 56.68
CA GLY D 13 47.74 38.88 55.78
C GLY D 13 48.36 37.62 56.36
N ASN D 14 49.52 37.77 57.00
CA ASN D 14 50.21 36.63 57.58
C ASN D 14 49.52 36.12 58.84
N GLN D 15 48.91 37.02 59.59
CA GLN D 15 48.18 36.65 60.79
C GLN D 15 47.01 35.73 60.46
N ILE D 16 46.08 36.22 59.64
CA ILE D 16 44.92 35.44 59.23
C ILE D 16 45.35 34.26 58.38
N GLY D 17 46.43 34.44 57.62
CA GLY D 17 46.98 33.39 56.80
C GLY D 17 47.44 32.23 57.65
N ALA D 18 48.20 32.53 58.70
CA ALA D 18 48.68 31.51 59.61
C ALA D 18 47.50 30.77 60.25
N LYS D 19 46.51 31.52 60.71
CA LYS D 19 45.33 30.95 61.33
C LYS D 19 44.56 30.07 60.35
N PHE D 20 44.46 30.52 59.10
CA PHE D 20 43.80 29.75 58.06
C PHE D 20 44.44 28.37 57.92
N TRP D 21 45.77 28.34 57.99
CA TRP D 21 46.50 27.08 57.85
C TRP D 21 46.42 26.24 59.11
N GLU D 22 46.24 26.88 60.26
CA GLU D 22 46.08 26.15 61.52
C GLU D 22 44.77 25.38 61.53
N VAL D 23 43.71 26.01 61.05
CA VAL D 23 42.38 25.44 61.10
C VAL D 23 42.22 24.27 60.12
N ILE D 24 42.58 24.49 58.86
CA ILE D 24 42.35 23.48 57.84
C ILE D 24 43.30 22.29 58.02
N SER D 25 44.50 22.56 58.54
CA SER D 25 45.45 21.49 58.83
C SER D 25 44.87 20.54 59.88
N ASP D 26 44.08 21.10 60.79
CA ASP D 26 43.40 20.32 61.80
C ASP D 26 42.24 19.53 61.20
N GLU D 27 41.54 20.16 60.26
CA GLU D 27 40.42 19.52 59.60
C GLU D 27 40.89 18.35 58.74
N HIS D 28 41.96 18.58 57.98
CA HIS D 28 42.54 17.54 57.13
C HIS D 28 43.38 16.57 57.95
N GLY D 29 43.54 16.87 59.24
CA GLY D 29 44.20 15.96 60.16
C GLY D 29 45.68 15.77 59.89
N ILE D 30 46.43 16.88 59.91
CA ILE D 30 47.89 16.81 59.81
C ILE D 30 48.52 17.67 60.91
N ASP D 31 49.66 17.21 61.41
CA ASP D 31 50.35 17.88 62.51
C ASP D 31 51.40 18.87 61.97
N PRO D 32 51.88 19.79 62.83
CA PRO D 32 52.88 20.78 62.41
C PRO D 32 54.15 20.18 61.81
N THR D 33 54.35 18.88 61.96
CA THR D 33 55.50 18.21 61.34
C THR D 33 55.22 17.93 59.86
N GLY D 34 53.94 17.92 59.50
CA GLY D 34 53.52 17.69 58.12
C GLY D 34 53.03 16.27 57.89
N SER D 35 52.98 15.48 58.96
CA SER D 35 52.52 14.09 58.87
C SER D 35 51.02 13.99 59.07
N TYR D 36 50.41 12.98 58.45
CA TYR D 36 48.98 12.74 58.57
C TYR D 36 48.67 11.76 59.68
N HIS D 37 47.73 12.13 60.55
CA HIS D 37 47.26 11.26 61.61
C HIS D 37 45.76 11.42 61.80
N GLY D 38 45.01 11.21 60.72
CA GLY D 38 43.57 11.33 60.73
C GLY D 38 42.90 9.98 60.81
N ASP D 39 41.61 9.94 60.44
CA ASP D 39 40.82 8.72 60.52
C ASP D 39 39.98 8.49 59.27
N SER D 40 39.67 9.56 58.55
CA SER D 40 38.84 9.48 57.35
C SER D 40 39.64 9.77 56.09
N ASP D 41 39.41 8.99 55.04
CA ASP D 41 40.10 9.16 53.77
C ASP D 41 39.65 10.44 53.06
N LEU D 42 38.50 10.96 53.46
CA LEU D 42 37.96 12.18 52.86
C LEU D 42 38.85 13.38 53.15
N GLN D 43 39.69 13.26 54.17
CA GLN D 43 40.62 14.33 54.54
C GLN D 43 41.75 14.46 53.52
N LEU D 44 42.05 13.37 52.82
CA LEU D 44 43.16 13.33 51.88
C LEU D 44 42.70 13.23 50.43
N GLU D 45 41.38 13.23 50.21
CA GLU D 45 40.83 13.12 48.87
C GLU D 45 41.31 14.27 47.98
N ARG D 46 41.27 15.48 48.51
CA ARG D 46 41.68 16.68 47.78
C ARG D 46 42.67 17.50 48.59
N ILE D 47 43.62 16.82 49.22
CA ILE D 47 44.63 17.49 50.04
C ILE D 47 45.61 18.25 49.16
N ASN D 48 45.80 17.76 47.93
CA ASN D 48 46.78 18.34 47.02
C ASN D 48 46.41 19.77 46.60
N VAL D 49 45.18 20.17 46.86
CA VAL D 49 44.71 21.51 46.49
C VAL D 49 45.50 22.59 47.22
N TYR D 50 45.86 22.33 48.48
CA TYR D 50 46.55 23.30 49.31
C TYR D 50 47.91 22.82 49.82
N TYR D 51 48.25 21.57 49.56
CA TYR D 51 49.47 20.96 50.11
C TYR D 51 50.30 20.24 49.07
N ASN D 52 51.62 20.31 49.26
CA ASN D 52 52.57 19.55 48.45
C ASN D 52 53.06 18.33 49.21
N GLU D 53 52.96 17.16 48.59
CA GLU D 53 53.40 15.92 49.23
C GLU D 53 54.89 15.70 49.02
N ALA D 54 55.63 15.66 50.13
CA ALA D 54 57.07 15.48 50.09
C ALA D 54 57.46 14.07 50.54
N THR D 55 58.76 13.84 50.67
CA THR D 55 59.27 12.51 51.04
C THR D 55 58.79 12.09 52.42
N GLY D 56 58.48 10.81 52.56
CA GLY D 56 58.03 10.27 53.82
C GLY D 56 56.63 10.73 54.19
N ASN D 57 55.78 10.91 53.18
CA ASN D 57 54.41 11.36 53.38
C ASN D 57 54.34 12.65 54.20
N LYS D 58 55.12 13.65 53.77
CA LYS D 58 55.15 14.94 54.43
C LYS D 58 54.38 15.99 53.63
N TYR D 59 53.29 16.48 54.20
CA TYR D 59 52.44 17.47 53.53
C TYR D 59 52.89 18.89 53.86
N VAL D 60 53.29 19.62 52.82
CA VAL D 60 53.80 20.98 52.98
C VAL D 60 52.81 21.98 52.35
N PRO D 61 52.34 22.97 53.13
CA PRO D 61 51.43 23.98 52.58
C PRO D 61 52.01 24.71 51.37
N ARG D 62 51.24 24.76 50.28
CA ARG D 62 51.64 25.50 49.09
C ARG D 62 51.48 27.00 49.34
N ALA D 63 52.19 27.50 50.34
CA ALA D 63 52.05 28.88 50.79
C ALA D 63 53.30 29.70 50.56
N ILE D 64 53.11 31.00 50.35
CA ILE D 64 54.22 31.93 50.14
C ILE D 64 54.05 33.12 51.09
N LEU D 65 54.96 33.23 52.05
CA LEU D 65 54.87 34.24 53.09
C LEU D 65 55.70 35.48 52.73
N VAL D 66 55.05 36.64 52.78
CA VAL D 66 55.66 37.88 52.31
C VAL D 66 55.40 39.03 53.28
N ASP D 67 56.42 39.89 53.44
CA ASP D 67 56.30 41.11 54.23
C ASP D 67 57.54 41.97 54.02
N LEU D 68 57.38 43.29 54.15
CA LEU D 68 58.49 44.22 53.97
C LEU D 68 59.26 44.46 55.28
N GLU D 69 58.98 43.64 56.28
CA GLU D 69 59.72 43.69 57.54
C GLU D 69 59.86 42.29 58.12
N PRO D 70 61.07 41.92 58.58
CA PRO D 70 61.33 40.53 58.98
C PRO D 70 60.73 40.15 60.33
N GLY D 71 60.04 41.09 60.97
CA GLY D 71 59.46 40.84 62.28
C GLY D 71 58.42 39.74 62.28
N THR D 72 57.40 39.91 61.43
CA THR D 72 56.29 38.95 61.35
C THR D 72 56.75 37.57 60.89
N MET D 73 57.91 37.53 60.24
CA MET D 73 58.42 36.27 59.68
C MET D 73 58.79 35.30 60.80
N ASP D 74 59.40 35.82 61.85
CA ASP D 74 59.76 35.02 63.00
C ASP D 74 58.53 34.59 63.78
N SER D 75 57.49 35.42 63.73
CA SER D 75 56.25 35.13 64.44
C SER D 75 55.60 33.86 63.93
N VAL D 76 55.57 33.70 62.61
CA VAL D 76 54.97 32.52 61.99
C VAL D 76 55.84 31.29 62.24
N ARG D 77 57.14 31.44 62.04
CA ARG D 77 58.07 30.33 62.20
C ARG D 77 58.13 29.87 63.65
N SER D 78 57.83 30.79 64.57
CA SER D 78 57.84 30.48 65.99
C SER D 78 56.48 30.00 66.46
N GLY D 79 55.43 30.54 65.86
CA GLY D 79 54.07 30.16 66.20
C GLY D 79 53.78 28.72 65.81
N PRO D 80 52.61 28.20 66.21
CA PRO D 80 52.23 26.82 65.87
C PRO D 80 52.17 26.61 64.36
N PHE D 81 52.44 25.40 63.91
CA PHE D 81 52.50 25.09 62.48
C PHE D 81 53.49 26.02 61.77
N GLY D 82 54.55 26.39 62.48
CA GLY D 82 55.60 27.21 61.90
C GLY D 82 56.66 26.36 61.24
N GLN D 83 56.80 25.13 61.71
CA GLN D 83 57.79 24.20 61.18
C GLN D 83 57.29 23.50 59.92
N ILE D 84 56.03 23.72 59.57
CA ILE D 84 55.42 23.04 58.43
C ILE D 84 55.65 23.83 57.14
N PHE D 85 55.78 25.15 57.26
CA PHE D 85 55.98 26.00 56.10
C PHE D 85 57.34 25.75 55.45
N ARG D 86 57.40 25.93 54.13
CA ARG D 86 58.65 25.76 53.40
C ARG D 86 59.58 26.94 53.70
N PRO D 87 60.79 26.67 54.22
CA PRO D 87 61.72 27.75 54.57
C PRO D 87 62.03 28.70 53.42
N ASP D 88 62.27 28.15 52.23
CA ASP D 88 62.64 28.96 51.08
C ASP D 88 61.51 29.88 50.64
N ASN D 89 60.27 29.51 50.98
CA ASN D 89 59.11 30.31 50.59
C ASN D 89 58.94 31.55 51.46
N PHE D 90 59.79 31.68 52.47
CA PHE D 90 59.83 32.90 53.28
C PHE D 90 60.58 34.00 52.53
N VAL D 91 59.89 35.09 52.23
CA VAL D 91 60.48 36.21 51.50
C VAL D 91 60.26 37.50 52.27
N PHE D 92 61.35 38.09 52.76
CA PHE D 92 61.27 39.25 53.64
C PHE D 92 62.24 40.36 53.26
N GLY D 93 61.75 41.60 53.34
CA GLY D 93 62.57 42.77 53.16
C GLY D 93 63.00 43.32 54.51
N GLN D 94 63.65 44.47 54.51
CA GLN D 94 64.15 45.09 55.74
C GLN D 94 63.63 46.52 55.89
N SER D 95 62.62 46.88 55.11
CA SER D 95 62.16 48.26 55.03
C SER D 95 61.10 48.59 56.09
N GLY D 96 59.87 48.15 55.83
CA GLY D 96 58.72 48.56 56.63
C GLY D 96 58.06 49.76 56.00
N ALA D 97 56.83 49.57 55.51
CA ALA D 97 56.16 50.59 54.69
C ALA D 97 55.67 51.77 55.51
N GLY D 98 55.16 51.50 56.71
CA GLY D 98 54.62 52.54 57.56
C GLY D 98 53.33 53.11 56.99
N ASN D 99 52.43 52.22 56.58
CA ASN D 99 51.11 52.60 56.10
C ASN D 99 51.15 53.58 54.92
N ASN D 100 52.17 53.45 54.07
CA ASN D 100 52.24 54.21 52.83
C ASN D 100 52.01 53.29 51.64
N TRP D 101 51.00 53.61 50.84
CA TRP D 101 50.60 52.76 49.72
C TRP D 101 51.62 52.78 48.59
N ALA D 102 52.32 53.90 48.45
CA ALA D 102 53.26 54.08 47.35
C ALA D 102 54.51 53.22 47.51
N LYS D 103 55.02 53.14 48.73
CA LYS D 103 56.24 52.38 49.01
C LYS D 103 56.05 50.90 48.65
N GLY D 104 54.89 50.36 49.01
CA GLY D 104 54.61 48.96 48.77
C GLY D 104 54.33 48.66 47.31
N HIS D 105 53.80 49.63 46.59
CA HIS D 105 53.33 49.40 45.22
C HIS D 105 54.34 49.83 44.16
N TYR D 106 55.16 50.83 44.46
CA TYR D 106 56.07 51.41 43.47
C TYR D 106 57.54 51.35 43.86
N THR D 107 57.84 51.58 45.13
CA THR D 107 59.23 51.69 45.58
C THR D 107 59.74 50.43 46.25
N GLU D 108 59.44 50.27 47.53
CA GLU D 108 60.02 49.20 48.33
C GLU D 108 59.62 47.82 47.80
N GLY D 109 58.32 47.65 47.52
CA GLY D 109 57.80 46.37 47.08
C GLY D 109 58.28 46.00 45.68
N ALA D 110 58.42 46.99 44.82
CA ALA D 110 58.82 46.77 43.43
C ALA D 110 60.22 46.17 43.33
N GLU D 111 60.97 46.26 44.43
CA GLU D 111 62.32 45.71 44.48
C GLU D 111 62.31 44.26 44.98
N LEU D 112 61.41 43.99 45.92
CA LEU D 112 61.32 42.68 46.54
C LEU D 112 60.38 41.76 45.76
N VAL D 113 59.55 42.34 44.90
CA VAL D 113 58.51 41.59 44.20
C VAL D 113 59.08 40.47 43.33
N ASP D 114 60.24 40.70 42.73
CA ASP D 114 60.84 39.72 41.83
C ASP D 114 61.22 38.44 42.56
N SER D 115 61.75 38.60 43.77
CA SER D 115 62.16 37.44 44.58
C SER D 115 60.94 36.67 45.07
N VAL D 116 59.78 37.33 45.09
CA VAL D 116 58.53 36.65 45.42
C VAL D 116 58.06 35.84 44.23
N LEU D 117 58.08 36.47 43.05
CA LEU D 117 57.65 35.82 41.82
C LEU D 117 58.46 34.55 41.55
N ASP D 118 59.73 34.55 41.98
CA ASP D 118 60.57 33.39 41.83
C ASP D 118 60.02 32.21 42.62
N VAL D 119 59.48 32.50 43.80
CA VAL D 119 58.88 31.48 44.65
C VAL D 119 57.52 31.06 44.08
N VAL D 120 56.77 32.02 43.58
CA VAL D 120 55.50 31.74 42.92
C VAL D 120 55.75 30.85 41.71
N ARG D 121 56.78 31.20 40.95
CA ARG D 121 57.13 30.49 39.72
C ARG D 121 57.55 29.05 40.02
N LYS D 122 58.34 28.86 41.07
CA LYS D 122 58.81 27.53 41.44
C LYS D 122 57.65 26.65 41.92
N GLU D 123 56.75 27.24 42.70
CA GLU D 123 55.57 26.53 43.17
C GLU D 123 54.67 26.16 42.00
N SER D 124 54.38 27.16 41.16
CA SER D 124 53.46 26.98 40.04
C SER D 124 53.93 25.94 39.03
N GLU D 125 55.22 25.91 38.76
CA GLU D 125 55.78 25.02 37.74
C GLU D 125 55.60 23.54 38.13
N SER D 126 55.44 23.28 39.42
CA SER D 126 55.28 21.93 39.92
C SER D 126 53.81 21.52 40.06
N CYS D 127 52.90 22.42 39.68
CA CYS D 127 51.48 22.12 39.72
C CYS D 127 51.09 21.22 38.55
N ASP D 128 50.27 20.21 38.82
CA ASP D 128 49.75 19.34 37.78
C ASP D 128 48.81 20.16 36.89
N CYS D 129 47.98 20.97 37.53
CA CYS D 129 47.08 21.88 36.83
C CYS D 129 46.67 23.03 37.74
N LEU D 130 47.50 24.07 37.77
CA LEU D 130 47.23 25.25 38.58
C LEU D 130 45.90 25.90 38.20
N GLN D 131 45.05 26.12 39.19
CA GLN D 131 43.75 26.75 38.96
C GLN D 131 43.79 28.24 39.27
N GLY D 132 44.66 28.65 40.19
CA GLY D 132 44.79 30.05 40.52
C GLY D 132 45.51 30.34 41.82
N PHE D 133 45.40 31.60 42.25
CA PHE D 133 46.04 32.07 43.47
C PHE D 133 45.01 32.69 44.41
N GLN D 134 45.23 32.55 45.72
CA GLN D 134 44.42 33.26 46.71
C GLN D 134 45.34 34.07 47.62
N LEU D 135 44.97 35.34 47.82
CA LEU D 135 45.78 36.28 48.59
C LEU D 135 45.09 36.71 49.87
N THR D 136 45.84 36.71 50.96
CA THR D 136 45.36 37.23 52.24
C THR D 136 46.13 38.50 52.59
N HIS D 137 45.42 39.60 52.76
CA HIS D 137 46.05 40.87 53.08
C HIS D 137 45.04 41.91 53.56
N SER D 138 45.55 43.05 54.02
CA SER D 138 44.71 44.18 54.40
C SER D 138 44.85 45.30 53.37
N LEU D 139 43.91 46.23 53.38
CA LEU D 139 43.92 47.35 52.44
C LEU D 139 44.23 48.67 53.14
N GLY D 140 44.30 48.65 54.47
CA GLY D 140 44.53 49.85 55.24
C GLY D 140 46.01 50.14 55.47
N GLY D 141 46.84 49.12 55.34
CA GLY D 141 48.27 49.25 55.57
C GLY D 141 49.01 49.80 54.38
N GLY D 142 50.26 49.38 54.22
CA GLY D 142 51.11 49.84 53.14
C GLY D 142 51.64 48.70 52.29
N THR D 143 52.14 47.66 52.94
CA THR D 143 52.71 46.52 52.24
C THR D 143 51.61 45.64 51.66
N GLY D 144 50.71 45.16 52.52
CA GLY D 144 49.62 44.31 52.10
C GLY D 144 48.70 45.00 51.12
N SER D 145 48.52 46.31 51.30
CA SER D 145 47.66 47.09 50.43
C SER D 145 48.37 47.45 49.13
N GLY D 146 49.65 47.85 49.24
CA GLY D 146 50.42 48.30 48.10
C GLY D 146 51.07 47.17 47.33
N MET D 147 51.93 46.42 48.01
CA MET D 147 52.67 45.33 47.37
C MET D 147 51.74 44.17 47.02
N GLY D 148 50.68 44.01 47.80
CA GLY D 148 49.72 42.96 47.56
C GLY D 148 49.02 43.15 46.23
N THR D 149 48.72 44.40 45.89
CA THR D 149 48.08 44.73 44.63
C THR D 149 49.09 44.80 43.48
N LEU D 150 50.36 44.92 43.83
CA LEU D 150 51.42 44.90 42.83
C LEU D 150 51.67 43.47 42.36
N LEU D 151 51.74 42.54 43.32
CA LEU D 151 51.93 41.13 43.02
C LEU D 151 50.82 40.60 42.12
N ILE D 152 49.59 41.02 42.41
CA ILE D 152 48.43 40.59 41.64
C ILE D 152 48.59 40.96 40.16
N SER D 153 48.99 42.20 39.90
CA SER D 153 49.20 42.66 38.54
C SER D 153 50.36 41.91 37.88
N LYS D 154 51.38 41.62 38.68
CA LYS D 154 52.56 40.91 38.17
C LYS D 154 52.26 39.44 37.91
N ILE D 155 51.53 38.82 38.83
CA ILE D 155 51.15 37.41 38.69
C ILE D 155 50.21 37.25 37.50
N ARG D 156 49.31 38.21 37.33
CA ARG D 156 48.33 38.16 36.25
C ARG D 156 49.00 38.29 34.89
N GLU D 157 50.20 38.86 34.88
CA GLU D 157 50.96 39.00 33.63
C GLU D 157 51.49 37.65 33.16
N GLU D 158 51.98 36.84 34.10
CA GLU D 158 52.55 35.54 33.79
C GLU D 158 51.50 34.43 33.84
N TYR D 159 50.40 34.69 34.54
CA TYR D 159 49.31 33.72 34.68
C TYR D 159 47.95 34.38 34.46
N PRO D 160 47.74 34.94 33.25
CA PRO D 160 46.50 35.66 32.93
C PRO D 160 45.29 34.75 32.80
N ASP D 161 45.52 33.48 32.46
CA ASP D 161 44.43 32.52 32.26
C ASP D 161 44.12 31.74 33.53
N ARG D 162 44.53 32.28 34.67
CA ARG D 162 44.25 31.68 35.97
C ARG D 162 43.37 32.62 36.80
N ILE D 163 42.68 32.04 37.79
CA ILE D 163 41.79 32.82 38.65
C ILE D 163 42.57 33.51 39.77
N MET D 164 42.24 34.77 40.01
CA MET D 164 42.87 35.56 41.07
C MET D 164 41.87 35.88 42.17
N ASN D 165 42.02 35.21 43.30
CA ASN D 165 41.15 35.41 44.46
C ASN D 165 41.88 36.16 45.56
N THR D 166 41.14 36.92 46.37
CA THR D 166 41.73 37.69 47.46
C THR D 166 40.81 37.79 48.66
N PHE D 167 41.39 37.62 49.86
CA PHE D 167 40.69 37.88 51.11
C PHE D 167 41.12 39.23 51.66
N SER D 168 40.48 40.29 51.18
CA SER D 168 40.87 41.65 51.53
C SER D 168 40.23 42.12 52.84
N VAL D 169 41.07 42.52 53.78
CA VAL D 169 40.58 43.03 55.07
C VAL D 169 40.40 44.55 54.99
N MET D 170 39.16 45.00 55.18
CA MET D 170 38.81 46.41 55.03
C MET D 170 39.08 47.18 56.33
N PRO D 171 39.59 48.41 56.22
CA PRO D 171 39.95 49.20 57.40
C PRO D 171 38.74 49.79 58.13
N SER D 172 38.89 50.02 59.44
CA SER D 172 37.83 50.59 60.25
C SER D 172 38.42 51.38 61.42
N PRO D 173 37.97 52.63 61.63
CA PRO D 173 38.49 53.44 62.75
C PRO D 173 38.22 52.82 64.12
N LYS D 174 37.39 51.79 64.19
CA LYS D 174 37.07 51.13 65.45
C LYS D 174 38.20 50.20 65.91
N VAL D 175 39.09 49.85 64.98
CA VAL D 175 40.16 48.89 65.26
C VAL D 175 41.52 49.55 65.14
N SER D 176 41.72 50.32 64.07
CA SER D 176 42.99 50.97 63.79
C SER D 176 42.86 52.49 63.86
N ASP D 177 43.69 53.11 64.68
CA ASP D 177 43.69 54.56 64.83
C ASP D 177 44.47 55.24 63.70
N THR D 178 45.06 54.43 62.82
CA THR D 178 45.75 54.96 61.65
C THR D 178 44.79 55.82 60.84
N VAL D 179 45.28 56.98 60.42
CA VAL D 179 44.43 58.00 59.80
C VAL D 179 44.42 57.91 58.28
N VAL D 180 45.51 57.44 57.70
CA VAL D 180 45.70 57.48 56.24
C VAL D 180 45.10 56.24 55.55
N GLU D 181 44.52 55.35 56.34
CA GLU D 181 43.99 54.08 55.81
C GLU D 181 42.99 54.24 54.66
N PRO D 182 42.05 55.20 54.75
CA PRO D 182 41.09 55.32 53.64
C PRO D 182 41.74 55.67 52.30
N TYR D 183 43.01 56.08 52.29
CA TYR D 183 43.74 56.25 51.04
C TYR D 183 44.16 54.90 50.49
N ASN D 184 44.85 54.13 51.32
CA ASN D 184 45.38 52.83 50.93
C ASN D 184 44.28 51.90 50.45
N ALA D 185 43.10 52.02 51.07
CA ALA D 185 41.97 51.19 50.70
C ALA D 185 41.46 51.55 49.31
N THR D 186 41.19 52.84 49.09
CA THR D 186 40.70 53.32 47.82
C THR D 186 41.66 52.98 46.69
N LEU D 187 42.95 53.22 46.93
CA LEU D 187 43.98 52.91 45.94
C LEU D 187 44.03 51.41 45.68
N SER D 188 43.77 50.62 46.71
CA SER D 188 43.76 49.16 46.56
C SER D 188 42.52 48.71 45.78
N VAL D 189 41.37 49.28 46.12
CA VAL D 189 40.13 48.96 45.44
C VAL D 189 40.22 49.30 43.95
N HIS D 190 40.96 50.36 43.64
CA HIS D 190 41.18 50.77 42.26
C HIS D 190 41.85 49.65 41.48
N GLN D 191 42.64 48.84 42.17
CA GLN D 191 43.36 47.72 41.55
C GLN D 191 42.52 46.46 41.55
N LEU D 192 41.93 46.14 42.70
CA LEU D 192 41.19 44.90 42.88
C LEU D 192 40.01 44.78 41.92
N VAL D 193 39.40 45.91 41.57
CA VAL D 193 38.24 45.90 40.69
C VAL D 193 38.66 45.53 39.27
N GLU D 194 39.94 45.69 38.95
CA GLU D 194 40.45 45.46 37.61
C GLU D 194 41.14 44.10 37.44
N ASN D 195 41.83 43.64 38.49
CA ASN D 195 42.76 42.52 38.36
C ASN D 195 42.46 41.29 39.23
N THR D 196 41.29 41.27 39.85
CA THR D 196 40.86 40.09 40.61
C THR D 196 39.52 39.58 40.11
N ASP D 197 39.32 38.27 40.21
CA ASP D 197 38.10 37.63 39.72
C ASP D 197 37.06 37.47 40.82
N GLU D 198 37.52 37.41 42.06
CA GLU D 198 36.63 37.29 43.21
C GLU D 198 37.31 37.76 44.49
N THR D 199 36.62 38.61 45.24
CA THR D 199 37.18 39.25 46.43
C THR D 199 36.23 39.13 47.62
N TYR D 200 36.67 38.43 48.65
CA TYR D 200 35.91 38.32 49.89
C TYR D 200 36.15 39.56 50.75
N CYS D 201 35.09 40.34 50.98
CA CYS D 201 35.21 41.57 51.74
C CYS D 201 35.17 41.32 53.24
N ILE D 202 36.34 41.01 53.80
CA ILE D 202 36.48 40.93 55.25
C ILE D 202 36.53 42.36 55.79
N ASP D 203 35.59 42.71 56.64
CA ASP D 203 35.47 44.08 57.14
C ASP D 203 35.65 44.16 58.65
N ASN D 204 36.69 44.86 59.08
CA ASN D 204 36.99 45.01 60.50
C ASN D 204 35.88 45.72 61.27
N GLU D 205 35.17 46.61 60.58
CA GLU D 205 34.03 47.29 61.18
C GLU D 205 32.98 46.26 61.58
N ALA D 206 32.78 45.27 60.72
CA ALA D 206 31.82 44.21 60.99
C ALA D 206 32.37 43.25 62.03
N LEU D 207 33.63 42.86 61.88
CA LEU D 207 34.28 41.94 62.81
C LEU D 207 34.29 42.51 64.23
N TYR D 208 34.44 43.83 64.33
CA TYR D 208 34.46 44.49 65.64
C TYR D 208 33.07 44.47 66.27
N ASP D 209 32.06 44.82 65.49
CA ASP D 209 30.68 44.85 65.98
C ASP D 209 30.24 43.48 66.46
N ILE D 210 30.62 42.43 65.73
CA ILE D 210 30.26 41.07 66.11
C ILE D 210 30.85 40.71 67.46
N CYS D 211 32.17 40.87 67.60
CA CYS D 211 32.85 40.55 68.84
C CYS D 211 32.30 41.36 70.01
N PHE D 212 31.97 42.63 69.74
CA PHE D 212 31.53 43.54 70.79
C PHE D 212 30.07 43.30 71.18
N ARG D 213 29.17 43.38 70.21
CA ARG D 213 27.74 43.34 70.49
C ARG D 213 27.18 41.92 70.64
N THR D 214 27.64 41.00 69.80
CA THR D 214 27.13 39.64 69.82
C THR D 214 27.88 38.76 70.81
N LEU D 215 29.19 38.60 70.60
CA LEU D 215 30.01 37.74 71.45
C LEU D 215 30.28 38.37 72.81
N LYS D 216 29.91 39.63 72.97
CA LYS D 216 30.07 40.33 74.24
C LYS D 216 31.54 40.41 74.66
N LEU D 217 32.36 41.03 73.81
CA LEU D 217 33.78 41.19 74.07
C LEU D 217 34.23 42.63 73.89
N THR D 218 34.18 43.40 74.98
CA THR D 218 34.65 44.78 74.96
C THR D 218 36.17 44.80 74.79
N THR D 219 36.66 45.77 74.02
CA THR D 219 38.08 45.85 73.68
C THR D 219 38.58 44.53 73.11
N PRO D 220 38.05 44.13 71.95
CA PRO D 220 38.42 42.86 71.32
C PRO D 220 39.82 42.87 70.72
N THR D 221 40.58 41.81 70.97
CA THR D 221 41.92 41.68 70.40
C THR D 221 41.82 41.24 68.95
N TYR D 222 42.95 41.28 68.24
CA TYR D 222 42.99 40.79 66.87
C TYR D 222 42.75 39.28 66.86
N GLY D 223 43.08 38.62 67.96
CA GLY D 223 42.85 37.19 68.10
C GLY D 223 41.37 36.87 68.10
N ASP D 224 40.56 37.80 68.59
CA ASP D 224 39.10 37.63 68.61
C ASP D 224 38.52 37.83 67.21
N LEU D 225 39.04 38.83 66.49
CA LEU D 225 38.59 39.11 65.14
C LEU D 225 38.96 37.98 64.20
N ASN D 226 40.16 37.44 64.35
CA ASN D 226 40.66 36.41 63.46
C ASN D 226 39.98 35.06 63.68
N HIS D 227 39.39 34.88 64.85
CA HIS D 227 38.66 33.65 65.14
C HIS D 227 37.40 33.61 64.28
N LEU D 228 36.92 34.79 63.89
CA LEU D 228 35.80 34.90 62.96
C LEU D 228 36.28 34.69 61.53
N VAL D 229 37.41 35.32 61.21
CA VAL D 229 37.99 35.21 59.87
C VAL D 229 38.37 33.78 59.57
N SER D 230 39.03 33.12 60.52
CA SER D 230 39.46 31.74 60.35
C SER D 230 38.27 30.82 60.14
N ALA D 231 37.19 31.09 60.87
CA ALA D 231 35.96 30.31 60.73
C ALA D 231 35.30 30.58 59.38
N THR D 232 35.41 31.83 58.93
CA THR D 232 34.84 32.23 57.64
C THR D 232 35.64 31.63 56.50
N MET D 233 36.97 31.79 56.55
CA MET D 233 37.84 31.31 55.49
C MET D 233 37.81 29.79 55.38
N SER D 234 37.61 29.11 56.51
CA SER D 234 37.48 27.66 56.51
C SER D 234 36.20 27.23 55.80
N GLY D 235 35.15 28.04 55.95
CA GLY D 235 33.85 27.73 55.39
C GLY D 235 33.78 27.95 53.89
N VAL D 236 34.29 29.09 53.43
CA VAL D 236 34.22 29.45 52.02
C VAL D 236 35.19 28.63 51.16
N THR D 237 36.04 27.83 51.82
CA THR D 237 37.00 26.99 51.12
C THR D 237 36.69 25.52 51.28
N THR D 238 35.63 25.20 52.02
CA THR D 238 35.21 23.83 52.23
C THR D 238 34.92 23.13 50.90
N CYS D 239 34.25 23.84 50.00
CA CYS D 239 33.88 23.29 48.71
C CYS D 239 35.13 23.02 47.86
N LEU D 240 36.23 23.69 48.19
CA LEU D 240 37.48 23.53 47.46
C LEU D 240 38.33 22.40 48.04
N ARG D 241 38.15 22.13 49.33
CA ARG D 241 39.06 21.25 50.06
C ARG D 241 38.55 19.82 50.23
N PHE D 242 37.23 19.64 50.11
CA PHE D 242 36.62 18.32 50.26
C PHE D 242 35.84 17.91 49.02
N PRO D 243 35.70 16.60 48.77
CA PRO D 243 34.95 16.13 47.60
C PRO D 243 33.52 16.64 47.58
N GLY D 244 33.19 17.42 46.55
CA GLY D 244 31.87 18.04 46.47
C GLY D 244 31.38 18.19 45.04
N GLN D 245 30.38 19.05 44.87
CA GLN D 245 29.69 19.23 43.60
C GLN D 245 29.59 20.71 43.25
N LEU D 246 29.16 21.50 44.22
CA LEU D 246 28.91 22.93 44.02
C LEU D 246 30.16 23.77 44.26
N ASN D 247 30.56 24.54 43.26
CA ASN D 247 31.70 25.45 43.36
C ASN D 247 32.95 24.74 43.88
N ALA D 248 33.35 23.67 43.19
CA ALA D 248 34.44 22.83 43.65
C ALA D 248 35.81 23.40 43.31
N ASP D 249 35.83 24.46 42.50
CA ASP D 249 37.08 25.14 42.15
C ASP D 249 36.86 26.64 42.03
N LEU D 250 37.97 27.38 41.95
CA LEU D 250 37.91 28.84 41.94
C LEU D 250 37.17 29.38 40.71
N ARG D 251 37.30 28.69 39.59
CA ARG D 251 36.68 29.15 38.35
C ARG D 251 35.17 28.93 38.37
N LYS D 252 34.74 27.72 38.71
CA LYS D 252 33.32 27.40 38.76
C LYS D 252 32.59 28.26 39.78
N LEU D 253 33.30 28.66 40.83
CA LEU D 253 32.74 29.56 41.83
C LEU D 253 32.49 30.93 41.23
N ALA D 254 33.50 31.45 40.51
CA ALA D 254 33.41 32.75 39.90
C ALA D 254 32.32 32.80 38.83
N VAL D 255 32.18 31.71 38.09
CA VAL D 255 31.16 31.61 37.04
C VAL D 255 29.76 31.72 37.63
N ASN D 256 29.58 31.13 38.82
CA ASN D 256 28.27 31.12 39.45
C ASN D 256 28.01 32.37 40.30
N MET D 257 29.06 33.09 40.67
CA MET D 257 28.96 34.21 41.59
C MET D 257 29.07 35.58 40.93
N VAL D 258 29.79 35.65 39.80
CA VAL D 258 30.10 36.92 39.16
C VAL D 258 29.35 37.09 37.84
N PRO D 259 28.20 37.80 37.87
CA PRO D 259 27.45 38.04 36.63
C PRO D 259 28.08 39.13 35.77
N PHE D 260 28.86 40.01 36.39
CA PHE D 260 29.59 41.04 35.68
C PHE D 260 30.99 41.17 36.30
N PRO D 261 32.02 41.30 35.45
CA PRO D 261 33.42 41.16 35.89
C PRO D 261 33.81 42.09 37.03
N ARG D 262 33.35 43.34 36.98
CA ARG D 262 33.71 44.32 38.00
C ARG D 262 33.01 44.05 39.33
N LEU D 263 31.82 43.49 39.26
CA LEU D 263 31.03 43.22 40.47
C LEU D 263 31.38 41.86 41.05
N HIS D 264 32.58 41.76 41.61
CA HIS D 264 33.09 40.50 42.16
C HIS D 264 33.48 40.63 43.63
N PHE D 265 32.83 41.56 44.32
CA PHE D 265 33.09 41.79 45.74
C PHE D 265 31.99 41.19 46.60
N PHE D 266 32.31 40.08 47.26
CA PHE D 266 31.34 39.33 48.05
C PHE D 266 31.37 39.76 49.50
N MET D 267 30.22 39.66 50.17
CA MET D 267 30.15 39.85 51.61
C MET D 267 29.90 38.50 52.28
N PRO D 268 30.92 37.95 52.95
CA PRO D 268 30.72 36.63 53.55
C PRO D 268 29.90 36.68 54.84
N GLY D 269 29.47 35.52 55.32
CA GLY D 269 28.70 35.41 56.54
C GLY D 269 28.93 34.07 57.20
N PHE D 270 28.66 33.99 58.50
CA PHE D 270 28.90 32.76 59.25
C PHE D 270 27.87 32.60 60.36
N ALA D 271 27.57 31.35 60.70
CA ALA D 271 26.62 31.07 61.77
C ALA D 271 26.88 29.68 62.38
N PRO D 272 26.71 29.55 63.70
CA PRO D 272 26.35 30.60 64.67
C PRO D 272 27.58 31.40 65.13
N LEU D 273 27.35 32.35 66.04
CA LEU D 273 28.43 33.17 66.57
C LEU D 273 28.50 33.07 68.10
N LEU D 284 22.14 23.46 67.52
CA LEU D 284 21.02 24.16 66.91
C LEU D 284 20.30 23.27 65.91
N THR D 285 19.23 23.80 65.32
CA THR D 285 18.48 23.13 64.28
C THR D 285 18.69 23.83 62.94
N VAL D 286 18.22 23.22 61.86
CA VAL D 286 18.45 23.73 60.52
C VAL D 286 17.75 25.08 60.26
N PRO D 287 16.49 25.23 60.68
CA PRO D 287 15.82 26.50 60.45
C PRO D 287 16.52 27.68 61.14
N GLU D 288 17.08 27.42 62.32
CA GLU D 288 17.79 28.45 63.08
C GLU D 288 19.01 28.95 62.31
N LEU D 289 19.85 28.01 61.86
CA LEU D 289 21.05 28.34 61.10
C LEU D 289 20.74 29.18 59.88
N THR D 290 19.69 28.80 59.16
CA THR D 290 19.36 29.43 57.88
C THR D 290 18.94 30.88 58.06
N GLN D 291 18.19 31.16 59.13
CA GLN D 291 17.72 32.51 59.38
C GLN D 291 18.85 33.41 59.88
N GLN D 292 19.81 32.83 60.58
CA GLN D 292 20.93 33.58 61.13
C GLN D 292 21.93 34.00 60.05
N MET D 293 22.21 33.11 59.12
CA MET D 293 23.22 33.37 58.10
C MET D 293 22.76 34.45 57.13
N PHE D 294 21.44 34.63 57.01
CA PHE D 294 20.88 35.67 56.16
C PHE D 294 20.62 36.96 56.95
N ASP D 295 20.96 36.95 58.23
CA ASP D 295 20.78 38.12 59.08
C ASP D 295 21.98 39.06 58.96
N SER D 296 21.73 40.35 59.04
CA SER D 296 22.77 41.35 58.89
C SER D 296 23.81 41.28 60.01
N LYS D 297 23.40 40.76 61.15
CA LYS D 297 24.28 40.68 62.32
C LYS D 297 25.41 39.67 62.09
N ASN D 298 25.19 38.74 61.16
CA ASN D 298 26.13 37.65 60.93
C ASN D 298 26.98 37.86 59.68
N MET D 299 26.92 39.06 59.11
CA MET D 299 27.71 39.38 57.92
C MET D 299 29.07 39.93 58.34
N MET D 300 30.12 39.44 57.67
CA MET D 300 31.48 39.90 57.94
C MET D 300 31.79 41.17 57.16
N ALA D 301 30.77 41.70 56.49
CA ALA D 301 30.86 43.01 55.84
C ALA D 301 29.77 43.92 56.41
N ALA D 302 30.18 45.07 56.91
CA ALA D 302 29.26 45.99 57.58
C ALA D 302 28.22 46.53 56.60
N CYS D 303 27.31 45.66 56.17
CA CYS D 303 26.27 46.04 55.22
C CYS D 303 24.98 45.27 55.48
N ASP D 304 23.86 45.94 55.29
CA ASP D 304 22.54 45.34 55.47
C ASP D 304 22.03 44.82 54.12
N PRO D 305 21.89 43.49 53.98
CA PRO D 305 21.48 42.95 52.67
C PRO D 305 20.06 43.38 52.26
N ARG D 306 19.28 43.85 53.23
CA ARG D 306 17.92 44.31 52.95
C ARG D 306 17.92 45.77 52.48
N HIS D 307 19.10 46.33 52.28
CA HIS D 307 19.24 47.66 51.70
C HIS D 307 19.54 47.57 50.20
N GLY D 308 19.65 46.33 49.70
CA GLY D 308 19.91 46.10 48.29
C GLY D 308 19.31 44.79 47.84
N ARG D 309 19.90 44.20 46.80
CA ARG D 309 19.42 42.92 46.27
C ARG D 309 20.59 41.96 46.04
N TYR D 310 20.32 40.67 46.22
CA TYR D 310 21.32 39.64 45.95
C TYR D 310 21.37 39.31 44.47
N LEU D 311 22.53 39.50 43.86
CA LEU D 311 22.76 39.04 42.49
C LEU D 311 22.90 37.52 42.50
N THR D 312 23.75 37.04 43.39
CA THR D 312 24.01 35.61 43.54
C THR D 312 24.31 35.28 45.00
N VAL D 313 24.14 34.01 45.37
CA VAL D 313 24.42 33.56 46.73
C VAL D 313 24.94 32.12 46.73
N ALA D 314 25.97 31.88 47.53
CA ALA D 314 26.47 30.54 47.77
C ALA D 314 26.50 30.28 49.28
N ALA D 315 25.93 29.14 49.68
CA ALA D 315 25.82 28.80 51.10
C ALA D 315 26.25 27.35 51.35
N ILE D 316 27.09 27.17 52.36
CA ILE D 316 27.53 25.84 52.75
C ILE D 316 27.00 25.49 54.14
N PHE D 317 26.45 24.29 54.27
CA PHE D 317 26.03 23.76 55.55
C PHE D 317 26.93 22.59 55.93
N ARG D 318 27.52 22.66 57.12
CA ARG D 318 28.46 21.63 57.57
C ARG D 318 27.94 20.96 58.85
N GLY D 319 28.13 19.65 58.92
CA GLY D 319 27.65 18.84 60.02
C GLY D 319 26.62 17.84 59.55
N ARG D 320 26.27 16.90 60.42
CA ARG D 320 25.29 15.87 60.08
C ARG D 320 23.87 16.38 60.27
N MET D 321 23.16 16.55 59.16
CA MET D 321 21.80 17.06 59.17
C MET D 321 20.99 16.46 58.03
N SER D 322 19.68 16.64 58.08
CA SER D 322 18.80 16.18 57.02
C SER D 322 18.86 17.12 55.81
N MET D 323 19.29 16.59 54.67
CA MET D 323 19.37 17.38 53.45
C MET D 323 17.98 17.83 53.01
N LYS D 324 16.95 17.10 53.43
CA LYS D 324 15.57 17.47 53.13
C LYS D 324 15.22 18.78 53.82
N GLU D 325 15.57 18.88 55.09
CA GLU D 325 15.23 20.05 55.89
C GLU D 325 15.98 21.28 55.37
N VAL D 326 17.24 21.11 55.01
CA VAL D 326 18.04 22.21 54.48
C VAL D 326 17.46 22.74 53.17
N ASP D 327 17.06 21.84 52.29
CA ASP D 327 16.50 22.22 51.01
C ASP D 327 15.18 22.97 51.18
N GLU D 328 14.39 22.55 52.16
CA GLU D 328 13.10 23.18 52.42
C GLU D 328 13.26 24.58 52.99
N GLN D 329 14.23 24.76 53.89
CA GLN D 329 14.47 26.05 54.52
C GLN D 329 15.09 27.05 53.56
N MET D 330 15.99 26.57 52.70
CA MET D 330 16.63 27.43 51.72
C MET D 330 15.62 27.91 50.68
N LEU D 331 14.61 27.08 50.42
CA LEU D 331 13.51 27.47 49.56
C LEU D 331 12.59 28.46 50.28
N ASN D 332 12.44 28.25 51.59
CA ASN D 332 11.55 29.06 52.39
C ASN D 332 12.02 30.51 52.49
N VAL D 333 13.33 30.70 52.69
CA VAL D 333 13.91 32.04 52.81
C VAL D 333 13.76 32.81 51.51
N GLN D 334 14.02 32.16 50.39
CA GLN D 334 13.93 32.81 49.09
C GLN D 334 12.52 33.29 48.79
N ASN D 335 11.52 32.56 49.28
CA ASN D 335 10.13 32.93 49.09
C ASN D 335 9.72 34.09 50.00
N LYS D 336 10.14 34.02 51.25
CA LYS D 336 9.79 35.05 52.23
C LYS D 336 10.60 36.33 52.02
N ASN D 337 11.69 36.24 51.27
CA ASN D 337 12.56 37.38 51.00
C ASN D 337 12.84 37.50 49.51
N SER D 338 11.85 37.21 48.70
CA SER D 338 12.00 37.16 47.25
C SER D 338 12.38 38.52 46.64
N SER D 339 12.02 39.59 47.33
CA SER D 339 12.27 40.94 46.83
C SER D 339 13.76 41.31 46.89
N TYR D 340 14.52 40.55 47.66
CA TYR D 340 15.94 40.82 47.85
C TYR D 340 16.81 39.92 46.98
N PHE D 341 16.19 39.23 46.03
CA PHE D 341 16.90 38.47 45.01
C PHE D 341 16.46 38.96 43.64
N VAL D 342 17.41 39.39 42.82
CA VAL D 342 17.08 39.87 41.47
C VAL D 342 16.38 38.78 40.69
N GLU D 343 15.28 39.12 40.04
CA GLU D 343 14.46 38.14 39.35
C GLU D 343 15.01 37.82 37.95
N TRP D 344 15.90 38.67 37.46
CA TRP D 344 16.44 38.48 36.11
C TRP D 344 17.62 37.51 36.10
N ILE D 345 17.92 36.93 37.28
CA ILE D 345 18.83 35.79 37.37
C ILE D 345 18.12 34.66 38.09
N PRO D 346 17.49 33.74 37.34
CA PRO D 346 16.77 32.62 37.97
C PRO D 346 17.71 31.67 38.69
N ASN D 347 17.28 31.16 39.84
CA ASN D 347 18.03 30.16 40.58
C ASN D 347 19.44 30.63 40.91
N ASN D 348 19.55 31.82 41.48
CA ASN D 348 20.85 32.43 41.77
C ASN D 348 21.39 32.04 43.15
N VAL D 349 20.67 31.18 43.85
CA VAL D 349 21.08 30.71 45.17
C VAL D 349 21.41 29.22 45.13
N LYS D 350 22.64 28.88 45.50
CA LYS D 350 23.10 27.50 45.49
C LYS D 350 23.52 27.04 46.88
N THR D 351 23.16 25.81 47.23
CA THR D 351 23.44 25.25 48.54
C THR D 351 24.37 24.04 48.44
N ALA D 352 25.36 23.98 49.32
CA ALA D 352 26.26 22.85 49.42
C ALA D 352 26.17 22.22 50.82
N VAL D 353 26.60 20.97 50.93
CA VAL D 353 26.58 20.26 52.20
C VAL D 353 27.83 19.40 52.37
N CYS D 354 28.53 19.62 53.48
CA CYS D 354 29.70 18.82 53.84
C CYS D 354 29.43 18.05 55.12
N ASP D 355 29.62 16.74 55.09
CA ASP D 355 29.34 15.89 56.25
C ASP D 355 30.23 16.23 57.43
N ILE D 356 31.47 16.60 57.15
CA ILE D 356 32.45 16.89 58.21
C ILE D 356 32.26 18.30 58.77
N PRO D 357 31.89 18.42 60.05
CA PRO D 357 31.74 19.76 60.63
C PRO D 357 33.08 20.38 61.02
N PRO D 358 33.08 21.68 61.36
CA PRO D 358 34.32 22.32 61.83
C PRO D 358 34.73 21.85 63.22
N ARG D 359 35.76 22.46 63.79
CA ARG D 359 36.21 22.12 65.13
C ARG D 359 35.35 22.81 66.17
N GLY D 360 34.80 22.04 67.10
CA GLY D 360 34.01 22.57 68.20
C GLY D 360 32.52 22.56 67.93
N LEU D 361 32.12 22.96 66.74
CA LEU D 361 30.70 23.06 66.38
C LEU D 361 30.17 21.73 65.85
N LYS D 362 28.98 21.36 66.32
CA LYS D 362 28.31 20.16 65.84
C LYS D 362 27.75 20.39 64.45
N MET D 363 27.37 21.64 64.18
CA MET D 363 26.90 22.03 62.86
C MET D 363 26.97 23.55 62.70
N SER D 364 27.35 23.98 61.50
CA SER D 364 27.50 25.40 61.20
C SER D 364 27.00 25.74 59.81
N ALA D 365 27.11 27.00 59.43
CA ALA D 365 26.68 27.45 58.10
C ALA D 365 27.46 28.69 57.67
N THR D 366 28.06 28.63 56.50
CA THR D 366 28.81 29.75 55.94
C THR D 366 28.07 30.35 54.76
N PHE D 367 28.14 31.67 54.64
CA PHE D 367 27.38 32.41 53.64
C PHE D 367 28.31 33.23 52.74
N ILE D 368 28.10 33.14 51.44
CA ILE D 368 28.80 33.96 50.46
C ILE D 368 27.76 34.64 49.56
N GLY D 369 27.69 35.96 49.63
CA GLY D 369 26.69 36.72 48.90
C GLY D 369 27.27 37.85 48.07
N ASN D 370 26.83 37.91 46.81
CA ASN D 370 27.14 39.04 45.93
C ASN D 370 25.97 40.01 45.94
N SER D 371 25.91 40.85 46.96
CA SER D 371 24.79 41.77 47.15
C SER D 371 25.15 43.17 46.69
N THR D 372 24.16 43.88 46.13
CA THR D 372 24.34 45.25 45.72
C THR D 372 24.45 46.17 46.94
N ALA D 373 24.16 45.63 48.12
CA ALA D 373 24.28 46.38 49.36
C ALA D 373 25.73 46.50 49.80
N ILE D 374 26.64 45.89 49.04
CA ILE D 374 28.06 45.99 49.33
C ILE D 374 28.53 47.43 49.19
N GLN D 375 27.77 48.22 48.42
CA GLN D 375 28.11 49.61 48.17
C GLN D 375 28.19 50.41 49.46
N GLU D 376 27.43 49.98 50.47
CA GLU D 376 27.45 50.64 51.78
C GLU D 376 28.86 50.63 52.37
N LEU D 377 29.62 49.60 52.03
CA LEU D 377 31.00 49.48 52.49
C LEU D 377 31.90 50.43 51.70
N PHE D 378 31.71 50.45 50.38
CA PHE D 378 32.52 51.31 49.52
C PHE D 378 32.16 52.78 49.68
N LYS D 379 30.97 53.05 50.19
CA LYS D 379 30.54 54.43 50.45
C LYS D 379 31.15 54.94 51.75
N ARG D 380 31.34 54.05 52.71
CA ARG D 380 31.98 54.40 53.97
C ARG D 380 33.42 54.82 53.72
N ILE D 381 34.15 54.01 52.96
CA ILE D 381 35.53 54.31 52.61
C ILE D 381 35.60 55.59 51.79
N SER D 382 34.72 55.71 50.81
CA SER D 382 34.69 56.88 49.92
C SER D 382 34.43 58.16 50.71
N GLU D 383 33.64 58.04 51.77
CA GLU D 383 33.32 59.18 52.62
C GLU D 383 34.54 59.59 53.45
N GLN D 384 35.25 58.59 53.96
CA GLN D 384 36.46 58.84 54.73
C GLN D 384 37.59 59.32 53.83
N PHE D 385 37.63 58.81 52.61
CA PHE D 385 38.67 59.17 51.64
C PHE D 385 38.59 60.64 51.28
N THR D 386 37.41 61.08 50.84
CA THR D 386 37.24 62.45 50.36
C THR D 386 37.44 63.47 51.48
N ALA D 387 37.25 63.04 52.72
CA ALA D 387 37.44 63.90 53.87
C ALA D 387 38.92 64.27 54.02
N MET D 388 39.78 63.31 53.73
CA MET D 388 41.22 63.51 53.80
C MET D 388 41.71 64.22 52.54
N PHE D 389 41.25 63.75 51.39
CA PHE D 389 41.77 64.20 50.11
C PHE D 389 41.38 65.64 49.78
N ARG D 390 40.30 66.12 50.36
CA ARG D 390 39.88 67.50 50.12
C ARG D 390 40.89 68.46 50.74
N ARG D 391 41.51 68.02 51.84
CA ARG D 391 42.52 68.81 52.52
C ARG D 391 43.91 68.49 51.98
N LYS D 392 43.99 67.46 51.13
CA LYS D 392 45.28 66.94 50.69
C LYS D 392 46.07 66.47 51.90
N ALA D 393 45.34 66.05 52.93
CA ALA D 393 45.94 65.66 54.20
C ALA D 393 46.96 64.53 54.00
N PHE D 394 48.23 64.82 54.30
CA PHE D 394 49.29 63.81 54.21
C PHE D 394 49.45 63.27 52.80
N LEU D 395 49.09 64.06 51.81
CA LEU D 395 49.22 63.66 50.41
C LEU D 395 50.66 63.75 49.96
N HIS D 396 51.45 64.58 50.64
CA HIS D 396 52.85 64.78 50.29
C HIS D 396 53.68 63.52 50.57
N TRP D 397 53.18 62.66 51.46
CA TRP D 397 53.83 61.39 51.74
C TRP D 397 53.74 60.46 50.54
N TYR D 398 52.70 60.65 49.73
CA TYR D 398 52.48 59.84 48.54
C TYR D 398 53.18 60.41 47.32
N THR D 399 52.94 61.69 47.05
CA THR D 399 53.53 62.36 45.90
C THR D 399 55.05 62.36 45.99
N GLY D 400 55.58 62.30 47.20
CA GLY D 400 57.01 62.27 47.42
C GLY D 400 57.64 61.00 46.89
N GLU D 401 56.86 59.92 46.85
CA GLU D 401 57.33 58.64 46.35
C GLU D 401 57.21 58.56 44.81
N GLY D 402 56.82 59.66 44.19
CA GLY D 402 56.76 59.76 42.75
C GLY D 402 55.35 59.71 42.18
N MET D 403 54.36 59.58 43.05
CA MET D 403 52.97 59.47 42.61
C MET D 403 52.43 60.82 42.12
N ASP D 404 51.23 60.78 41.56
CA ASP D 404 50.56 61.97 41.04
C ASP D 404 49.21 62.14 41.72
N GLU D 405 48.68 63.36 41.69
CA GLU D 405 47.37 63.64 42.27
C GLU D 405 46.26 62.96 41.47
N MET D 406 46.51 62.72 40.18
CA MET D 406 45.55 62.10 39.30
C MET D 406 45.22 60.67 39.74
N GLU D 407 46.26 59.91 40.07
CA GLU D 407 46.10 58.52 40.47
C GLU D 407 45.18 58.40 41.68
N PHE D 408 45.16 59.43 42.51
CA PHE D 408 44.22 59.51 43.62
C PHE D 408 42.83 59.82 43.11
N THR D 409 42.74 60.66 42.09
CA THR D 409 41.47 61.07 41.51
C THR D 409 40.85 59.91 40.72
N GLU D 410 41.68 59.23 39.93
CA GLU D 410 41.21 58.10 39.13
C GLU D 410 40.70 56.98 40.02
N ALA D 411 41.45 56.69 41.10
CA ALA D 411 41.08 55.65 42.04
C ALA D 411 39.75 55.99 42.72
N GLU D 412 39.54 57.27 42.99
CA GLU D 412 38.32 57.73 43.64
C GLU D 412 37.12 57.54 42.72
N SER D 413 37.26 58.00 41.48
CA SER D 413 36.16 57.95 40.53
C SER D 413 35.86 56.54 40.08
N ASN D 414 36.87 55.68 40.03
CA ASN D 414 36.68 54.29 39.64
C ASN D 414 35.85 53.54 40.67
N MET D 415 36.07 53.86 41.93
CA MET D 415 35.29 53.26 43.01
C MET D 415 33.90 53.87 43.04
N ASN D 416 33.78 55.11 42.60
CA ASN D 416 32.49 55.77 42.49
C ASN D 416 31.66 55.14 41.38
N ASP D 417 32.34 54.65 40.34
CA ASP D 417 31.67 53.95 39.25
C ASP D 417 31.19 52.58 39.72
N LEU D 418 32.03 51.88 40.47
CA LEU D 418 31.69 50.58 41.02
C LEU D 418 30.43 50.64 41.85
N VAL D 419 30.30 51.69 42.67
CA VAL D 419 29.13 51.88 43.52
C VAL D 419 27.88 52.10 42.67
N SER D 420 28.00 52.95 41.65
CA SER D 420 26.85 53.28 40.80
C SER D 420 26.45 52.08 39.94
N GLU D 421 27.43 51.24 39.61
CA GLU D 421 27.16 50.04 38.82
C GLU D 421 26.42 49.00 39.66
N TYR D 422 26.78 48.90 40.93
CA TYR D 422 26.05 48.04 41.86
C TYR D 422 24.63 48.56 42.05
N GLN D 423 24.46 49.87 41.93
CA GLN D 423 23.16 50.51 42.08
C GLN D 423 22.31 50.31 40.83
N GLN D 424 22.96 50.30 39.67
CA GLN D 424 22.29 50.12 38.39
C GLN D 424 21.50 48.81 38.35
N TYR D 425 22.17 47.72 38.67
CA TYR D 425 21.55 46.39 38.60
C TYR D 425 20.67 46.12 39.81
N GLN D 426 20.66 47.03 40.78
CA GLN D 426 19.77 46.93 41.92
C GLN D 426 18.40 47.48 41.56
N ASP D 427 18.39 48.53 40.75
CA ASP D 427 17.14 49.15 40.29
C ASP D 427 16.59 48.45 39.05
N ALA D 428 17.41 47.57 38.45
CA ALA D 428 17.01 46.86 37.24
C ALA D 428 15.85 45.92 37.50
N THR D 429 14.98 45.77 36.49
CA THR D 429 13.82 44.89 36.59
C THR D 429 13.78 43.93 35.40
N ALA D 430 12.94 42.91 35.49
CA ALA D 430 12.81 41.92 34.42
C ALA D 430 12.23 42.55 33.16
N ASP D 431 11.15 43.31 33.32
CA ASP D 431 10.50 43.99 32.20
C ASP D 431 10.94 45.45 32.13
N MET E 1 -42.05 -35.25 -57.56
CA MET E 1 -42.77 -36.00 -58.58
C MET E 1 -41.81 -36.58 -59.61
N GLU E 2 -41.11 -35.71 -60.32
CA GLU E 2 -40.24 -36.13 -61.42
C GLU E 2 -38.85 -36.54 -60.91
N VAL E 3 -38.56 -37.84 -61.00
CA VAL E 3 -37.25 -38.37 -60.65
C VAL E 3 -36.37 -38.42 -61.89
N ILE E 4 -35.12 -37.96 -61.75
CA ILE E 4 -34.20 -37.89 -62.88
C ILE E 4 -32.77 -38.23 -62.48
N GLU E 5 -31.93 -38.45 -63.49
CA GLU E 5 -30.51 -38.74 -63.29
C GLU E 5 -30.30 -39.88 -62.28
N LEU E 6 -31.19 -40.87 -62.32
CA LEU E 6 -31.04 -42.04 -61.48
C LEU E 6 -29.80 -42.83 -61.88
N ASN E 7 -28.79 -42.80 -61.02
CA ASN E 7 -27.58 -43.60 -61.20
C ASN E 7 -27.49 -44.67 -60.13
N LYS E 8 -27.15 -45.89 -60.53
CA LYS E 8 -27.11 -47.01 -59.61
C LYS E 8 -25.76 -47.73 -59.65
N CYS E 9 -25.36 -48.26 -58.51
CA CYS E 9 -24.14 -49.05 -58.40
C CYS E 9 -24.30 -50.07 -57.27
N THR E 10 -23.22 -50.81 -57.00
CA THR E 10 -23.25 -51.81 -55.94
C THR E 10 -23.31 -51.15 -54.57
N SER E 11 -22.57 -50.05 -54.41
CA SER E 11 -22.49 -49.34 -53.15
C SER E 11 -23.82 -48.68 -52.79
N GLY E 12 -24.53 -48.21 -53.80
CA GLY E 12 -25.81 -47.54 -53.59
C GLY E 12 -26.38 -46.95 -54.86
N GLN E 13 -27.06 -45.82 -54.73
CA GLN E 13 -27.65 -45.15 -55.87
C GLN E 13 -28.03 -43.70 -55.54
N SER E 14 -27.98 -42.84 -56.54
CA SER E 14 -28.29 -41.43 -56.38
C SER E 14 -29.27 -40.96 -57.45
N PHE E 15 -29.97 -39.87 -57.16
CA PHE E 15 -30.95 -39.32 -58.09
C PHE E 15 -31.36 -37.91 -57.66
N GLU E 16 -32.16 -37.26 -58.50
CA GLU E 16 -32.68 -35.93 -58.21
C GLU E 16 -34.19 -35.88 -58.42
N VAL E 17 -34.90 -35.31 -57.45
CA VAL E 17 -36.35 -35.18 -57.53
C VAL E 17 -36.73 -33.71 -57.49
N ILE E 18 -37.49 -33.27 -58.49
CA ILE E 18 -37.93 -31.89 -58.61
C ILE E 18 -39.43 -31.79 -58.37
N LEU E 19 -39.81 -30.97 -57.40
CA LEU E 19 -41.22 -30.79 -57.04
C LEU E 19 -41.85 -29.64 -57.83
N LYS E 20 -41.03 -28.68 -58.22
CA LYS E 20 -41.52 -27.50 -58.94
C LYS E 20 -40.37 -26.72 -59.57
N PRO E 21 -40.53 -26.30 -60.84
CA PRO E 21 -39.48 -25.51 -61.50
C PRO E 21 -39.37 -24.09 -60.94
N PRO E 22 -38.30 -23.37 -61.31
CA PRO E 22 -38.10 -22.00 -60.83
C PRO E 22 -39.11 -21.01 -61.40
N SER E 23 -38.93 -19.73 -61.11
CA SER E 23 -39.84 -18.68 -61.57
C SER E 23 -39.06 -17.48 -62.10
N ASP E 39 -7.88 -12.28 -56.03
CA ASP E 39 -7.24 -12.71 -54.78
C ASP E 39 -5.90 -12.01 -54.60
N PRO E 40 -5.54 -11.68 -53.34
CA PRO E 40 -4.24 -11.06 -53.08
C PRO E 40 -3.06 -11.93 -53.52
N SER E 41 -1.94 -11.29 -53.88
CA SER E 41 -0.76 -12.00 -54.33
C SER E 41 0.18 -12.29 -53.16
N LEU E 42 1.23 -13.06 -53.42
CA LEU E 42 2.23 -13.37 -52.41
C LEU E 42 2.94 -12.11 -51.95
N GLU E 43 3.09 -11.15 -52.85
CA GLU E 43 3.71 -9.87 -52.53
C GLU E 43 2.91 -9.12 -51.48
N GLU E 44 1.62 -8.92 -51.78
CA GLU E 44 0.73 -8.16 -50.90
C GLU E 44 0.64 -8.80 -49.52
N ILE E 45 0.59 -10.13 -49.48
CA ILE E 45 0.50 -10.86 -48.22
C ILE E 45 1.74 -10.59 -47.36
N GLN E 46 2.92 -10.80 -47.94
CA GLN E 46 4.16 -10.57 -47.23
C GLN E 46 4.30 -9.11 -46.80
N LYS E 47 3.59 -8.23 -47.50
CA LYS E 47 3.63 -6.80 -47.19
C LYS E 47 2.75 -6.50 -45.97
N LYS E 48 1.66 -7.24 -45.83
CA LYS E 48 0.75 -7.07 -44.69
C LYS E 48 1.38 -7.63 -43.42
N LEU E 49 2.07 -8.76 -43.55
CA LEU E 49 2.67 -9.43 -42.39
C LEU E 49 3.88 -8.65 -41.87
N GLU E 50 4.71 -8.16 -42.79
CA GLU E 50 5.90 -7.42 -42.39
C GLU E 50 5.54 -6.04 -41.84
N ALA E 51 4.50 -5.44 -42.40
CA ALA E 51 4.05 -4.13 -41.94
C ALA E 51 3.58 -4.20 -40.50
N ALA E 52 2.90 -5.29 -40.15
CA ALA E 52 2.44 -5.51 -38.79
C ALA E 52 3.62 -5.82 -37.87
N GLU E 53 4.68 -6.38 -38.43
CA GLU E 53 5.87 -6.70 -37.66
C GLU E 53 6.61 -5.42 -37.27
N GLU E 54 6.57 -4.42 -38.16
CA GLU E 54 7.19 -3.14 -37.88
C GLU E 54 6.45 -2.44 -36.75
N ARG E 55 5.13 -2.54 -36.75
CA ARG E 55 4.30 -1.92 -35.73
C ARG E 55 4.58 -2.53 -34.36
N ARG E 56 4.96 -3.81 -34.34
CA ARG E 56 5.37 -4.46 -33.10
C ARG E 56 6.74 -3.95 -32.66
N LYS E 57 7.64 -3.78 -33.62
CA LYS E 57 8.99 -3.30 -33.36
C LYS E 57 8.97 -1.87 -32.82
N TYR E 58 8.11 -1.04 -33.39
CA TYR E 58 7.98 0.34 -32.96
C TYR E 58 7.44 0.41 -31.53
N GLN E 59 6.45 -0.43 -31.24
CA GLN E 59 5.84 -0.48 -29.92
C GLN E 59 6.84 -0.95 -28.86
N GLU E 60 7.66 -1.93 -29.23
CA GLU E 60 8.67 -2.44 -28.31
C GLU E 60 9.80 -1.43 -28.12
N ALA E 61 10.09 -0.67 -29.17
CA ALA E 61 11.14 0.33 -29.11
C ALA E 61 10.74 1.48 -28.18
N GLU E 62 9.48 1.91 -28.30
CA GLU E 62 8.96 2.98 -27.46
C GLU E 62 8.96 2.57 -25.99
N LEU E 63 8.76 1.29 -25.74
CA LEU E 63 8.81 0.75 -24.38
C LEU E 63 10.22 0.84 -23.82
N LEU E 64 11.18 0.31 -24.56
CA LEU E 64 12.57 0.30 -24.14
C LEU E 64 13.14 1.71 -24.05
N LYS E 65 12.58 2.61 -24.86
CA LYS E 65 12.96 4.02 -24.79
C LYS E 65 12.41 4.61 -23.49
N HIS E 66 11.16 4.31 -23.20
CA HIS E 66 10.51 4.77 -21.98
C HIS E 66 11.21 4.22 -20.74
N LEU E 67 11.57 2.94 -20.79
CA LEU E 67 12.26 2.32 -19.67
C LEU E 67 13.67 2.88 -19.53
N ALA E 68 14.29 3.25 -20.65
CA ALA E 68 15.62 3.82 -20.64
C ALA E 68 15.62 5.15 -19.88
N GLU E 69 14.54 5.91 -20.06
CA GLU E 69 14.37 7.16 -19.33
C GLU E 69 14.27 6.90 -17.83
N LYS E 70 13.68 5.76 -17.48
CA LYS E 70 13.54 5.36 -16.09
C LYS E 70 14.91 5.07 -15.48
N ARG E 71 15.75 4.38 -16.23
CA ARG E 71 17.11 4.05 -15.79
C ARG E 71 17.90 5.33 -15.56
N GLU E 72 17.67 6.32 -16.42
CA GLU E 72 18.36 7.59 -16.33
C GLU E 72 17.94 8.33 -15.06
N HIS E 73 16.65 8.29 -14.76
CA HIS E 73 16.11 8.90 -13.55
C HIS E 73 16.67 8.24 -12.30
N GLU E 74 16.75 6.92 -12.34
CA GLU E 74 17.28 6.15 -11.21
C GLU E 74 18.71 6.56 -10.87
N ARG E 75 19.47 6.93 -11.90
CA ARG E 75 20.84 7.42 -11.70
C ARG E 75 20.83 8.82 -11.08
N GLU E 76 19.94 9.68 -11.55
CA GLU E 76 19.88 11.05 -11.10
C GLU E 76 19.47 11.15 -9.64
N VAL E 77 18.65 10.20 -9.19
CA VAL E 77 18.18 10.19 -7.81
C VAL E 77 19.32 9.82 -6.86
N ILE E 78 20.00 8.72 -7.14
CA ILE E 78 21.09 8.25 -6.27
C ILE E 78 22.26 9.23 -6.30
N GLN E 79 22.45 9.88 -7.44
CA GLN E 79 23.50 10.90 -7.57
C GLN E 79 23.15 12.13 -6.75
N LYS E 80 21.86 12.42 -6.64
CA LYS E 80 21.38 13.56 -5.85
C LYS E 80 21.55 13.27 -4.37
N ALA E 81 21.39 12.00 -3.99
CA ALA E 81 21.55 11.58 -2.61
C ALA E 81 23.00 11.73 -2.16
N ILE E 82 23.91 11.35 -3.04
CA ILE E 82 25.34 11.47 -2.76
C ILE E 82 25.75 12.94 -2.69
N GLU E 83 25.23 13.74 -3.63
CA GLU E 83 25.56 15.16 -3.70
C GLU E 83 25.15 15.89 -2.43
N GLU E 84 23.91 15.68 -2.00
CA GLU E 84 23.39 16.34 -0.81
C GLU E 84 24.12 15.88 0.44
N ASN E 85 24.47 14.60 0.49
CA ASN E 85 25.21 14.06 1.63
C ASN E 85 26.60 14.67 1.73
N ASN E 86 27.27 14.80 0.58
CA ASN E 86 28.59 15.40 0.54
C ASN E 86 28.54 16.89 0.85
N ASN E 87 27.48 17.55 0.41
CA ASN E 87 27.29 18.97 0.68
C ASN E 87 27.10 19.24 2.17
N PHE E 88 26.41 18.33 2.84
CA PHE E 88 26.18 18.46 4.28
C PHE E 88 27.48 18.26 5.05
N ILE E 89 28.25 17.27 4.65
CA ILE E 89 29.56 17.02 5.23
C ILE E 89 30.48 18.21 4.94
N LYS E 90 30.41 18.71 3.72
CA LYS E 90 31.24 19.82 3.28
C LYS E 90 30.95 21.09 4.06
N MET E 91 29.68 21.49 4.08
CA MET E 91 29.26 22.70 4.77
C MET E 91 29.50 22.61 6.27
N ALA E 92 29.35 21.41 6.82
CA ALA E 92 29.58 21.18 8.24
C ALA E 92 31.06 21.34 8.58
N LYS E 93 31.92 20.83 7.69
CA LYS E 93 33.35 20.90 7.89
C LYS E 93 33.85 22.34 7.82
N GLU E 94 33.29 23.11 6.88
CA GLU E 94 33.69 24.49 6.68
C GLU E 94 33.14 25.39 7.78
N LYS E 95 31.87 25.16 8.15
CA LYS E 95 31.22 25.95 9.18
C LYS E 95 31.95 25.81 10.51
N LEU E 96 32.48 24.62 10.75
CA LEU E 96 33.20 24.34 11.99
C LEU E 96 34.57 25.04 11.97
N ALA E 97 35.33 24.82 10.91
CA ALA E 97 36.65 25.41 10.76
C ALA E 97 36.58 26.93 10.85
N GLN E 98 35.46 27.48 10.38
CA GLN E 98 35.23 28.92 10.45
C GLN E 98 35.10 29.37 11.91
N LYS E 99 34.33 28.63 12.69
CA LYS E 99 34.08 28.99 14.07
C LYS E 99 35.33 28.87 14.94
N MET E 100 36.05 27.76 14.80
CA MET E 100 37.25 27.53 15.59
C MET E 100 38.30 28.59 15.28
N GLU E 101 38.31 29.06 14.05
CA GLU E 101 39.24 30.11 13.63
C GLU E 101 38.81 31.45 14.23
N SER E 102 37.51 31.73 14.18
CA SER E 102 36.97 32.97 14.71
C SER E 102 37.11 33.03 16.23
N ASN E 103 36.99 31.88 16.88
CA ASN E 103 37.11 31.80 18.33
C ASN E 103 38.56 31.99 18.77
N LYS E 104 39.49 31.49 17.97
CA LYS E 104 40.91 31.61 18.27
C LYS E 104 41.34 33.08 18.21
N GLU E 105 40.83 33.80 17.22
CA GLU E 105 41.15 35.21 17.04
C GLU E 105 40.61 36.07 18.18
N ASN E 106 39.37 35.79 18.57
CA ASN E 106 38.72 36.57 19.63
C ASN E 106 39.38 36.37 20.99
N ARG E 107 39.62 35.11 21.36
CA ARG E 107 40.22 34.79 22.65
C ARG E 107 41.62 35.38 22.75
N GLU E 108 42.39 35.26 21.66
CA GLU E 108 43.74 35.81 21.62
C GLU E 108 43.71 37.33 21.74
N ALA E 109 42.74 37.96 21.08
CA ALA E 109 42.62 39.41 21.09
C ALA E 109 42.22 39.91 22.47
N HIS E 110 41.52 39.07 23.23
CA HIS E 110 41.10 39.43 24.57
C HIS E 110 42.29 39.32 25.54
N LEU E 111 43.07 38.26 25.40
CA LEU E 111 44.27 38.09 26.21
C LEU E 111 45.32 39.13 25.82
N ALA E 112 45.39 39.44 24.53
CA ALA E 112 46.34 40.43 24.03
C ALA E 112 46.05 41.80 24.61
N ALA E 113 44.76 42.14 24.70
CA ALA E 113 44.34 43.42 25.24
C ALA E 113 44.62 43.48 26.74
N MET E 114 44.38 42.37 27.44
CA MET E 114 44.62 42.28 28.87
C MET E 114 46.08 42.58 29.20
N LEU E 115 46.99 41.92 28.50
CA LEU E 115 48.41 42.10 28.72
C LEU E 115 48.84 43.53 28.42
N GLU E 116 48.25 44.10 27.37
CA GLU E 116 48.59 45.46 26.95
C GLU E 116 48.27 46.47 28.05
N ARG E 117 47.21 46.22 28.80
CA ARG E 117 46.82 47.10 29.89
C ARG E 117 47.76 46.91 31.09
N LEU E 118 48.28 45.70 31.24
CA LEU E 118 49.25 45.40 32.28
C LEU E 118 50.62 45.97 31.90
N GLN E 119 50.93 45.92 30.61
CA GLN E 119 52.15 46.51 30.09
C GLN E 119 52.17 48.02 30.35
N GLU E 120 50.98 48.61 30.33
CA GLU E 120 50.85 50.05 30.55
C GLU E 120 51.04 50.40 32.03
N LYS E 121 50.80 49.42 32.90
CA LYS E 121 51.01 49.62 34.33
C LYS E 121 52.50 49.60 34.66
N ASP E 122 53.25 48.74 33.98
CA ASP E 122 54.70 48.69 34.15
C ASP E 122 55.32 50.01 33.67
N LYS E 123 54.89 50.45 32.50
CA LYS E 123 55.36 51.72 31.94
C LYS E 123 55.03 52.88 32.87
N HIS E 124 53.86 52.80 33.51
CA HIS E 124 53.43 53.82 34.45
C HIS E 124 54.30 53.80 35.70
N ALA E 125 54.69 52.60 36.14
CA ALA E 125 55.52 52.45 37.32
C ALA E 125 56.92 53.00 37.08
N GLU E 126 57.44 52.77 35.87
CA GLU E 126 58.74 53.30 35.49
C GLU E 126 58.72 54.82 35.51
N GLU E 127 57.56 55.38 35.16
CA GLU E 127 57.39 56.83 35.13
C GLU E 127 57.28 57.40 36.55
N VAL E 128 56.76 56.60 37.47
CA VAL E 128 56.64 56.99 38.87
C VAL E 128 58.01 56.99 39.53
N ARG E 129 58.73 55.88 39.40
CA ARG E 129 60.05 55.74 39.99
C ARG E 129 61.01 56.76 39.39
N LYS E 130 60.86 57.04 38.10
CA LYS E 130 61.68 58.04 37.44
C LYS E 130 61.33 59.42 37.97
N ASN E 131 60.05 59.67 38.19
CA ASN E 131 59.58 60.96 38.69
C ASN E 131 60.08 61.24 40.11
N LYS E 132 60.31 60.18 40.87
CA LYS E 132 60.78 60.32 42.25
C LYS E 132 62.18 60.91 42.29
N GLU E 133 63.11 60.27 41.58
CA GLU E 133 64.51 60.69 41.60
C GLU E 133 64.71 62.02 40.89
N LEU E 134 63.73 62.43 40.10
CA LEU E 134 63.78 63.74 39.43
C LEU E 134 63.11 64.82 40.29
N LYS E 135 63.08 64.59 41.60
CA LYS E 135 62.60 65.57 42.56
C LYS E 135 63.52 65.60 43.77
N GLU E 136 64.81 65.38 43.51
CA GLU E 136 65.82 65.34 44.57
C GLU E 136 67.10 66.04 44.12
N MET F 1 -37.22 -16.01 -8.74
CA MET F 1 -37.19 -14.61 -9.25
C MET F 1 -36.94 -14.59 -10.75
N TYR F 2 -38.01 -14.46 -11.52
CA TYR F 2 -37.90 -14.39 -12.97
C TYR F 2 -37.51 -12.97 -13.40
N THR F 3 -37.04 -12.84 -14.63
CA THR F 3 -36.59 -11.55 -15.16
C THR F 3 -37.21 -11.28 -16.53
N PHE F 4 -37.40 -10.00 -16.84
CA PHE F 4 -37.96 -9.63 -18.14
C PHE F 4 -37.48 -8.26 -18.60
N VAL F 5 -37.71 -7.98 -19.88
CA VAL F 5 -37.31 -6.71 -20.49
C VAL F 5 -38.49 -6.07 -21.22
N VAL F 6 -38.38 -4.78 -21.49
CA VAL F 6 -39.41 -4.06 -22.24
C VAL F 6 -38.74 -3.27 -23.37
N ARG F 7 -39.17 -3.52 -24.59
CA ARG F 7 -38.58 -2.91 -25.77
C ARG F 7 -39.64 -2.21 -26.64
N ASP F 8 -40.86 -2.13 -26.12
CA ASP F 8 -41.92 -1.36 -26.76
C ASP F 8 -42.65 -0.52 -25.72
N GLU F 9 -42.29 0.75 -25.64
CA GLU F 9 -42.82 1.65 -24.62
C GLU F 9 -44.24 2.12 -24.95
N ASN F 10 -44.57 2.12 -26.24
CA ASN F 10 -45.87 2.60 -26.68
C ASN F 10 -46.99 1.58 -26.41
N SER F 11 -46.61 0.36 -26.04
CA SER F 11 -47.58 -0.70 -25.81
C SER F 11 -48.39 -0.44 -24.55
N SER F 12 -49.61 0.04 -24.73
CA SER F 12 -50.53 0.28 -23.61
C SER F 12 -50.88 -1.02 -22.92
N VAL F 13 -51.01 -2.09 -23.69
CA VAL F 13 -51.35 -3.40 -23.14
C VAL F 13 -50.25 -3.92 -22.24
N TYR F 14 -49.04 -4.04 -22.78
CA TYR F 14 -47.94 -4.65 -22.06
C TYR F 14 -47.26 -3.70 -21.08
N ALA F 15 -47.67 -2.44 -21.11
CA ALA F 15 -47.28 -1.49 -20.06
C ALA F 15 -47.96 -1.90 -18.77
N GLU F 16 -49.18 -2.40 -18.91
CA GLU F 16 -49.96 -2.90 -17.78
C GLU F 16 -49.44 -4.27 -17.35
N VAL F 17 -49.02 -5.08 -18.31
CA VAL F 17 -48.48 -6.40 -18.03
C VAL F 17 -47.21 -6.28 -17.20
N SER F 18 -46.31 -5.39 -17.63
CA SER F 18 -45.07 -5.14 -16.90
C SER F 18 -45.36 -4.66 -15.49
N ARG F 19 -46.43 -3.88 -15.34
CA ARG F 19 -46.83 -3.37 -14.05
C ARG F 19 -47.30 -4.50 -13.14
N LEU F 20 -48.13 -5.39 -13.68
CA LEU F 20 -48.65 -6.51 -12.92
C LEU F 20 -47.55 -7.47 -12.49
N LEU F 21 -46.60 -7.72 -13.39
CA LEU F 21 -45.49 -8.63 -13.12
C LEU F 21 -44.67 -8.15 -11.92
N LEU F 22 -44.28 -6.88 -11.95
CA LEU F 22 -43.48 -6.31 -10.87
C LEU F 22 -44.23 -6.33 -9.55
N ALA F 23 -45.56 -6.28 -9.61
CA ALA F 23 -46.39 -6.22 -8.42
C ALA F 23 -46.51 -7.57 -7.71
N THR F 24 -46.05 -8.63 -8.37
CA THR F 24 -46.07 -9.96 -7.76
C THR F 24 -44.86 -10.16 -6.84
N GLY F 25 -43.83 -9.34 -7.05
CA GLY F 25 -42.62 -9.43 -6.25
C GLY F 25 -41.82 -10.68 -6.59
N GLN F 26 -42.05 -11.24 -7.77
CA GLN F 26 -41.33 -12.41 -8.24
C GLN F 26 -40.81 -12.20 -9.67
N TRP F 27 -40.99 -10.98 -10.18
CA TRP F 27 -40.47 -10.60 -11.48
C TRP F 27 -39.63 -9.34 -11.35
N LYS F 28 -38.49 -9.32 -12.03
CA LYS F 28 -37.57 -8.19 -12.00
C LYS F 28 -37.31 -7.67 -13.42
N ARG F 29 -37.53 -6.37 -13.62
CA ARG F 29 -37.28 -5.77 -14.91
C ARG F 29 -35.80 -5.42 -15.07
N LEU F 30 -35.24 -5.76 -16.22
CA LEU F 30 -33.85 -5.45 -16.54
C LEU F 30 -33.78 -4.30 -17.53
N ARG F 31 -32.59 -4.03 -18.05
CA ARG F 31 -32.41 -3.01 -19.07
C ARG F 31 -32.77 -3.58 -20.43
N LYS F 32 -32.90 -2.71 -21.43
CA LYS F 32 -33.28 -3.12 -22.77
C LYS F 32 -32.31 -4.15 -23.35
N ASP F 33 -31.01 -3.87 -23.24
CA ASP F 33 -29.99 -4.70 -23.86
C ASP F 33 -29.34 -5.67 -22.88
N ASN F 34 -30.13 -6.17 -21.93
CA ASN F 34 -29.67 -7.22 -21.03
C ASN F 34 -30.14 -8.58 -21.54
N PRO F 35 -29.20 -9.42 -22.01
CA PRO F 35 -29.59 -10.68 -22.66
C PRO F 35 -30.07 -11.76 -21.71
N ARG F 36 -29.81 -11.60 -20.41
CA ARG F 36 -30.10 -12.63 -19.43
C ARG F 36 -31.53 -12.49 -18.89
N PHE F 37 -32.50 -12.60 -19.79
CA PHE F 37 -33.92 -12.47 -19.43
C PHE F 37 -34.69 -13.77 -19.61
N ASN F 38 -35.81 -13.89 -18.91
CA ASN F 38 -36.74 -15.01 -19.10
C ASN F 38 -37.84 -14.63 -20.07
N LEU F 39 -38.29 -13.38 -19.99
CA LEU F 39 -39.38 -12.88 -20.82
C LEU F 39 -38.94 -11.64 -21.58
N MET F 40 -39.43 -11.49 -22.81
CA MET F 40 -39.13 -10.31 -23.62
C MET F 40 -40.39 -9.74 -24.23
N LEU F 41 -40.74 -8.53 -23.79
CA LEU F 41 -41.82 -7.77 -24.40
C LEU F 41 -41.22 -6.92 -25.51
N GLY F 42 -41.02 -7.55 -26.67
CA GLY F 42 -40.22 -6.98 -27.74
C GLY F 42 -40.86 -5.81 -28.46
N GLU F 43 -40.14 -5.34 -29.49
CA GLU F 43 -40.60 -4.23 -30.32
C GLU F 43 -41.49 -4.74 -31.44
N ARG F 44 -42.04 -3.81 -32.22
CA ARG F 44 -42.95 -4.16 -33.30
C ARG F 44 -42.24 -4.35 -34.63
N ASN F 45 -41.06 -3.76 -34.76
CA ASN F 45 -40.27 -3.85 -35.99
C ASN F 45 -38.85 -4.32 -35.72
N ARG F 46 -38.39 -5.27 -36.53
CA ARG F 46 -37.04 -5.81 -36.43
C ARG F 46 -36.78 -6.42 -35.06
N LEU F 47 -37.75 -7.15 -34.54
CA LEU F 47 -37.57 -7.89 -33.30
C LEU F 47 -36.54 -9.00 -33.53
N PRO F 48 -35.43 -8.98 -32.77
CA PRO F 48 -34.38 -9.98 -33.02
C PRO F 48 -34.75 -11.37 -32.49
N PHE F 49 -35.48 -12.14 -33.30
CA PHE F 49 -35.85 -13.50 -32.93
C PHE F 49 -34.64 -14.44 -32.99
N GLY F 50 -33.68 -14.10 -33.85
CA GLY F 50 -32.51 -14.92 -34.04
C GLY F 50 -31.58 -14.94 -32.84
N ARG F 51 -31.79 -14.02 -31.90
CA ARG F 51 -30.96 -13.93 -30.70
C ARG F 51 -31.66 -14.53 -29.48
N LEU F 52 -32.82 -15.14 -29.71
CA LEU F 52 -33.59 -15.76 -28.64
C LEU F 52 -33.30 -17.25 -28.53
N GLY F 53 -33.33 -17.77 -27.30
CA GLY F 53 -33.15 -19.19 -27.06
C GLY F 53 -31.70 -19.64 -27.22
N HIS F 54 -30.77 -18.74 -26.93
CA HIS F 54 -29.34 -19.05 -27.01
C HIS F 54 -28.63 -18.65 -25.72
N GLU F 55 -29.38 -18.64 -24.62
CA GLU F 55 -28.82 -18.32 -23.31
C GLU F 55 -28.88 -19.56 -22.41
N PRO F 56 -27.72 -20.21 -22.17
CA PRO F 56 -27.75 -21.42 -21.34
C PRO F 56 -28.23 -21.14 -19.92
N GLY F 57 -29.12 -22.01 -19.41
CA GLY F 57 -29.64 -21.86 -18.07
C GLY F 57 -30.85 -20.94 -17.99
N LEU F 58 -31.37 -20.55 -19.16
CA LEU F 58 -32.54 -19.67 -19.23
C LEU F 58 -33.60 -20.19 -20.18
N VAL F 59 -34.83 -20.33 -19.67
CA VAL F 59 -35.98 -20.61 -20.51
C VAL F 59 -36.57 -19.27 -20.96
N GLN F 60 -36.43 -18.97 -22.25
CA GLN F 60 -36.82 -17.67 -22.77
C GLN F 60 -38.19 -17.70 -23.46
N LEU F 61 -38.91 -16.59 -23.33
CA LEU F 61 -40.25 -16.43 -23.88
C LEU F 61 -40.40 -15.03 -24.45
N VAL F 62 -41.13 -14.90 -25.56
CA VAL F 62 -41.37 -13.61 -26.20
C VAL F 62 -42.85 -13.43 -26.51
N ASN F 63 -43.31 -12.18 -26.49
CA ASN F 63 -44.72 -11.88 -26.69
C ASN F 63 -45.07 -11.62 -28.15
N TYR F 64 -44.37 -12.31 -29.06
CA TYR F 64 -44.65 -12.21 -30.49
C TYR F 64 -44.32 -13.50 -31.21
N TYR F 65 -45.17 -13.85 -32.18
CA TYR F 65 -44.93 -15.00 -33.04
C TYR F 65 -44.23 -14.59 -34.32
N ARG F 66 -43.04 -15.13 -34.54
CA ARG F 66 -42.28 -14.84 -35.75
C ARG F 66 -43.01 -15.41 -36.96
N GLY F 67 -43.29 -14.55 -37.94
CA GLY F 67 -43.99 -14.94 -39.15
C GLY F 67 -45.48 -14.64 -39.10
N ALA F 68 -45.94 -14.14 -37.96
CA ALA F 68 -47.35 -13.85 -37.78
C ALA F 68 -47.78 -12.58 -38.52
N ASP F 69 -46.83 -11.92 -39.16
CA ASP F 69 -47.14 -10.71 -39.94
C ASP F 69 -47.85 -11.08 -41.23
N LYS F 70 -47.68 -12.33 -41.67
CA LYS F 70 -48.38 -12.82 -42.86
C LYS F 70 -49.89 -12.75 -42.69
N LEU F 71 -50.33 -12.77 -41.43
CA LEU F 71 -51.76 -12.72 -41.11
C LEU F 71 -52.18 -11.29 -40.74
N CYS F 72 -51.23 -10.50 -40.24
CA CYS F 72 -51.53 -9.17 -39.71
C CYS F 72 -51.24 -8.05 -40.70
N ARG F 73 -50.89 -8.42 -41.93
CA ARG F 73 -50.70 -7.44 -43.00
C ARG F 73 -51.74 -7.67 -44.09
N LYS F 74 -52.39 -6.59 -44.52
CA LYS F 74 -53.50 -6.67 -45.46
C LYS F 74 -53.11 -7.34 -46.76
N ALA F 75 -51.98 -6.92 -47.34
CA ALA F 75 -51.52 -7.50 -48.59
C ALA F 75 -51.15 -8.97 -48.41
N SER F 76 -50.66 -9.31 -47.23
CA SER F 76 -50.27 -10.68 -46.92
C SER F 76 -51.48 -11.56 -46.63
N LEU F 77 -52.44 -11.00 -45.90
CA LEU F 77 -53.65 -11.73 -45.54
C LEU F 77 -54.40 -12.19 -46.78
N VAL F 78 -54.54 -11.28 -47.75
CA VAL F 78 -55.19 -11.59 -49.01
C VAL F 78 -54.46 -12.72 -49.73
N LYS F 79 -53.13 -12.60 -49.81
CA LYS F 79 -52.33 -13.63 -50.44
C LYS F 79 -52.52 -14.96 -49.71
N LEU F 80 -52.34 -14.92 -48.39
CA LEU F 80 -52.51 -16.10 -47.56
C LEU F 80 -53.84 -16.78 -47.82
N ILE F 81 -54.92 -15.98 -47.79
CA ILE F 81 -56.26 -16.50 -47.96
C ILE F 81 -56.48 -17.07 -49.36
N LYS F 82 -55.91 -16.40 -50.37
CA LYS F 82 -56.11 -16.82 -51.76
C LYS F 82 -55.23 -18.00 -52.15
N THR F 83 -54.05 -18.12 -51.53
CA THR F 83 -53.12 -19.18 -51.86
C THR F 83 -53.32 -20.42 -50.98
N SER F 84 -53.58 -20.21 -49.69
CA SER F 84 -53.73 -21.32 -48.76
C SER F 84 -54.95 -22.18 -49.12
N PRO F 85 -54.74 -23.47 -49.38
CA PRO F 85 -55.86 -24.37 -49.67
C PRO F 85 -56.89 -24.43 -48.54
N GLU F 86 -56.45 -24.22 -47.31
CA GLU F 86 -57.33 -24.28 -46.14
C GLU F 86 -58.36 -23.15 -46.16
N LEU F 87 -58.04 -22.08 -46.90
CA LEU F 87 -58.90 -20.91 -46.98
C LEU F 87 -59.45 -20.78 -48.40
N SER F 88 -58.68 -21.25 -49.38
CA SER F 88 -59.15 -21.44 -50.74
C SER F 88 -59.42 -20.16 -51.51
N GLU F 89 -59.93 -20.33 -52.73
CA GLU F 89 -60.23 -19.23 -53.63
C GLU F 89 -61.24 -18.28 -53.03
N SER F 90 -62.36 -18.84 -52.56
CA SER F 90 -63.47 -18.05 -52.06
C SER F 90 -64.11 -18.65 -50.81
N CYS F 91 -63.52 -18.38 -49.65
CA CYS F 91 -64.17 -18.69 -48.39
C CYS F 91 -65.29 -17.67 -48.19
N THR F 92 -66.43 -18.14 -47.71
CA THR F 92 -67.63 -17.32 -47.63
C THR F 92 -67.49 -16.16 -46.65
N TRP F 93 -66.56 -16.28 -45.70
CA TRP F 93 -66.46 -15.32 -44.60
C TRP F 93 -65.46 -14.19 -44.85
N PHE F 94 -64.75 -14.23 -45.99
CA PHE F 94 -63.82 -13.16 -46.33
C PHE F 94 -64.30 -12.44 -47.60
N PRO F 95 -64.32 -11.09 -47.58
CA PRO F 95 -64.74 -10.37 -48.78
C PRO F 95 -63.81 -10.59 -49.97
N GLU F 96 -64.37 -10.57 -51.17
CA GLU F 96 -63.59 -10.69 -52.40
C GLU F 96 -62.59 -9.54 -52.50
N SER F 97 -61.30 -9.90 -52.48
CA SER F 97 -60.23 -8.90 -52.47
C SER F 97 -59.17 -9.18 -53.53
N TYR F 98 -58.41 -8.14 -53.88
CA TYR F 98 -57.32 -8.27 -54.84
C TYR F 98 -56.12 -7.41 -54.45
N VAL F 99 -54.92 -7.91 -54.74
CA VAL F 99 -53.69 -7.20 -54.45
C VAL F 99 -53.29 -6.33 -55.66
N ILE F 100 -53.15 -5.03 -55.41
CA ILE F 100 -52.86 -4.07 -56.47
C ILE F 100 -51.60 -3.26 -56.15
N TYR F 101 -50.63 -3.30 -57.06
CA TYR F 101 -49.39 -2.53 -56.91
C TYR F 101 -49.46 -1.24 -57.71
N PRO F 102 -48.95 -0.12 -57.14
CA PRO F 102 -48.85 1.11 -57.93
C PRO F 102 -47.94 0.96 -59.15
N THR F 103 -48.20 1.73 -60.20
CA THR F 103 -47.41 1.67 -61.42
C THR F 103 -46.05 2.35 -61.21
N ASP F 126 -48.75 -9.04 -59.00
CA ASP F 126 -49.94 -8.19 -59.10
C ASP F 126 -51.06 -8.93 -59.81
N GLU F 127 -52.28 -8.42 -59.67
CA GLU F 127 -53.46 -9.04 -60.25
C GLU F 127 -54.53 -8.00 -60.55
N ARG F 128 -54.16 -6.96 -61.29
CA ARG F 128 -55.08 -5.90 -61.64
C ARG F 128 -56.07 -6.35 -62.71
N GLU F 129 -55.59 -7.16 -63.64
CA GLU F 129 -56.43 -7.67 -64.72
C GLU F 129 -57.51 -8.60 -64.15
N VAL F 130 -57.14 -9.34 -63.11
CA VAL F 130 -58.06 -10.28 -62.48
C VAL F 130 -59.18 -9.52 -61.76
N PHE F 131 -58.83 -8.37 -61.21
CA PHE F 131 -59.79 -7.54 -60.48
C PHE F 131 -60.85 -6.97 -61.40
N LEU F 132 -60.45 -6.57 -62.60
CA LEU F 132 -61.37 -5.98 -63.56
C LEU F 132 -62.32 -7.02 -64.14
N ALA F 133 -61.88 -8.27 -64.19
CA ALA F 133 -62.70 -9.36 -64.70
C ALA F 133 -63.93 -9.57 -63.83
N ALA F 134 -63.75 -9.40 -62.52
CA ALA F 134 -64.86 -9.53 -61.57
C ALA F 134 -65.66 -8.23 -61.52
N TYR F 135 -65.01 -7.12 -61.84
CA TYR F 135 -65.67 -5.82 -61.84
C TYR F 135 -66.71 -5.74 -62.95
N ASN F 136 -66.50 -6.51 -64.01
CA ASN F 136 -67.43 -6.54 -65.14
C ASN F 136 -68.69 -7.31 -64.80
N ARG F 137 -68.55 -8.45 -64.13
CA ARG F 137 -69.69 -9.28 -63.77
C ARG F 137 -70.66 -8.50 -62.89
N ARG F 138 -70.12 -7.69 -61.99
CA ARG F 138 -70.95 -6.87 -61.10
C ARG F 138 -71.67 -5.78 -61.89
N ARG F 139 -71.02 -5.26 -62.92
CA ARG F 139 -71.59 -4.20 -63.74
C ARG F 139 -72.53 -4.77 -64.80
N GLU F 140 -72.15 -5.90 -65.37
CA GLU F 140 -72.97 -6.56 -66.38
C GLU F 140 -73.95 -7.54 -65.74
N GLY F 141 -74.17 -7.37 -64.44
CA GLY F 141 -75.16 -8.13 -63.70
C GLY F 141 -76.12 -7.21 -62.98
N ARG F 142 -75.80 -5.91 -62.98
CA ARG F 142 -76.63 -4.89 -62.35
C ARG F 142 -76.85 -5.18 -60.86
N GLU F 143 -75.79 -5.63 -60.19
CA GLU F 143 -75.82 -5.86 -58.75
C GLU F 143 -74.84 -4.92 -58.06
N GLY F 144 -74.77 -5.01 -56.73
CA GLY F 144 -73.91 -4.13 -55.96
C GLY F 144 -72.46 -4.17 -56.40
N ASN F 145 -71.92 -3.00 -56.72
CA ASN F 145 -70.55 -2.89 -57.20
C ASN F 145 -69.80 -1.74 -56.53
N VAL F 146 -69.65 -1.84 -55.22
CA VAL F 146 -68.89 -0.87 -54.44
C VAL F 146 -67.70 -1.56 -53.78
N TRP F 147 -66.55 -0.89 -53.78
CA TRP F 147 -65.32 -1.47 -53.27
C TRP F 147 -64.62 -0.51 -52.30
N ILE F 148 -63.54 -0.99 -51.68
CA ILE F 148 -62.78 -0.20 -50.72
C ILE F 148 -61.29 -0.50 -50.81
N ALA F 149 -60.47 0.52 -50.57
CA ALA F 149 -59.02 0.36 -50.60
C ALA F 149 -58.50 -0.18 -49.27
N LEU F 161 -60.01 4.43 -50.08
CA LEU F 161 -61.29 5.12 -50.12
C LEU F 161 -62.38 4.26 -50.73
N ILE F 162 -63.64 4.61 -50.43
CA ILE F 162 -64.79 3.86 -50.90
C ILE F 162 -65.36 4.49 -52.16
N SER F 163 -65.61 3.66 -53.18
CA SER F 163 -66.17 4.13 -54.43
C SER F 163 -66.80 2.99 -55.23
N SER F 164 -67.58 3.33 -56.24
CA SER F 164 -68.22 2.35 -57.11
C SER F 164 -67.61 2.37 -58.51
N GLU F 165 -66.64 3.26 -58.71
CA GLU F 165 -65.94 3.36 -59.99
C GLU F 165 -64.49 2.87 -59.85
N ALA F 166 -64.14 1.89 -60.67
CA ALA F 166 -62.81 1.29 -60.63
C ALA F 166 -61.73 2.31 -60.99
N SER F 167 -62.08 3.26 -61.84
CA SER F 167 -61.12 4.26 -62.30
C SER F 167 -60.75 5.23 -61.18
N GLU F 168 -61.72 5.54 -60.32
CA GLU F 168 -61.48 6.46 -59.21
C GLU F 168 -60.56 5.84 -58.17
N LEU F 169 -60.56 4.52 -58.11
CA LEU F 169 -59.77 3.79 -57.11
C LEU F 169 -58.33 3.58 -57.56
N LEU F 170 -58.16 3.10 -58.80
CA LEU F 170 -56.83 2.83 -59.33
C LEU F 170 -55.98 4.10 -59.40
N ASP F 171 -56.64 5.24 -59.58
CA ASP F 171 -55.96 6.52 -59.63
C ASP F 171 -55.53 6.98 -58.23
N PHE F 172 -56.22 6.44 -57.21
CA PHE F 172 -55.92 6.79 -55.83
C PHE F 172 -54.72 6.00 -55.29
N ILE F 173 -54.66 4.72 -55.64
CA ILE F 173 -53.58 3.86 -55.19
C ILE F 173 -52.24 4.31 -55.75
N ASP F 174 -52.22 4.64 -57.04
CA ASP F 174 -51.00 5.08 -57.69
C ASP F 174 -50.53 6.42 -57.15
N GLU F 175 -51.45 7.17 -56.57
CA GLU F 175 -51.15 8.52 -56.07
C GLU F 175 -50.61 8.49 -54.64
N GLN F 176 -50.84 7.39 -53.94
CA GLN F 176 -50.37 7.26 -52.56
C GLN F 176 -48.89 6.84 -52.51
N GLY F 177 -48.57 5.71 -53.13
CA GLY F 177 -47.20 5.24 -53.22
C GLY F 177 -47.01 3.80 -52.80
N GLN F 178 -47.61 3.43 -51.66
CA GLN F 178 -47.43 2.09 -51.12
C GLN F 178 -48.41 1.10 -51.74
N VAL F 179 -48.21 -0.18 -51.43
CA VAL F 179 -49.10 -1.23 -51.90
C VAL F 179 -50.41 -1.17 -51.13
N HIS F 180 -51.52 -1.27 -51.85
CA HIS F 180 -52.84 -1.27 -51.25
C HIS F 180 -53.63 -2.51 -51.66
N VAL F 181 -54.72 -2.77 -50.94
CA VAL F 181 -55.61 -3.87 -51.25
C VAL F 181 -56.99 -3.34 -51.62
N ILE F 182 -57.52 -3.82 -52.74
CA ILE F 182 -58.89 -3.53 -53.12
C ILE F 182 -59.78 -4.65 -52.62
N GLN F 183 -60.93 -4.28 -52.07
CA GLN F 183 -61.82 -5.26 -51.45
C GLN F 183 -63.29 -4.91 -51.67
N LYS F 184 -64.11 -5.94 -51.82
CA LYS F 184 -65.56 -5.76 -52.00
C LYS F 184 -66.15 -5.09 -50.76
N TYR F 185 -66.89 -4.01 -50.97
CA TYR F 185 -67.53 -3.30 -49.88
C TYR F 185 -68.89 -3.92 -49.55
N LEU F 186 -69.07 -4.28 -48.28
CA LEU F 186 -70.34 -4.84 -47.83
C LEU F 186 -71.40 -3.75 -47.82
N GLU F 187 -72.27 -3.77 -48.82
CA GLU F 187 -73.24 -2.71 -49.03
C GLU F 187 -74.48 -2.84 -48.14
N LYS F 188 -74.67 -4.03 -47.57
CA LYS F 188 -75.84 -4.29 -46.73
C LYS F 188 -75.43 -4.72 -45.32
N PRO F 189 -74.81 -3.81 -44.56
CA PRO F 189 -74.37 -4.09 -43.20
C PRO F 189 -75.52 -4.13 -42.20
N LEU F 190 -75.38 -4.91 -41.13
CA LEU F 190 -76.34 -4.89 -40.05
C LEU F 190 -76.32 -3.50 -39.40
N LEU F 191 -77.51 -2.97 -39.09
CA LEU F 191 -77.61 -1.62 -38.57
C LEU F 191 -78.29 -1.58 -37.21
N LEU F 192 -77.60 -0.99 -36.23
CA LEU F 192 -78.10 -0.89 -34.88
C LEU F 192 -79.20 0.16 -34.76
N GLU F 193 -80.27 -0.19 -34.04
CA GLU F 193 -81.36 0.74 -33.75
C GLU F 193 -81.50 0.91 -32.25
N PRO F 194 -81.87 2.12 -31.79
CA PRO F 194 -82.17 3.32 -32.57
C PRO F 194 -80.90 4.01 -33.09
N GLY F 195 -80.99 4.62 -34.26
CA GLY F 195 -79.88 5.34 -34.85
C GLY F 195 -79.61 4.96 -36.29
N HIS F 196 -79.87 3.71 -36.64
CA HIS F 196 -79.60 3.19 -37.97
C HIS F 196 -78.10 3.34 -38.27
N ARG F 197 -77.29 2.78 -37.37
CA ARG F 197 -75.85 3.03 -37.35
C ARG F 197 -75.05 1.85 -37.90
N LYS F 198 -73.76 2.06 -38.08
CA LYS F 198 -72.85 1.00 -38.53
C LYS F 198 -71.86 0.67 -37.42
N PHE F 199 -71.32 -0.55 -37.44
CA PHE F 199 -70.42 -1.00 -36.38
C PHE F 199 -69.46 -2.07 -36.86
N ASP F 200 -68.41 -2.30 -36.08
CA ASP F 200 -67.49 -3.41 -36.31
C ASP F 200 -67.11 -4.02 -34.97
N ILE F 201 -66.97 -5.35 -34.94
CA ILE F 201 -66.65 -6.06 -33.70
C ILE F 201 -65.14 -6.29 -33.58
N ARG F 202 -64.63 -6.06 -32.38
CA ARG F 202 -63.23 -6.30 -32.07
C ARG F 202 -63.10 -7.41 -31.02
N SER F 203 -62.52 -8.53 -31.43
CA SER F 203 -62.29 -9.65 -30.53
C SER F 203 -60.80 -9.78 -30.22
N TRP F 204 -60.48 -10.01 -28.96
CA TRP F 204 -59.09 -10.18 -28.53
C TRP F 204 -58.76 -11.66 -28.31
N VAL F 205 -57.79 -12.15 -29.09
CA VAL F 205 -57.39 -13.55 -29.03
C VAL F 205 -55.96 -13.67 -28.51
N LEU F 206 -55.74 -14.66 -27.64
CA LEU F 206 -54.42 -14.94 -27.10
C LEU F 206 -53.98 -16.35 -27.44
N VAL F 207 -52.82 -16.47 -28.09
CA VAL F 207 -52.23 -17.75 -28.43
C VAL F 207 -50.98 -17.97 -27.58
N ASP F 208 -51.01 -18.98 -26.71
CA ASP F 208 -49.91 -19.24 -25.80
C ASP F 208 -48.80 -20.05 -26.49
N HIS F 209 -47.86 -20.57 -25.71
CA HIS F 209 -46.72 -21.29 -26.24
C HIS F 209 -47.10 -22.67 -26.78
N LEU F 210 -48.16 -23.25 -26.23
CA LEU F 210 -48.65 -24.55 -26.71
C LEU F 210 -49.61 -24.37 -27.89
N TYR F 211 -49.79 -23.11 -28.30
CA TYR F 211 -50.67 -22.75 -29.40
C TYR F 211 -52.13 -23.01 -29.07
N ASN F 212 -52.45 -23.03 -27.77
CA ASN F 212 -53.85 -23.02 -27.34
C ASN F 212 -54.45 -21.66 -27.70
N ILE F 213 -55.55 -21.68 -28.45
CA ILE F 213 -56.17 -20.46 -28.92
C ILE F 213 -57.26 -20.00 -27.95
N TYR F 214 -56.97 -18.93 -27.23
CA TYR F 214 -57.87 -18.42 -26.19
C TYR F 214 -58.60 -17.16 -26.66
N LEU F 215 -59.92 -17.26 -26.80
CA LEU F 215 -60.75 -16.11 -27.15
C LEU F 215 -61.25 -15.40 -25.90
N TYR F 216 -60.95 -14.11 -25.80
CA TYR F 216 -61.41 -13.30 -24.69
C TYR F 216 -62.92 -13.15 -24.71
N ARG F 217 -63.57 -13.47 -23.60
CA ARG F 217 -65.03 -13.50 -23.55
C ARG F 217 -65.63 -12.10 -23.69
N GLU F 218 -64.87 -11.08 -23.32
CA GLU F 218 -65.31 -9.69 -23.44
C GLU F 218 -64.78 -9.05 -24.71
N GLY F 219 -65.64 -8.87 -25.70
CA GLY F 219 -65.30 -8.14 -26.90
C GLY F 219 -65.89 -6.75 -26.84
N VAL F 220 -65.90 -6.04 -27.95
CA VAL F 220 -66.46 -4.70 -28.01
C VAL F 220 -66.91 -4.34 -29.41
N LEU F 221 -68.07 -3.67 -29.50
CA LEU F 221 -68.56 -3.15 -30.77
C LEU F 221 -68.17 -1.68 -30.91
N ARG F 222 -67.21 -1.42 -31.78
CA ARG F 222 -66.82 -0.05 -32.10
C ARG F 222 -67.83 0.53 -33.08
N THR F 223 -68.86 1.19 -32.54
CA THR F 223 -69.99 1.63 -33.32
C THR F 223 -69.81 3.03 -33.90
N SER F 224 -70.53 3.30 -34.99
CA SER F 224 -70.63 4.65 -35.52
C SER F 224 -71.80 5.36 -34.86
N SER F 225 -71.66 6.67 -34.64
CA SER F 225 -72.69 7.45 -33.98
C SER F 225 -73.65 8.07 -35.00
N GLU F 226 -73.15 8.34 -36.20
CA GLU F 226 -73.94 8.95 -37.25
C GLU F 226 -74.60 7.88 -38.11
N PRO F 227 -75.86 8.11 -38.53
CA PRO F 227 -76.59 7.09 -39.31
C PRO F 227 -75.92 6.75 -40.63
N TYR F 228 -75.89 5.46 -40.95
CA TYR F 228 -75.27 4.97 -42.18
C TYR F 228 -76.01 5.48 -43.42
N ASN F 229 -75.26 6.11 -44.31
CA ASN F 229 -75.82 6.62 -45.56
C ASN F 229 -75.48 5.70 -46.73
N SER F 230 -76.49 5.14 -47.35
CA SER F 230 -76.31 4.13 -48.40
C SER F 230 -75.84 4.75 -49.72
N ALA F 231 -76.32 5.95 -50.01
CA ALA F 231 -76.04 6.59 -51.30
C ALA F 231 -74.68 7.28 -51.32
N ASN F 232 -74.49 8.23 -50.41
CA ASN F 232 -73.27 9.04 -50.37
C ASN F 232 -72.12 8.32 -49.68
N PHE F 233 -71.17 7.83 -50.46
CA PHE F 233 -69.98 7.16 -49.92
C PHE F 233 -68.88 8.16 -49.58
N GLN F 234 -69.06 9.40 -50.00
CA GLN F 234 -68.08 10.45 -49.74
C GLN F 234 -67.93 10.69 -48.24
N ASP F 235 -69.04 10.61 -47.52
CA ASP F 235 -69.04 10.77 -46.07
C ASP F 235 -68.55 9.48 -45.41
N LYS F 236 -67.27 9.46 -45.04
CA LYS F 236 -66.64 8.27 -44.48
C LYS F 236 -66.72 8.24 -42.95
N THR F 237 -67.59 9.08 -42.38
CA THR F 237 -67.74 9.15 -40.94
C THR F 237 -68.72 8.09 -40.43
N CYS F 238 -69.65 7.70 -41.30
CA CYS F 238 -70.64 6.68 -40.96
C CYS F 238 -70.32 5.35 -41.66
N HIS F 239 -69.31 5.36 -42.52
CA HIS F 239 -68.84 4.14 -43.18
C HIS F 239 -67.70 3.51 -42.39
N LEU F 240 -66.76 4.35 -41.96
CA LEU F 240 -65.60 3.89 -41.20
C LEU F 240 -65.86 4.03 -39.70
N THR F 241 -65.69 2.92 -38.98
CA THR F 241 -66.07 2.86 -37.57
C THR F 241 -64.86 2.84 -36.64
N ASN F 242 -63.79 3.52 -37.03
CA ASN F 242 -62.61 3.61 -36.18
C ASN F 242 -62.90 4.44 -34.94
N HIS F 243 -62.25 4.11 -33.84
CA HIS F 243 -62.47 4.81 -32.58
C HIS F 243 -61.92 6.23 -32.63
N CYS F 244 -60.97 6.47 -33.54
CA CYS F 244 -60.34 7.78 -33.67
C CYS F 244 -61.17 8.72 -34.54
N ILE F 245 -61.72 8.19 -35.64
CA ILE F 245 -62.52 8.99 -36.56
C ILE F 245 -63.77 9.51 -35.86
N GLN F 246 -64.46 8.63 -35.14
CA GLN F 246 -65.67 9.00 -34.43
C GLN F 246 -65.39 10.06 -33.37
N LYS F 247 -64.14 10.08 -32.89
CA LYS F 247 -63.71 11.03 -31.87
C LYS F 247 -62.85 12.13 -32.48
N ASN F 252 -71.57 13.41 -32.68
CA ASN F 252 -72.49 12.47 -32.06
C ASN F 252 -71.77 11.47 -31.16
N TYR F 253 -70.49 11.72 -30.91
CA TYR F 253 -69.67 10.82 -30.11
C TYR F 253 -70.17 10.76 -28.66
N GLY F 254 -70.61 9.57 -28.24
CA GLY F 254 -71.04 9.35 -26.87
C GLY F 254 -72.53 9.59 -26.67
N ARG F 255 -73.31 9.40 -27.72
CA ARG F 255 -74.74 9.63 -27.66
C ARG F 255 -75.49 8.40 -27.11
N TYR F 256 -75.31 7.27 -27.78
CA TYR F 256 -76.04 6.05 -27.43
C TYR F 256 -75.36 5.29 -26.30
N GLU F 257 -74.06 5.08 -26.42
CA GLU F 257 -73.26 4.46 -25.37
C GLU F 257 -71.99 5.26 -25.12
N GLU F 258 -71.30 4.95 -24.02
CA GLU F 258 -70.14 5.71 -23.61
C GLU F 258 -68.91 5.45 -24.49
N GLY F 259 -68.57 6.43 -25.32
CA GLY F 259 -67.36 6.39 -26.11
C GLY F 259 -67.45 5.54 -27.35
N ASN F 260 -68.65 5.40 -27.91
CA ASN F 260 -68.89 4.58 -29.09
C ASN F 260 -68.35 3.15 -28.90
N GLU F 261 -68.69 2.54 -27.78
CA GLU F 261 -68.24 1.19 -27.46
C GLU F 261 -69.32 0.40 -26.73
N MET F 262 -70.05 -0.41 -27.48
CA MET F 262 -71.08 -1.28 -26.91
C MET F 262 -70.48 -2.65 -26.60
N PHE F 263 -70.57 -3.06 -25.34
CA PHE F 263 -70.06 -4.37 -24.94
C PHE F 263 -71.08 -5.45 -25.25
N PHE F 264 -70.72 -6.71 -24.99
CA PHE F 264 -71.53 -7.85 -25.42
C PHE F 264 -72.84 -7.99 -24.66
N GLU F 265 -72.88 -7.57 -23.40
CA GLU F 265 -74.09 -7.72 -22.60
C GLU F 265 -75.23 -6.88 -23.17
N GLU F 266 -74.89 -5.71 -23.71
CA GLU F 266 -75.87 -4.82 -24.29
C GLU F 266 -76.22 -5.24 -25.72
N PHE F 267 -75.20 -5.60 -26.50
CA PHE F 267 -75.41 -6.02 -27.87
C PHE F 267 -76.24 -7.31 -27.92
N ASN F 268 -75.97 -8.21 -26.99
CA ASN F 268 -76.73 -9.45 -26.89
C ASN F 268 -78.19 -9.16 -26.53
N GLN F 269 -78.38 -8.29 -25.56
CA GLN F 269 -79.73 -7.90 -25.14
C GLN F 269 -80.48 -7.22 -26.28
N TYR F 270 -79.76 -6.48 -27.11
CA TYR F 270 -80.35 -5.82 -28.27
C TYR F 270 -80.80 -6.83 -29.30
N LEU F 271 -79.97 -7.83 -29.56
CA LEU F 271 -80.28 -8.88 -30.52
C LEU F 271 -81.52 -9.66 -30.08
N MET F 272 -81.60 -9.96 -28.79
CA MET F 272 -82.73 -10.71 -28.25
C MET F 272 -84.04 -9.95 -28.37
N ASP F 273 -83.97 -8.64 -28.15
CA ASP F 273 -85.18 -7.80 -28.20
C ASP F 273 -85.57 -7.42 -29.62
N ALA F 274 -84.57 -7.15 -30.45
CA ALA F 274 -84.81 -6.60 -31.79
C ALA F 274 -84.79 -7.66 -32.89
N LEU F 275 -84.29 -8.85 -32.59
CA LEU F 275 -84.16 -9.90 -33.60
C LEU F 275 -84.49 -11.30 -33.07
N ASN F 276 -84.78 -11.40 -31.78
CA ASN F 276 -85.18 -12.67 -31.17
C ASN F 276 -84.08 -13.73 -31.29
N THR F 277 -82.83 -13.30 -31.14
CA THR F 277 -81.69 -14.22 -31.16
C THR F 277 -80.60 -13.72 -30.21
N THR F 278 -79.58 -14.55 -30.01
CA THR F 278 -78.48 -14.24 -29.10
C THR F 278 -77.24 -13.79 -29.86
N LEU F 279 -76.19 -13.46 -29.11
CA LEU F 279 -74.91 -13.09 -29.69
C LEU F 279 -74.11 -14.36 -30.01
N GLU F 280 -74.20 -15.32 -29.11
CA GLU F 280 -73.53 -16.61 -29.29
C GLU F 280 -73.90 -17.24 -30.62
N ASN F 281 -75.19 -17.43 -30.83
CA ASN F 281 -75.70 -18.12 -32.01
C ASN F 281 -75.47 -17.33 -33.30
N SER F 282 -75.97 -16.10 -33.32
CA SER F 282 -76.07 -15.34 -34.57
C SER F 282 -74.73 -14.82 -35.11
N ILE F 283 -73.71 -14.74 -34.26
CA ILE F 283 -72.45 -14.11 -34.65
C ILE F 283 -71.21 -14.83 -34.10
N LEU F 284 -71.23 -15.19 -32.82
CA LEU F 284 -70.02 -15.64 -32.15
C LEU F 284 -69.50 -16.97 -32.72
N LEU F 285 -70.39 -17.84 -33.15
CA LEU F 285 -69.97 -19.11 -33.76
C LEU F 285 -69.17 -18.84 -35.03
N GLN F 286 -69.56 -17.83 -35.79
CA GLN F 286 -68.85 -17.46 -37.00
C GLN F 286 -67.51 -16.83 -36.66
N ILE F 287 -67.46 -16.06 -35.58
CA ILE F 287 -66.23 -15.42 -35.14
C ILE F 287 -65.23 -16.49 -34.67
N LYS F 288 -65.69 -17.38 -33.81
CA LYS F 288 -64.84 -18.45 -33.30
C LYS F 288 -64.33 -19.33 -34.43
N HIS F 289 -65.13 -19.47 -35.48
CA HIS F 289 -64.75 -20.28 -36.62
C HIS F 289 -63.64 -19.61 -37.43
N ILE F 290 -63.82 -18.32 -37.72
CA ILE F 290 -62.87 -17.57 -38.52
C ILE F 290 -61.52 -17.48 -37.79
N ILE F 291 -61.57 -17.27 -36.49
CA ILE F 291 -60.35 -17.19 -35.68
C ILE F 291 -59.64 -18.55 -35.69
N ARG F 292 -60.39 -19.60 -35.44
CA ARG F 292 -59.84 -20.95 -35.38
C ARG F 292 -59.23 -21.33 -36.72
N SER F 293 -59.84 -20.88 -37.81
CA SER F 293 -59.39 -21.23 -39.15
C SER F 293 -58.12 -20.47 -39.55
N CYS F 294 -58.06 -19.19 -39.23
CA CYS F 294 -56.92 -18.35 -39.61
C CYS F 294 -55.63 -18.80 -38.93
N LEU F 295 -55.72 -19.22 -37.68
CA LEU F 295 -54.54 -19.57 -36.89
C LEU F 295 -54.10 -21.01 -37.15
N MET F 296 -55.05 -21.90 -37.40
CA MET F 296 -54.72 -23.28 -37.77
C MET F 296 -53.99 -23.30 -39.11
N CYS F 297 -54.31 -22.34 -39.96
CA CYS F 297 -53.73 -22.25 -41.30
C CYS F 297 -52.23 -21.98 -41.26
N ILE F 298 -51.81 -21.16 -40.29
CA ILE F 298 -50.41 -20.72 -40.21
C ILE F 298 -49.66 -21.38 -39.04
N GLU F 299 -50.32 -22.32 -38.35
CA GLU F 299 -49.71 -22.97 -37.20
C GLU F 299 -48.35 -23.59 -37.52
N PRO F 300 -48.26 -24.41 -38.59
CA PRO F 300 -46.97 -25.05 -38.85
C PRO F 300 -45.87 -24.07 -39.28
N ALA F 301 -46.25 -22.83 -39.57
CA ALA F 301 -45.30 -21.84 -40.07
C ALA F 301 -44.73 -20.96 -38.95
N ILE F 302 -45.36 -20.96 -37.79
CA ILE F 302 -44.98 -20.06 -36.71
C ILE F 302 -44.87 -20.75 -35.35
N SER F 303 -45.37 -21.98 -35.26
CA SER F 303 -45.40 -22.71 -33.98
C SER F 303 -44.00 -22.84 -33.38
N THR F 304 -43.93 -22.70 -32.05
CA THR F 304 -42.67 -22.80 -31.32
C THR F 304 -42.70 -24.01 -30.40
N LYS F 305 -43.28 -25.10 -30.89
CA LYS F 305 -43.42 -26.33 -30.10
C LYS F 305 -42.06 -26.94 -29.76
N HIS F 306 -41.26 -27.20 -30.79
CA HIS F 306 -39.96 -27.84 -30.62
C HIS F 306 -38.81 -26.86 -30.87
N LEU F 307 -39.03 -25.58 -30.59
CA LEU F 307 -38.01 -24.56 -30.80
C LEU F 307 -37.19 -24.30 -29.54
N HIS F 308 -36.07 -23.62 -29.73
CA HIS F 308 -35.16 -23.29 -28.63
C HIS F 308 -35.66 -22.08 -27.84
N TYR F 309 -36.62 -21.37 -28.41
CA TYR F 309 -37.34 -20.32 -27.69
C TYR F 309 -38.83 -20.46 -27.99
N GLN F 310 -39.66 -19.99 -27.08
CA GLN F 310 -41.11 -20.10 -27.22
C GLN F 310 -41.76 -18.74 -27.41
N SER F 311 -42.95 -18.74 -28.01
CA SER F 311 -43.65 -17.50 -28.34
C SER F 311 -45.13 -17.55 -27.94
N PHE F 312 -45.64 -16.39 -27.54
CA PHE F 312 -47.07 -16.18 -27.40
C PHE F 312 -47.37 -14.83 -28.03
N GLN F 313 -48.64 -14.50 -28.22
CA GLN F 313 -49.00 -13.22 -28.81
C GLN F 313 -50.49 -12.91 -28.68
N LEU F 314 -50.80 -11.63 -28.47
CA LEU F 314 -52.17 -11.16 -28.41
C LEU F 314 -52.57 -10.58 -29.76
N PHE F 315 -53.66 -11.08 -30.33
CA PHE F 315 -54.19 -10.59 -31.60
C PHE F 315 -55.50 -9.84 -31.39
N GLY F 316 -55.84 -9.00 -32.35
CA GLY F 316 -57.09 -8.26 -32.34
C GLY F 316 -57.79 -8.37 -33.67
N PHE F 317 -58.72 -9.32 -33.77
CA PHE F 317 -59.47 -9.54 -35.00
C PHE F 317 -60.59 -8.52 -35.13
N ASP F 318 -60.77 -8.02 -36.36
CA ASP F 318 -61.85 -7.07 -36.67
C ASP F 318 -62.85 -7.70 -37.63
N PHE F 319 -64.08 -7.86 -37.18
CA PHE F 319 -65.11 -8.53 -37.96
C PHE F 319 -66.19 -7.54 -38.43
N MET F 320 -67.07 -8.01 -39.31
CA MET F 320 -68.14 -7.19 -39.86
C MET F 320 -69.38 -8.03 -40.13
N VAL F 321 -70.53 -7.55 -39.68
CA VAL F 321 -71.79 -8.28 -39.80
C VAL F 321 -72.72 -7.62 -40.80
N ASP F 322 -73.29 -8.42 -41.71
CA ASP F 322 -74.27 -7.91 -42.68
C ASP F 322 -75.69 -8.09 -42.15
N GLU F 323 -76.66 -7.58 -42.91
CA GLU F 323 -78.05 -7.58 -42.48
C GLU F 323 -78.61 -8.98 -42.25
N GLU F 324 -78.01 -9.97 -42.89
CA GLU F 324 -78.44 -11.36 -42.75
C GLU F 324 -77.66 -12.07 -41.65
N LEU F 325 -77.05 -11.29 -40.75
CA LEU F 325 -76.30 -11.83 -39.62
C LEU F 325 -75.20 -12.79 -40.08
N LYS F 326 -74.49 -12.40 -41.13
CA LYS F 326 -73.38 -13.18 -41.66
C LYS F 326 -72.08 -12.40 -41.43
N VAL F 327 -71.19 -12.97 -40.62
CA VAL F 327 -69.97 -12.29 -40.22
C VAL F 327 -68.92 -12.31 -41.31
N TRP F 328 -68.20 -11.19 -41.45
CA TRP F 328 -67.11 -11.06 -42.42
C TRP F 328 -65.84 -10.62 -41.73
N LEU F 329 -64.72 -11.27 -42.07
CA LEU F 329 -63.42 -10.87 -41.54
C LEU F 329 -62.90 -9.66 -42.32
N ILE F 330 -62.46 -8.64 -41.58
CA ILE F 330 -61.93 -7.43 -42.19
C ILE F 330 -60.41 -7.47 -42.16
N GLU F 331 -59.83 -7.63 -40.98
CA GLU F 331 -58.38 -7.75 -40.86
C GLU F 331 -57.96 -8.25 -39.48
N VAL F 332 -56.65 -8.47 -39.32
CA VAL F 332 -56.07 -8.89 -38.06
C VAL F 332 -54.96 -7.93 -37.65
N ASN F 333 -54.91 -7.58 -36.37
CA ASN F 333 -53.90 -6.66 -35.85
C ASN F 333 -52.90 -7.39 -34.96
N GLY F 334 -51.63 -7.34 -35.36
CA GLY F 334 -50.57 -8.02 -34.64
C GLY F 334 -50.16 -7.32 -33.36
N ALA F 335 -50.54 -6.05 -33.23
CA ALA F 335 -50.22 -5.26 -32.05
C ALA F 335 -51.44 -4.47 -31.59
N PRO F 336 -52.46 -5.18 -31.09
CA PRO F 336 -53.75 -4.58 -30.74
C PRO F 336 -53.74 -3.83 -29.41
N ALA F 337 -54.57 -2.80 -29.32
CA ALA F 337 -54.80 -2.09 -28.06
C ALA F 337 -56.14 -2.54 -27.49
N CYS F 338 -56.29 -2.44 -26.17
CA CYS F 338 -57.48 -2.92 -25.49
C CYS F 338 -58.44 -1.79 -25.15
N ALA F 339 -59.61 -2.17 -24.63
CA ALA F 339 -60.60 -1.20 -24.16
C ALA F 339 -60.35 -0.89 -22.69
N GLN F 340 -60.52 0.37 -22.31
CA GLN F 340 -60.20 0.85 -20.97
C GLN F 340 -60.82 -0.02 -19.86
N LYS F 341 -62.06 -0.43 -20.06
CA LYS F 341 -62.74 -1.26 -19.08
C LYS F 341 -62.08 -2.64 -18.97
N LEU F 342 -61.57 -3.15 -20.09
CA LEU F 342 -61.13 -4.53 -20.19
C LEU F 342 -59.62 -4.71 -20.02
N TYR F 343 -58.91 -3.61 -19.81
CA TYR F 343 -57.45 -3.67 -19.65
C TYR F 343 -57.06 -4.54 -18.46
N ALA F 344 -57.61 -4.24 -17.30
CA ALA F 344 -57.26 -4.95 -16.06
C ALA F 344 -57.50 -6.45 -16.18
N GLU F 345 -58.69 -6.82 -16.63
CA GLU F 345 -59.07 -8.22 -16.71
C GLU F 345 -58.24 -8.98 -17.74
N LEU F 346 -58.04 -8.37 -18.91
CA LEU F 346 -57.30 -9.01 -19.99
C LEU F 346 -55.81 -9.09 -19.67
N CYS F 347 -55.23 -7.96 -19.28
CA CYS F 347 -53.81 -7.90 -18.98
C CYS F 347 -53.43 -8.90 -17.89
N GLN F 348 -54.34 -9.11 -16.95
CA GLN F 348 -54.14 -10.12 -15.91
C GLN F 348 -54.27 -11.51 -16.53
N GLY F 349 -55.20 -11.64 -17.46
CA GLY F 349 -55.42 -12.90 -18.15
C GLY F 349 -54.19 -13.38 -18.89
N ILE F 350 -53.50 -12.44 -19.53
CA ILE F 350 -52.28 -12.75 -20.26
C ILE F 350 -51.23 -13.34 -19.32
N VAL F 351 -51.08 -12.75 -18.15
CA VAL F 351 -50.08 -13.22 -17.18
C VAL F 351 -50.34 -14.66 -16.76
N ASP F 352 -51.61 -15.00 -16.58
CA ASP F 352 -51.97 -16.30 -16.03
C ASP F 352 -51.67 -17.47 -16.98
N VAL F 353 -52.11 -17.36 -18.23
CA VAL F 353 -52.06 -18.49 -19.16
C VAL F 353 -50.89 -18.44 -20.13
N ALA F 354 -50.39 -17.25 -20.42
CA ALA F 354 -49.32 -17.09 -21.41
C ALA F 354 -47.94 -16.99 -20.74
N ILE F 355 -47.89 -16.41 -19.55
CA ILE F 355 -46.63 -16.18 -18.85
C ILE F 355 -46.47 -17.12 -17.65
N SER F 356 -47.43 -17.08 -16.74
CA SER F 356 -47.34 -17.88 -15.51
C SER F 356 -47.43 -19.37 -15.79
N SER F 357 -47.87 -19.73 -16.99
CA SER F 357 -47.95 -21.13 -17.39
C SER F 357 -46.54 -21.68 -17.64
N VAL F 358 -45.68 -20.84 -18.20
CA VAL F 358 -44.29 -21.21 -18.45
C VAL F 358 -43.44 -20.97 -17.20
N PHE F 359 -43.72 -19.85 -16.53
CA PHE F 359 -42.98 -19.46 -15.34
C PHE F 359 -43.90 -19.41 -14.12
N PRO F 360 -44.14 -20.57 -13.49
CA PRO F 360 -45.09 -20.63 -12.36
C PRO F 360 -44.60 -19.90 -11.12
N LEU F 361 -45.54 -19.36 -10.34
CA LEU F 361 -45.21 -18.62 -9.13
C LEU F 361 -45.39 -19.49 -7.89
N ALA F 362 -44.86 -19.02 -6.76
CA ALA F 362 -44.93 -19.77 -5.52
C ALA F 362 -46.31 -19.63 -4.87
N THR F 372 -64.58 -19.96 -14.29
CA THR F 372 -63.41 -19.50 -13.55
C THR F 372 -62.50 -18.68 -14.46
N SER F 373 -62.30 -19.16 -15.68
CA SER F 373 -61.44 -18.50 -16.65
C SER F 373 -62.21 -17.44 -17.44
N ILE F 374 -61.48 -16.46 -17.98
CA ILE F 374 -62.08 -15.38 -18.75
C ILE F 374 -61.94 -15.61 -20.26
N PHE F 375 -61.35 -16.75 -20.63
CA PHE F 375 -61.14 -17.09 -22.03
C PHE F 375 -62.02 -18.26 -22.47
N ILE F 376 -62.17 -18.41 -23.77
CA ILE F 376 -62.85 -19.56 -24.36
C ILE F 376 -61.85 -20.32 -25.23
N LYS F 377 -61.52 -21.54 -24.81
CA LYS F 377 -60.55 -22.35 -25.53
C LYS F 377 -61.16 -22.92 -26.81
N LEU F 378 -60.68 -22.43 -27.95
CA LEU F 378 -61.13 -22.92 -29.26
C LEU F 378 -60.38 -24.21 -29.59
N HIS F 379 -60.98 -25.35 -29.26
CA HIS F 379 -60.32 -26.64 -29.37
C HIS F 379 -60.06 -27.05 -30.81
N HIS F 380 -59.02 -27.87 -30.99
CA HIS F 380 -58.64 -28.36 -32.31
C HIS F 380 -57.78 -29.62 -32.19
#